data_9JBE
#
_entry.id   9JBE
#
_cell.length_a   1.00
_cell.length_b   1.00
_cell.length_c   1.00
_cell.angle_alpha   90.00
_cell.angle_beta   90.00
_cell.angle_gamma   90.00
#
_symmetry.space_group_name_H-M   'P 1'
#
loop_
_entity.id
_entity.type
_entity.pdbx_description
1 polymer 'Lysosomal cholesterol signaling protein'
2 non-polymer 'CHOLESTEROL HEMISUCCINATE'
3 non-polymer 1,2-Distearoyl-sn-glycerophosphoethanolamine
4 non-polymer CHOLESTEROL
5 non-polymer '[(2~{S})-1-[[(2~{S})-2-[(~{Z})-octadec-9-enoyl]oxy-3-oxidanyl-propoxy]-oxidanyl-phosphoryl]oxy-3-oxidanyl-propan-2-yl] (~{Z})-octadec-9-enoate'
6 non-polymer 1,2-DIACYL-SN-GLYCERO-3-PHOSPHOCHOLINE
#
_entity_poly.entity_id   1
_entity_poly.type   'polypeptide(L)'
_entity_poly.pdbx_seq_one_letter_code
;MNSNLPAENLTIAVNMTKTLPTAVTHGFNSTNDPPSMSITRLFPALLECFGIVLCGYIAGRANVITSTQAKGLGNFVSRF
ALPALLFKNMVVLNFSNVDWSFLYSILIAKASVFFIVCVLTLLVASPDSRFSKAGLFPIFATQSNDFALGYPIVEALYQT
TYPEYLQYIYLVAPISLMMLNPIGFIFCEIQKWKDTQNASQNKIKIVGLGLLRVLQNPIVFMVFIGIAFNFILDRKVPVY
VENFLDGLGNSFSGSALFYLGLTMVGKIKRLKKSAFVVLILLITAKLLVLPLLCREMVELLDKGDSVVNHTSLSNYAFLY
GVFPVAPGVAIFATQFNMEVEIITSGMVISTFVSAPIMYVSAWLLTFPTMDPKPLAYAIQNVSFDISIVSLISLIWSLAI
LLLSKKYKQLPHMLTTNLLIAQSIVCAGMMIWNFVKEKNFVGQILVFVLLYSSLYSTYLWTGLLAISLFLLKKRERVQIP
VGIIIISGWGIPALLVGVLLITGKHNGDSIDSAFFYGKEQMITTAVTLFCSILIAGISLMCMNQTAQAGSYEGFDQSQSH
KVVEPGNTAFEESPAPVNEPELFTSSIPETSCCSCSMGNGELHCPSIEPIANTSTSEPVIPSFEKNNHCVSRCNSQSCIL
AQEEEQYLQSGDQQLTRHVLLCLLLIIGLFANLSSCLWWLFNQEPGRLYVELQFFCAVFNFGQGFISFGIFGLDKHLIIL
PFKRRLEFLWNNKDTAENRDSPVSEEIKMTCQQFIHYHRDLCIRNIVKERRCGAKTSAGTFCGCDLVSWLIEVGLASDRG
EAVIYGDRLVQGGVIQHITNEYEFRDEYLFYRFLQKSPEQSPPAINANTLQQERYKEIEHSSPPSHSPKTSRENLYFQ
;
_entity_poly.pdbx_strand_id   A,B
#
# COMPACT_ATOMS: atom_id res chain seq x y z
N PRO A 35 32.59 9.04 12.90
CA PRO A 35 31.78 8.96 14.11
C PRO A 35 31.01 7.65 14.21
N SER A 36 30.29 7.45 15.32
CA SER A 36 29.55 6.22 15.53
C SER A 36 28.30 6.14 14.68
N MET A 37 27.66 7.27 14.41
CA MET A 37 26.40 7.30 13.67
C MET A 37 26.52 8.23 12.47
N SER A 38 25.96 7.80 11.34
CA SER A 38 25.91 8.64 10.14
C SER A 38 24.79 9.66 10.30
N ILE A 39 25.10 10.70 11.07
CA ILE A 39 24.09 11.71 11.41
C ILE A 39 23.66 12.49 10.18
N THR A 40 24.56 12.67 9.21
CA THR A 40 24.23 13.44 8.01
C THR A 40 23.09 12.81 7.23
N ARG A 41 22.93 11.49 7.33
CA ARG A 41 21.87 10.78 6.63
C ARG A 41 20.61 10.63 7.49
N LEU A 42 20.59 11.20 8.70
CA LEU A 42 19.40 11.12 9.52
C LEU A 42 18.25 11.92 8.91
N PHE A 43 18.54 13.14 8.44
CA PHE A 43 17.47 14.01 7.96
C PHE A 43 16.72 13.44 6.75
N PRO A 44 17.39 12.95 5.70
CA PRO A 44 16.62 12.36 4.58
C PRO A 44 15.72 11.21 5.02
N ALA A 45 16.23 10.31 5.86
CA ALA A 45 15.41 9.19 6.32
C ALA A 45 14.20 9.69 7.08
N LEU A 46 14.39 10.65 7.98
CA LEU A 46 13.26 11.30 8.64
C LEU A 46 12.27 11.82 7.60
N LEU A 47 12.77 12.43 6.53
CA LEU A 47 11.90 12.92 5.47
C LEU A 47 11.11 11.77 4.84
N GLU A 48 11.75 10.62 4.67
CA GLU A 48 11.02 9.44 4.21
C GLU A 48 10.06 8.95 5.28
N CYS A 49 10.47 9.02 6.56
CA CYS A 49 9.66 8.47 7.63
C CYS A 49 8.35 9.23 7.79
N PHE A 50 8.39 10.55 7.66
CA PHE A 50 7.21 11.38 7.87
C PHE A 50 6.59 11.87 6.57
N GLY A 51 7.39 12.08 5.53
CA GLY A 51 6.84 12.48 4.24
C GLY A 51 5.82 11.51 3.72
N ILE A 52 6.09 10.21 3.85
CA ILE A 52 5.09 9.20 3.53
C ILE A 52 3.89 9.33 4.44
N VAL A 53 4.14 9.54 5.74
CA VAL A 53 3.04 9.69 6.68
C VAL A 53 2.19 10.90 6.32
N LEU A 54 2.85 12.01 5.98
CA LEU A 54 2.11 13.17 5.47
C LEU A 54 1.39 12.81 4.17
N CYS A 55 2.06 12.04 3.30
CA CYS A 55 1.37 11.52 2.12
C CYS A 55 0.20 10.63 2.50
N GLY A 56 0.31 9.90 3.61
CA GLY A 56 -0.82 9.16 4.11
C GLY A 56 -1.86 10.00 4.81
N TYR A 57 -1.52 11.24 5.17
CA TYR A 57 -2.47 12.13 5.83
C TYR A 57 -3.29 12.90 4.81
N ILE A 58 -2.63 13.62 3.90
CA ILE A 58 -3.34 14.41 2.89
C ILE A 58 -4.17 13.52 1.99
N ALA A 59 -3.71 12.29 1.72
CA ALA A 59 -4.53 11.33 0.99
C ALA A 59 -5.79 10.98 1.77
N GLY A 60 -5.65 10.76 3.09
CA GLY A 60 -6.81 10.51 3.91
C GLY A 60 -7.62 11.74 4.25
N ARG A 61 -7.02 12.93 4.15
CA ARG A 61 -7.72 14.17 4.41
C ARG A 61 -8.50 14.66 3.20
N ALA A 62 -7.94 14.49 2.00
CA ALA A 62 -8.62 14.83 0.76
C ALA A 62 -9.60 13.75 0.32
N ASN A 63 -9.91 12.80 1.20
CA ASN A 63 -10.88 11.72 0.94
C ASN A 63 -10.47 10.85 -0.24
N VAL A 64 -9.18 10.82 -0.57
CA VAL A 64 -8.71 9.91 -1.61
C VAL A 64 -8.91 8.47 -1.19
N ILE A 65 -8.56 8.17 0.07
CA ILE A 65 -8.76 6.84 0.64
C ILE A 65 -9.63 7.02 1.89
N THR A 66 -10.84 6.48 1.84
CA THR A 66 -11.77 6.63 2.95
C THR A 66 -11.31 5.81 4.15
N SER A 67 -12.07 5.92 5.25
CA SER A 67 -11.73 5.18 6.45
C SER A 67 -11.86 3.67 6.23
N THR A 68 -12.91 3.25 5.54
CA THR A 68 -13.09 1.84 5.25
C THR A 68 -11.99 1.32 4.32
N GLN A 69 -11.66 2.12 3.30
CA GLN A 69 -10.63 1.70 2.34
C GLN A 69 -9.26 1.60 2.97
N ALA A 70 -9.03 2.26 4.11
CA ALA A 70 -7.74 2.15 4.78
C ALA A 70 -7.59 0.80 5.47
N LYS A 71 -8.70 0.13 5.76
CA LYS A 71 -8.64 -1.13 6.46
C LYS A 71 -8.01 -2.23 5.62
N GLY A 72 -8.19 -2.16 4.29
CA GLY A 72 -7.52 -3.13 3.42
C GLY A 72 -6.01 -2.99 3.48
N LEU A 73 -5.51 -1.77 3.42
CA LEU A 73 -4.08 -1.52 3.57
C LEU A 73 -3.60 -1.94 4.96
N GLY A 74 -4.40 -1.69 5.99
CA GLY A 74 -4.05 -2.09 7.33
C GLY A 74 -3.91 -3.59 7.48
N ASN A 75 -4.86 -4.34 6.92
CA ASN A 75 -4.77 -5.79 6.90
C ASN A 75 -3.58 -6.29 6.11
N PHE A 76 -3.29 -5.68 4.96
CA PHE A 76 -2.12 -6.08 4.18
C PHE A 76 -0.83 -5.87 4.97
N VAL A 77 -0.70 -4.72 5.64
CA VAL A 77 0.55 -4.45 6.35
C VAL A 77 0.66 -5.26 7.64
N SER A 78 -0.47 -5.58 8.26
CA SER A 78 -0.43 -6.25 9.55
C SER A 78 -0.34 -7.77 9.43
N ARG A 79 -1.08 -8.38 8.50
CA ARG A 79 -1.18 -9.82 8.43
C ARG A 79 -0.31 -10.46 7.36
N PHE A 80 0.22 -9.68 6.42
CA PHE A 80 1.00 -10.24 5.32
C PHE A 80 2.41 -9.68 5.23
N ALA A 81 2.58 -8.37 5.41
CA ALA A 81 3.89 -7.76 5.28
C ALA A 81 4.72 -7.90 6.56
N LEU A 82 4.11 -7.60 7.72
CA LEU A 82 4.84 -7.71 8.98
C LEU A 82 5.23 -9.15 9.30
N PRO A 83 4.34 -10.15 9.20
CA PRO A 83 4.79 -11.53 9.50
C PRO A 83 5.93 -12.00 8.61
N ALA A 84 5.87 -11.69 7.32
CA ALA A 84 6.97 -12.06 6.42
C ALA A 84 8.25 -11.32 6.81
N LEU A 85 8.13 -10.06 7.19
CA LEU A 85 9.29 -9.30 7.63
C LEU A 85 9.95 -9.96 8.83
N LEU A 86 9.15 -10.32 9.84
CA LEU A 86 9.70 -10.95 11.04
C LEU A 86 10.34 -12.30 10.71
N PHE A 87 9.65 -13.11 9.91
CA PHE A 87 10.17 -14.43 9.56
C PHE A 87 11.51 -14.31 8.84
N LYS A 88 11.57 -13.48 7.81
CA LYS A 88 12.81 -13.33 7.05
C LYS A 88 13.91 -12.72 7.89
N ASN A 89 13.58 -11.77 8.77
CA ASN A 89 14.60 -11.07 9.55
C ASN A 89 15.09 -11.87 10.75
N MET A 90 14.37 -12.92 11.17
CA MET A 90 14.85 -13.71 12.29
C MET A 90 15.26 -15.13 11.95
N VAL A 91 14.89 -15.65 10.77
CA VAL A 91 15.40 -16.96 10.38
C VAL A 91 16.91 -16.91 10.18
N VAL A 92 17.39 -15.84 9.54
CA VAL A 92 18.83 -15.66 9.34
C VAL A 92 19.53 -15.16 10.61
N LEU A 93 18.77 -14.70 11.60
CA LEU A 93 19.35 -14.12 12.81
C LEU A 93 20.27 -15.12 13.50
N ASN A 94 21.46 -14.65 13.89
CA ASN A 94 22.45 -15.47 14.56
C ASN A 94 22.38 -15.18 16.05
N PHE A 95 21.75 -16.09 16.80
CA PHE A 95 21.58 -15.88 18.24
C PHE A 95 22.88 -16.04 19.01
N SER A 96 23.91 -16.60 18.39
CA SER A 96 25.19 -16.77 19.07
C SER A 96 26.04 -15.50 19.09
N ASN A 97 25.69 -14.51 18.26
CA ASN A 97 26.41 -13.24 18.19
C ASN A 97 25.50 -12.09 18.60
N VAL A 98 24.71 -12.29 19.64
CA VAL A 98 23.76 -11.29 20.12
C VAL A 98 24.26 -10.80 21.48
N ASP A 99 24.40 -9.47 21.61
CA ASP A 99 24.80 -8.86 22.87
C ASP A 99 23.58 -8.84 23.79
N TRP A 100 23.44 -9.89 24.59
CA TRP A 100 22.30 -10.01 25.48
C TRP A 100 22.28 -8.95 26.57
N SER A 101 23.44 -8.35 26.88
CA SER A 101 23.47 -7.30 27.90
C SER A 101 22.66 -6.09 27.47
N PHE A 102 22.72 -5.74 26.18
CA PHE A 102 21.93 -4.63 25.66
C PHE A 102 20.44 -4.90 25.81
N LEU A 103 20.01 -6.11 25.44
CA LEU A 103 18.61 -6.48 25.61
C LEU A 103 18.21 -6.44 27.08
N TYR A 104 19.07 -6.95 27.96
CA TYR A 104 18.77 -6.91 29.39
C TYR A 104 18.60 -5.48 29.88
N SER A 105 19.51 -4.59 29.47
CA SER A 105 19.42 -3.20 29.90
C SER A 105 18.12 -2.56 29.44
N ILE A 106 17.77 -2.75 28.16
CA ILE A 106 16.55 -2.16 27.64
C ILE A 106 15.33 -2.71 28.36
N LEU A 107 15.30 -4.03 28.58
CA LEU A 107 14.15 -4.66 29.22
C LEU A 107 13.99 -4.23 30.67
N ILE A 108 15.09 -4.13 31.42
CA ILE A 108 14.96 -3.65 32.79
C ILE A 108 14.56 -2.19 32.83
N ALA A 109 15.04 -1.37 31.88
CA ALA A 109 14.60 0.01 31.83
C ALA A 109 13.09 0.10 31.57
N LYS A 110 12.61 -0.66 30.60
CA LYS A 110 11.19 -0.67 30.29
C LYS A 110 10.37 -1.18 31.46
N ALA A 111 10.84 -2.23 32.13
CA ALA A 111 10.12 -2.77 33.29
C ALA A 111 10.10 -1.77 34.44
N SER A 112 11.20 -1.05 34.65
CA SER A 112 11.24 -0.08 35.74
C SER A 112 10.29 1.07 35.48
N VAL A 113 10.29 1.61 34.25
CA VAL A 113 9.35 2.69 33.96
C VAL A 113 7.92 2.18 34.00
N PHE A 114 7.68 0.94 33.54
CA PHE A 114 6.38 0.32 33.64
C PHE A 114 5.89 0.28 35.08
N PHE A 115 6.74 -0.22 35.99
CA PHE A 115 6.37 -0.28 37.39
C PHE A 115 6.13 1.12 37.98
N ILE A 116 6.97 2.08 37.60
CA ILE A 116 6.84 3.44 38.12
C ILE A 116 5.48 4.03 37.74
N VAL A 117 5.13 3.97 36.47
CA VAL A 117 3.85 4.53 36.04
C VAL A 117 2.69 3.69 36.57
N CYS A 118 2.85 2.37 36.66
CA CYS A 118 1.77 1.52 37.17
C CYS A 118 1.41 1.89 38.61
N VAL A 119 2.41 2.04 39.47
CA VAL A 119 2.13 2.44 40.85
C VAL A 119 1.66 3.89 40.92
N LEU A 120 2.30 4.80 40.17
CA LEU A 120 1.92 6.20 40.22
C LEU A 120 0.52 6.41 39.66
N THR A 121 0.00 5.44 38.92
CA THR A 121 -1.38 5.48 38.47
C THR A 121 -2.33 4.81 39.46
N LEU A 122 -1.96 3.62 39.96
CA LEU A 122 -2.81 2.92 40.91
C LEU A 122 -3.02 3.71 42.20
N LEU A 123 -2.10 4.61 42.54
CA LEU A 123 -2.26 5.40 43.76
C LEU A 123 -3.27 6.53 43.65
N VAL A 124 -3.26 7.29 42.54
CA VAL A 124 -4.01 8.54 42.47
C VAL A 124 -5.20 8.45 41.51
N ALA A 125 -5.16 7.55 40.54
CA ALA A 125 -6.21 7.51 39.53
C ALA A 125 -7.58 7.26 40.15
N SER A 126 -8.60 7.66 39.42
CA SER A 126 -9.97 7.65 39.94
C SER A 126 -10.39 6.23 40.32
N PRO A 127 -11.05 6.03 41.47
CA PRO A 127 -11.40 4.68 41.91
C PRO A 127 -12.23 3.89 40.91
N ASP A 128 -13.10 4.58 40.17
CA ASP A 128 -14.03 3.88 39.28
C ASP A 128 -13.28 3.12 38.18
N SER A 129 -12.23 3.71 37.63
CA SER A 129 -11.48 3.11 36.53
C SER A 129 -9.98 3.21 36.77
N ARG A 130 -9.53 2.95 38.00
CA ARG A 130 -8.11 2.98 38.28
C ARG A 130 -7.38 1.89 37.51
N PHE A 131 -7.96 0.70 37.43
CA PHE A 131 -7.29 -0.42 36.79
C PHE A 131 -7.17 -0.21 35.28
N SER A 132 -8.19 0.39 34.65
CA SER A 132 -8.11 0.68 33.23
C SER A 132 -6.96 1.63 32.92
N LYS A 133 -6.82 2.69 33.72
CA LYS A 133 -5.70 3.61 33.55
C LYS A 133 -4.37 2.93 33.82
N ALA A 134 -4.32 2.08 34.85
CA ALA A 134 -3.08 1.40 35.21
C ALA A 134 -2.69 0.30 34.23
N GLY A 135 -3.60 -0.15 33.38
CA GLY A 135 -3.28 -1.21 32.44
C GLY A 135 -2.78 -0.73 31.10
N LEU A 136 -3.15 0.49 30.71
CA LEU A 136 -2.82 1.03 29.40
C LEU A 136 -1.68 2.04 29.44
N PHE A 137 -1.68 2.93 30.43
CA PHE A 137 -0.65 3.96 30.52
C PHE A 137 0.78 3.41 30.57
N PRO A 138 1.09 2.36 31.35
CA PRO A 138 2.44 1.79 31.24
C PRO A 138 2.76 1.26 29.86
N ILE A 139 1.76 0.73 29.15
CA ILE A 139 2.00 0.24 27.80
C ILE A 139 2.28 1.41 26.87
N PHE A 140 1.52 2.50 26.99
CA PHE A 140 1.77 3.69 26.19
C PHE A 140 3.16 4.26 26.44
N ALA A 141 3.67 4.15 27.66
CA ALA A 141 4.97 4.71 28.00
C ALA A 141 6.12 3.77 27.67
N THR A 142 5.85 2.51 27.32
CA THR A 142 6.91 1.54 27.11
C THR A 142 7.00 0.99 25.69
N GLN A 143 5.91 1.04 24.92
CA GLN A 143 5.90 0.49 23.58
C GLN A 143 6.33 1.54 22.56
N SER A 144 7.14 1.10 21.59
CA SER A 144 7.74 1.99 20.61
C SER A 144 7.33 1.59 19.20
N ASN A 145 7.16 2.59 18.33
CA ASN A 145 6.90 2.37 16.92
C ASN A 145 8.24 2.15 16.20
N ASP A 146 8.82 0.98 16.47
CA ASP A 146 10.15 0.67 15.97
C ASP A 146 10.15 -0.13 14.68
N PHE A 147 9.10 -0.90 14.41
CA PHE A 147 9.05 -1.67 13.16
C PHE A 147 8.91 -0.76 11.95
N ALA A 148 7.97 0.18 12.01
CA ALA A 148 7.67 1.04 10.87
C ALA A 148 8.50 2.31 10.87
N LEU A 149 8.61 2.97 12.02
CA LEU A 149 9.31 4.24 12.14
C LEU A 149 10.74 4.09 12.63
N GLY A 150 10.97 3.21 13.61
CA GLY A 150 12.31 3.05 14.15
C GLY A 150 13.28 2.41 13.16
N TYR A 151 12.81 1.43 12.40
CA TYR A 151 13.71 0.67 11.52
C TYR A 151 14.37 1.53 10.45
N PRO A 152 13.64 2.38 9.70
CA PRO A 152 14.35 3.21 8.70
C PRO A 152 15.37 4.15 9.31
N ILE A 153 15.05 4.76 10.45
CA ILE A 153 15.99 5.67 11.11
C ILE A 153 17.22 4.91 11.56
N VAL A 154 17.04 3.75 12.18
CA VAL A 154 18.18 2.95 12.64
C VAL A 154 19.03 2.51 11.46
N GLU A 155 18.40 2.07 10.38
CA GLU A 155 19.15 1.65 9.20
C GLU A 155 19.94 2.80 8.61
N ALA A 156 19.34 3.98 8.53
CA ALA A 156 20.06 5.13 7.99
C ALA A 156 21.24 5.51 8.88
N LEU A 157 21.02 5.55 10.20
CA LEU A 157 22.10 5.93 11.10
C LEU A 157 23.12 4.82 11.27
N TYR A 158 22.68 3.58 11.42
CA TYR A 158 23.57 2.45 11.66
C TYR A 158 23.42 1.44 10.53
N GLN A 159 24.13 1.66 9.44
CA GLN A 159 24.30 0.61 8.43
C GLN A 159 25.76 0.44 8.05
N THR A 160 26.51 1.53 7.93
CA THR A 160 27.93 1.46 7.57
C THR A 160 28.85 1.43 8.78
N THR A 161 28.30 1.56 9.99
CA THR A 161 29.08 1.56 11.20
C THR A 161 28.77 0.36 12.10
N TYR A 162 27.51 0.19 12.49
CA TYR A 162 27.10 -0.88 13.39
C TYR A 162 25.82 -1.52 12.87
N PRO A 163 25.93 -2.44 11.90
CA PRO A 163 24.74 -3.15 11.44
C PRO A 163 24.08 -3.98 12.53
N GLU A 164 24.84 -4.43 13.52
CA GLU A 164 24.31 -5.28 14.58
C GLU A 164 23.17 -4.60 15.34
N TYR A 165 23.10 -3.27 15.33
CA TYR A 165 22.02 -2.58 16.01
C TYR A 165 20.66 -2.83 15.38
N LEU A 166 20.63 -3.31 14.14
CA LEU A 166 19.35 -3.50 13.45
C LEU A 166 18.57 -4.69 13.99
N GLN A 167 19.26 -5.68 14.58
CA GLN A 167 18.56 -6.88 15.04
C GLN A 167 17.70 -6.61 16.27
N TYR A 168 18.16 -5.73 17.17
CA TYR A 168 17.48 -5.53 18.44
C TYR A 168 16.08 -4.98 18.28
N ILE A 169 15.77 -4.33 17.14
CA ILE A 169 14.41 -3.90 16.89
C ILE A 169 13.48 -5.10 16.76
N TYR A 170 13.97 -6.16 16.10
CA TYR A 170 13.19 -7.38 15.96
C TYR A 170 13.33 -8.31 17.16
N LEU A 171 14.20 -7.98 18.12
CA LEU A 171 14.35 -8.74 19.36
C LEU A 171 13.64 -8.07 20.52
N VAL A 172 13.97 -6.80 20.79
CA VAL A 172 13.41 -6.13 21.96
C VAL A 172 11.90 -5.95 21.82
N ALA A 173 11.46 -5.48 20.66
CA ALA A 173 10.03 -5.20 20.50
C ALA A 173 9.15 -6.42 20.71
N PRO A 174 9.43 -7.58 20.11
CA PRO A 174 8.59 -8.75 20.42
C PRO A 174 8.80 -9.30 21.81
N ILE A 175 10.03 -9.30 22.32
CA ILE A 175 10.28 -9.80 23.68
C ILE A 175 9.56 -8.92 24.69
N SER A 176 9.75 -7.60 24.59
CA SER A 176 9.01 -6.67 25.43
C SER A 176 7.51 -6.69 25.13
N LEU A 177 7.10 -7.24 23.99
CA LEU A 177 5.69 -7.37 23.68
C LEU A 177 5.02 -8.49 24.47
N MET A 178 5.78 -9.50 24.90
CA MET A 178 5.22 -10.57 25.71
C MET A 178 5.71 -10.54 27.16
N MET A 179 6.65 -9.66 27.50
CA MET A 179 7.15 -9.57 28.87
C MET A 179 6.54 -8.43 29.68
N LEU A 180 5.93 -7.43 29.04
CA LEU A 180 5.35 -6.32 29.76
C LEU A 180 3.86 -6.17 29.48
N ASN A 181 3.48 -6.34 28.22
CA ASN A 181 2.06 -6.27 27.85
C ASN A 181 1.16 -7.23 28.60
N PRO A 182 1.54 -8.47 28.93
CA PRO A 182 0.61 -9.33 29.69
C PRO A 182 0.17 -8.72 31.01
N ILE A 183 1.04 -7.96 31.68
CA ILE A 183 0.67 -7.32 32.94
C ILE A 183 -0.44 -6.30 32.71
N GLY A 184 -0.26 -5.44 31.70
CA GLY A 184 -1.30 -4.48 31.38
C GLY A 184 -2.59 -5.16 30.93
N PHE A 185 -2.46 -6.27 30.19
CA PHE A 185 -3.65 -6.99 29.75
C PHE A 185 -4.43 -7.56 30.92
N ILE A 186 -3.73 -8.19 31.88
CA ILE A 186 -4.46 -8.73 33.03
C ILE A 186 -5.01 -7.60 33.88
N PHE A 187 -4.35 -6.44 33.91
CA PHE A 187 -4.93 -5.29 34.58
C PHE A 187 -6.24 -4.87 33.92
N CYS A 188 -6.28 -4.89 32.58
CA CYS A 188 -7.52 -4.60 31.87
C CYS A 188 -8.59 -5.65 32.14
N GLU A 189 -8.19 -6.92 32.25
CA GLU A 189 -9.16 -7.96 32.62
C GLU A 189 -9.71 -7.71 34.02
N ILE A 190 -8.85 -7.29 34.95
CA ILE A 190 -9.31 -6.94 36.28
C ILE A 190 -10.31 -5.78 36.21
N GLN A 191 -10.02 -4.77 35.39
CA GLN A 191 -10.93 -3.64 35.26
C GLN A 191 -12.29 -4.07 34.70
N LYS A 192 -12.28 -4.87 33.63
CA LYS A 192 -13.55 -5.28 33.03
C LYS A 192 -14.30 -6.22 33.95
N TRP A 193 -13.59 -6.98 34.79
CA TRP A 193 -14.26 -7.76 35.82
C TRP A 193 -14.89 -6.86 36.88
N LYS A 194 -14.23 -5.75 37.21
CA LYS A 194 -14.86 -4.76 38.08
C LYS A 194 -16.09 -4.14 37.42
N ASP A 195 -16.09 -4.04 36.09
CA ASP A 195 -17.27 -3.60 35.37
C ASP A 195 -18.29 -4.72 35.14
N THR A 196 -17.91 -5.97 35.37
CA THR A 196 -18.78 -7.12 35.20
C THR A 196 -18.66 -8.04 36.42
N GLN A 197 -18.80 -7.46 37.61
CA GLN A 197 -18.58 -8.19 38.84
C GLN A 197 -19.53 -9.39 38.95
N ASN A 198 -18.97 -10.53 39.36
CA ASN A 198 -19.73 -11.76 39.55
C ASN A 198 -19.20 -12.46 40.81
N ALA A 199 -19.83 -13.58 41.15
CA ALA A 199 -19.42 -14.35 42.33
C ALA A 199 -18.24 -15.26 41.96
N SER A 200 -17.10 -14.61 41.75
CA SER A 200 -15.87 -15.30 41.38
C SER A 200 -14.73 -14.82 42.26
N GLN A 201 -13.83 -15.74 42.59
CA GLN A 201 -12.64 -15.45 43.38
C GLN A 201 -11.34 -15.81 42.69
N ASN A 202 -11.32 -16.86 41.88
CA ASN A 202 -10.11 -17.25 41.18
C ASN A 202 -9.73 -16.24 40.10
N LYS A 203 -8.43 -16.19 39.80
CA LYS A 203 -7.90 -15.26 38.80
C LYS A 203 -7.14 -15.98 37.70
N ILE A 204 -7.30 -17.30 37.58
CA ILE A 204 -6.63 -18.01 36.49
C ILE A 204 -7.29 -17.67 35.16
N LYS A 205 -8.60 -17.41 35.16
CA LYS A 205 -9.29 -17.10 33.90
C LYS A 205 -8.75 -15.83 33.26
N ILE A 206 -8.59 -14.77 34.06
CA ILE A 206 -8.15 -13.50 33.51
C ILE A 206 -6.69 -13.58 33.06
N VAL A 207 -5.86 -14.31 33.82
CA VAL A 207 -4.46 -14.48 33.42
C VAL A 207 -4.38 -15.24 32.11
N GLY A 208 -5.18 -16.30 31.98
CA GLY A 208 -5.20 -17.06 30.74
C GLY A 208 -5.68 -16.23 29.56
N LEU A 209 -6.74 -15.43 29.77
CA LEU A 209 -7.24 -14.59 28.68
C LEU A 209 -6.21 -13.55 28.27
N GLY A 210 -5.54 -12.94 29.25
CA GLY A 210 -4.48 -11.99 28.95
C GLY A 210 -3.28 -12.59 28.25
N LEU A 211 -2.89 -13.81 28.60
CA LEU A 211 -1.82 -14.48 27.87
C LEU A 211 -2.25 -14.88 26.46
N LEU A 212 -3.51 -15.29 26.29
CA LEU A 212 -4.01 -15.60 24.96
C LEU A 212 -4.05 -14.35 24.08
N ARG A 213 -4.39 -13.20 24.67
CA ARG A 213 -4.44 -11.96 23.91
C ARG A 213 -3.07 -11.59 23.36
N VAL A 214 -2.01 -11.77 24.16
CA VAL A 214 -0.68 -11.45 23.68
C VAL A 214 -0.13 -12.54 22.77
N LEU A 215 -0.56 -13.79 22.93
CA LEU A 215 -0.13 -14.84 22.03
C LEU A 215 -0.84 -14.79 20.68
N GLN A 216 -2.01 -14.19 20.61
CA GLN A 216 -2.73 -14.04 19.34
C GLN A 216 -2.21 -12.87 18.52
N ASN A 217 -1.32 -12.06 19.07
CA ASN A 217 -0.70 -11.00 18.29
C ASN A 217 0.16 -11.63 17.19
N PRO A 218 0.01 -11.22 15.94
CA PRO A 218 0.83 -11.81 14.87
C PRO A 218 2.32 -11.70 15.13
N ILE A 219 2.76 -10.62 15.77
CA ILE A 219 4.19 -10.46 16.05
C ILE A 219 4.69 -11.59 16.94
N VAL A 220 3.95 -11.92 17.99
CA VAL A 220 4.44 -12.86 18.99
C VAL A 220 4.56 -14.27 18.40
N PHE A 221 3.48 -14.79 17.83
CA PHE A 221 3.57 -16.16 17.33
C PHE A 221 4.37 -16.24 16.04
N MET A 222 4.42 -15.16 15.26
CA MET A 222 5.32 -15.13 14.12
C MET A 222 6.78 -15.20 14.57
N VAL A 223 7.10 -14.53 15.68
CA VAL A 223 8.45 -14.60 16.22
C VAL A 223 8.75 -16.00 16.73
N PHE A 224 7.77 -16.63 17.38
CA PHE A 224 7.95 -18.00 17.84
C PHE A 224 8.22 -18.94 16.66
N ILE A 225 7.44 -18.81 15.59
CA ILE A 225 7.63 -19.64 14.41
C ILE A 225 8.99 -19.37 13.77
N GLY A 226 9.38 -18.09 13.71
CA GLY A 226 10.66 -17.75 13.12
C GLY A 226 11.83 -18.33 13.89
N ILE A 227 11.76 -18.28 15.22
CA ILE A 227 12.84 -18.86 16.03
C ILE A 227 12.85 -20.37 15.90
N ALA A 228 11.67 -21.00 15.88
CA ALA A 228 11.60 -22.45 15.70
C ALA A 228 12.20 -22.87 14.37
N PHE A 229 11.90 -22.13 13.30
CA PHE A 229 12.45 -22.46 11.99
C PHE A 229 13.93 -22.11 11.89
N ASN A 230 14.37 -21.10 12.65
CA ASN A 230 15.80 -20.81 12.73
C ASN A 230 16.55 -21.99 13.35
N PHE A 231 15.97 -22.59 14.38
CA PHE A 231 16.59 -23.78 14.98
C PHE A 231 16.46 -24.98 14.05
N ILE A 232 15.37 -25.07 13.29
CA ILE A 232 15.19 -26.17 12.35
C ILE A 232 16.22 -26.09 11.23
N LEU A 233 16.37 -24.90 10.63
CA LEU A 233 17.32 -24.69 9.55
C LEU A 233 18.65 -24.22 10.14
N ASP A 234 19.57 -23.80 9.27
CA ASP A 234 20.89 -23.27 9.69
C ASP A 234 21.02 -21.83 9.19
N ARG A 235 20.02 -20.99 9.46
CA ARG A 235 20.02 -19.59 9.07
C ARG A 235 20.16 -19.42 7.55
N LYS A 236 19.48 -20.29 6.80
CA LYS A 236 19.48 -20.25 5.33
C LYS A 236 18.04 -20.42 4.86
N VAL A 237 17.40 -19.29 4.54
CA VAL A 237 16.02 -19.37 4.02
C VAL A 237 16.04 -20.08 2.68
N PRO A 238 15.11 -21.01 2.41
CA PRO A 238 15.12 -21.69 1.11
C PRO A 238 14.98 -20.70 -0.04
N VAL A 239 15.73 -20.96 -1.10
CA VAL A 239 15.77 -20.04 -2.23
C VAL A 239 14.40 -19.96 -2.92
N TYR A 240 13.63 -21.05 -2.87
CA TYR A 240 12.32 -21.04 -3.50
C TYR A 240 11.37 -20.06 -2.82
N VAL A 241 11.59 -19.75 -1.55
CA VAL A 241 10.70 -18.89 -0.79
C VAL A 241 11.37 -17.57 -0.40
N GLU A 242 12.69 -17.45 -0.56
CA GLU A 242 13.38 -16.23 -0.18
C GLU A 242 12.90 -15.03 -0.98
N ASN A 243 12.75 -15.22 -2.30
CA ASN A 243 12.28 -14.11 -3.14
C ASN A 243 10.87 -13.68 -2.76
N PHE A 244 9.99 -14.64 -2.49
CA PHE A 244 8.63 -14.33 -2.07
C PHE A 244 8.63 -13.55 -0.76
N LEU A 245 9.43 -14.00 0.21
CA LEU A 245 9.50 -13.32 1.49
C LEU A 245 10.04 -11.91 1.34
N ASP A 246 11.09 -11.73 0.53
CA ASP A 246 11.65 -10.40 0.32
C ASP A 246 10.65 -9.47 -0.36
N GLY A 247 9.93 -9.99 -1.37
CA GLY A 247 8.95 -9.16 -2.04
C GLY A 247 7.80 -8.77 -1.13
N LEU A 248 7.38 -9.68 -0.26
CA LEU A 248 6.28 -9.39 0.66
C LEU A 248 6.72 -8.57 1.86
N GLY A 249 8.02 -8.51 2.14
CA GLY A 249 8.52 -7.79 3.30
C GLY A 249 9.03 -6.40 2.97
N ASN A 250 9.57 -6.22 1.77
CA ASN A 250 10.01 -4.90 1.34
C ASN A 250 8.84 -3.93 1.22
N SER A 251 7.61 -4.44 1.05
CA SER A 251 6.43 -3.62 0.91
C SER A 251 5.75 -3.32 2.25
N PHE A 252 6.52 -3.30 3.33
CA PHE A 252 5.99 -3.00 4.65
C PHE A 252 6.30 -1.58 5.11
N SER A 253 7.57 -1.17 5.02
CA SER A 253 8.00 0.10 5.60
C SER A 253 7.18 1.27 5.07
N GLY A 254 7.28 1.54 3.77
CA GLY A 254 6.51 2.62 3.18
C GLY A 254 5.01 2.42 3.33
N SER A 255 4.55 1.18 3.16
CA SER A 255 3.14 0.89 3.33
C SER A 255 2.68 1.11 4.76
N ALA A 256 3.51 0.71 5.74
CA ALA A 256 3.14 0.93 7.14
C ALA A 256 3.09 2.41 7.47
N LEU A 257 4.04 3.19 6.94
CA LEU A 257 4.02 4.63 7.18
C LEU A 257 2.78 5.26 6.53
N PHE A 258 2.43 4.82 5.33
CA PHE A 258 1.23 5.32 4.67
C PHE A 258 -0.02 4.99 5.49
N TYR A 259 -0.09 3.77 6.01
CA TYR A 259 -1.24 3.41 6.84
C TYR A 259 -1.27 4.19 8.14
N LEU A 260 -0.10 4.47 8.73
CA LEU A 260 -0.06 5.31 9.92
C LEU A 260 -0.58 6.70 9.63
N GLY A 261 -0.17 7.28 8.50
CA GLY A 261 -0.70 8.58 8.11
C GLY A 261 -2.20 8.54 7.86
N LEU A 262 -2.68 7.45 7.28
CA LEU A 262 -4.13 7.31 7.06
C LEU A 262 -4.88 7.22 8.38
N THR A 263 -4.34 6.48 9.34
CA THR A 263 -4.98 6.36 10.65
C THR A 263 -4.81 7.61 11.50
N MET A 264 -3.92 8.53 11.11
CA MET A 264 -3.70 9.78 11.83
C MET A 264 -4.62 10.89 11.37
N VAL A 265 -5.79 10.56 10.82
CA VAL A 265 -6.74 11.54 10.29
C VAL A 265 -7.91 11.64 11.24
N GLY A 266 -8.17 12.84 11.75
CA GLY A 266 -9.31 13.10 12.61
C GLY A 266 -9.27 12.34 13.93
N LYS A 267 -8.13 12.35 14.60
CA LYS A 267 -7.99 11.66 15.88
C LYS A 267 -7.85 12.62 17.05
N ILE A 268 -7.00 13.64 16.95
CA ILE A 268 -6.78 14.56 18.05
C ILE A 268 -7.91 15.59 18.08
N LYS A 269 -8.54 15.73 19.23
CA LYS A 269 -9.62 16.68 19.45
C LYS A 269 -9.37 17.44 20.74
N ARG A 270 -10.31 18.31 21.10
CA ARG A 270 -10.16 19.11 22.32
C ARG A 270 -10.21 18.21 23.55
N LEU A 271 -9.29 18.42 24.48
CA LEU A 271 -9.16 17.61 25.67
C LEU A 271 -9.30 18.47 26.92
N LYS A 272 -9.88 17.87 27.96
CA LYS A 272 -9.97 18.54 29.26
C LYS A 272 -8.58 18.75 29.84
N LYS A 273 -8.44 19.80 30.66
CA LYS A 273 -7.14 20.13 31.22
C LYS A 273 -6.52 18.97 31.98
N SER A 274 -7.34 18.14 32.63
CA SER A 274 -6.82 16.93 33.25
C SER A 274 -6.26 15.97 32.20
N ALA A 275 -6.99 15.80 31.09
CA ALA A 275 -6.47 15.01 29.99
C ALA A 275 -5.21 15.65 29.42
N PHE A 276 -5.20 16.98 29.33
CA PHE A 276 -4.02 17.71 28.86
C PHE A 276 -2.79 17.35 29.69
N VAL A 277 -2.91 17.46 31.02
CA VAL A 277 -1.76 17.26 31.89
C VAL A 277 -1.35 15.79 31.93
N VAL A 278 -2.33 14.87 31.92
CA VAL A 278 -1.97 13.46 31.94
C VAL A 278 -1.28 13.07 30.64
N LEU A 279 -1.70 13.66 29.52
CA LEU A 279 -1.03 13.40 28.25
C LEU A 279 0.37 14.00 28.24
N ILE A 280 0.53 15.19 28.81
CA ILE A 280 1.87 15.76 28.97
C ILE A 280 2.76 14.79 29.74
N LEU A 281 2.26 14.27 30.85
CA LEU A 281 3.04 13.35 31.68
C LEU A 281 3.37 12.08 30.92
N LEU A 282 2.42 11.55 30.15
CA LEU A 282 2.64 10.30 29.43
C LEU A 282 3.69 10.49 28.33
N ILE A 283 3.60 11.59 27.58
CA ILE A 283 4.59 11.85 26.54
C ILE A 283 5.96 12.07 27.16
N THR A 284 6.01 12.75 28.30
CA THR A 284 7.28 12.92 29.00
C THR A 284 7.85 11.59 29.44
N ALA A 285 7.01 10.69 29.96
CA ALA A 285 7.47 9.37 30.35
C ALA A 285 7.99 8.58 29.16
N LYS A 286 7.31 8.63 28.03
CA LYS A 286 7.69 7.85 26.87
C LYS A 286 8.95 8.38 26.17
N LEU A 287 9.07 9.70 26.02
CA LEU A 287 10.13 10.28 25.22
C LEU A 287 11.20 11.01 26.03
N LEU A 288 10.99 11.23 27.32
CA LEU A 288 11.99 11.88 28.16
C LEU A 288 12.45 11.03 29.34
N VAL A 289 11.58 10.18 29.90
CA VAL A 289 11.93 9.40 31.07
C VAL A 289 12.48 8.05 30.65
N LEU A 290 11.74 7.32 29.81
CA LEU A 290 12.19 6.01 29.34
C LEU A 290 13.53 6.05 28.62
N PRO A 291 13.79 6.95 27.66
CA PRO A 291 15.11 6.95 27.02
C PRO A 291 16.25 7.24 27.99
N LEU A 292 16.04 8.15 28.94
CA LEU A 292 17.07 8.39 29.95
C LEU A 292 17.29 7.17 30.82
N LEU A 293 16.22 6.48 31.22
CA LEU A 293 16.37 5.24 31.98
C LEU A 293 17.14 4.20 31.19
N CYS A 294 16.84 4.05 29.90
CA CYS A 294 17.57 3.11 29.05
C CYS A 294 19.04 3.48 28.93
N ARG A 295 19.36 4.76 28.76
CA ARG A 295 20.75 5.17 28.69
C ARG A 295 21.49 4.87 29.99
N GLU A 296 20.86 5.16 31.14
CA GLU A 296 21.47 4.86 32.41
C GLU A 296 21.67 3.35 32.60
N MET A 297 20.66 2.56 32.24
CA MET A 297 20.76 1.12 32.39
C MET A 297 21.86 0.54 31.51
N VAL A 298 21.99 1.04 30.28
CA VAL A 298 23.05 0.55 29.40
C VAL A 298 24.42 0.95 29.93
N GLU A 299 24.57 2.21 30.36
CA GLU A 299 25.87 2.65 30.87
C GLU A 299 26.22 1.99 32.18
N LEU A 300 25.23 1.44 32.90
CA LEU A 300 25.52 0.72 34.14
C LEU A 300 25.74 -0.77 33.94
N LEU A 301 25.07 -1.38 32.97
CA LEU A 301 25.09 -2.83 32.80
C LEU A 301 26.11 -3.31 31.77
N ASP A 302 26.38 -2.53 30.73
CA ASP A 302 27.30 -2.97 29.70
C ASP A 302 28.72 -3.09 30.25
N LYS A 303 29.38 -4.20 29.91
CA LYS A 303 30.75 -4.45 30.34
C LYS A 303 31.72 -4.48 29.17
N GLY A 304 31.34 -3.90 28.03
CA GLY A 304 32.20 -3.86 26.86
C GLY A 304 33.52 -3.19 27.12
N ASP A 305 34.61 -3.83 26.68
CA ASP A 305 35.94 -3.28 26.92
C ASP A 305 36.16 -1.99 26.14
N SER A 306 35.68 -1.94 24.90
CA SER A 306 35.85 -0.75 24.07
C SER A 306 34.99 0.39 24.60
N VAL A 307 35.62 1.51 24.94
CA VAL A 307 34.87 2.65 25.46
C VAL A 307 34.04 3.29 24.36
N VAL A 308 34.57 3.38 23.15
CA VAL A 308 33.82 3.97 22.04
C VAL A 308 32.58 3.15 21.75
N ASN A 309 32.72 1.82 21.73
CA ASN A 309 31.56 0.95 21.54
C ASN A 309 30.55 1.14 22.66
N HIS A 310 31.03 1.38 23.89
CA HIS A 310 30.11 1.57 25.01
C HIS A 310 29.31 2.86 24.86
N THR A 311 29.99 3.95 24.47
CA THR A 311 29.26 5.20 24.23
C THR A 311 28.28 5.06 23.08
N SER A 312 28.68 4.35 22.01
CA SER A 312 27.77 4.11 20.91
C SER A 312 26.57 3.30 21.35
N LEU A 313 26.79 2.29 22.19
CA LEU A 313 25.69 1.50 22.72
C LEU A 313 24.73 2.35 23.54
N SER A 314 25.28 3.23 24.38
CA SER A 314 24.44 4.10 25.20
C SER A 314 23.62 5.05 24.33
N ASN A 315 24.26 5.63 23.31
CA ASN A 315 23.54 6.53 22.40
C ASN A 315 22.45 5.79 21.65
N TYR A 316 22.75 4.57 21.20
CA TYR A 316 21.74 3.78 20.50
C TYR A 316 20.57 3.44 21.40
N ALA A 317 20.84 3.09 22.67
CA ALA A 317 19.74 2.82 23.59
C ALA A 317 18.91 4.07 23.84
N PHE A 318 19.58 5.22 24.02
CA PHE A 318 18.85 6.46 24.24
C PHE A 318 17.95 6.78 23.04
N LEU A 319 18.49 6.64 21.84
CA LEU A 319 17.70 6.90 20.63
C LEU A 319 16.55 5.91 20.52
N TYR A 320 16.80 4.63 20.82
CA TYR A 320 15.75 3.62 20.78
C TYR A 320 14.65 3.93 21.79
N GLY A 321 14.97 4.65 22.87
CA GLY A 321 13.95 5.12 23.77
C GLY A 321 13.04 6.17 23.17
N VAL A 322 13.59 7.04 22.31
CA VAL A 322 12.85 8.18 21.79
C VAL A 322 11.85 7.80 20.70
N PHE A 323 11.84 6.54 20.28
CA PHE A 323 10.90 6.12 19.24
C PHE A 323 9.47 6.36 19.72
N PRO A 324 8.58 6.82 18.83
CA PRO A 324 7.24 7.22 19.27
C PRO A 324 6.41 6.03 19.71
N VAL A 325 5.22 6.33 20.21
CA VAL A 325 4.31 5.30 20.69
C VAL A 325 3.81 4.49 19.50
N ALA A 326 3.92 3.16 19.60
CA ALA A 326 3.49 2.30 18.52
C ALA A 326 1.98 2.41 18.33
N PRO A 327 1.49 2.36 17.08
CA PRO A 327 0.04 2.40 16.85
C PRO A 327 -0.70 1.22 17.45
N GLY A 328 0.00 0.13 17.78
CA GLY A 328 -0.65 -1.02 18.39
C GLY A 328 -1.34 -0.70 19.71
N VAL A 329 -0.89 0.33 20.40
CA VAL A 329 -1.55 0.72 21.65
C VAL A 329 -2.98 1.17 21.39
N ALA A 330 -3.20 1.92 20.31
CA ALA A 330 -4.55 2.39 20.00
C ALA A 330 -5.49 1.23 19.69
N ILE A 331 -5.03 0.25 18.89
CA ILE A 331 -5.89 -0.88 18.57
C ILE A 331 -6.11 -1.73 19.81
N PHE A 332 -5.09 -1.88 20.66
CA PHE A 332 -5.30 -2.55 21.96
C PHE A 332 -6.43 -1.86 22.73
N ALA A 333 -6.38 -0.54 22.82
CA ALA A 333 -7.36 0.20 23.61
C ALA A 333 -8.76 0.06 23.03
N THR A 334 -8.90 0.18 21.70
CA THR A 334 -10.24 0.07 21.13
C THR A 334 -10.77 -1.36 21.17
N GLN A 335 -9.88 -2.36 21.18
CA GLN A 335 -10.31 -3.71 21.48
C GLN A 335 -10.83 -3.82 22.91
N PHE A 336 -10.12 -3.20 23.85
CA PHE A 336 -10.59 -3.14 25.24
C PHE A 336 -11.73 -2.15 25.43
N ASN A 337 -11.83 -1.15 24.56
CA ASN A 337 -12.86 -0.10 24.66
C ASN A 337 -12.76 0.60 26.01
N MET A 338 -11.62 1.28 26.18
CA MET A 338 -11.38 2.07 27.39
C MET A 338 -10.27 3.08 27.10
N GLU A 339 -10.56 4.35 27.35
CA GLU A 339 -9.59 5.43 27.15
C GLU A 339 -9.07 5.45 25.72
N VAL A 340 -9.97 5.22 24.77
CA VAL A 340 -9.56 5.12 23.37
C VAL A 340 -9.15 6.47 22.81
N GLU A 341 -9.97 7.50 23.06
CA GLU A 341 -9.71 8.81 22.45
C GLU A 341 -8.40 9.41 22.98
N ILE A 342 -8.19 9.35 24.30
CA ILE A 342 -6.99 9.91 24.88
C ILE A 342 -5.75 9.17 24.39
N ILE A 343 -5.83 7.84 24.30
CA ILE A 343 -4.66 7.08 23.89
C ILE A 343 -4.35 7.30 22.42
N THR A 344 -5.39 7.45 21.58
CA THR A 344 -5.14 7.73 20.17
C THR A 344 -4.53 9.11 19.97
N SER A 345 -5.06 10.12 20.66
CA SER A 345 -4.47 11.44 20.61
C SER A 345 -3.04 11.40 21.12
N GLY A 346 -2.78 10.60 22.16
CA GLY A 346 -1.44 10.46 22.66
C GLY A 346 -0.48 9.87 21.64
N MET A 347 -0.92 8.84 20.93
CA MET A 347 -0.07 8.24 19.90
C MET A 347 0.24 9.24 18.80
N VAL A 348 -0.79 9.96 18.32
CA VAL A 348 -0.60 10.90 17.22
C VAL A 348 0.35 12.02 17.65
N ILE A 349 0.07 12.65 18.79
CA ILE A 349 0.92 13.72 19.27
C ILE A 349 2.31 13.21 19.61
N SER A 350 2.42 11.96 20.04
CA SER A 350 3.73 11.39 20.35
C SER A 350 4.57 11.26 19.10
N THR A 351 3.97 10.82 17.99
CA THR A 351 4.71 10.81 16.73
C THR A 351 5.14 12.23 16.33
N PHE A 352 4.19 13.17 16.46
CA PHE A 352 4.50 14.55 16.10
C PHE A 352 5.70 15.09 16.88
N VAL A 353 5.73 14.87 18.19
CA VAL A 353 6.84 15.40 18.97
C VAL A 353 8.07 14.53 18.82
N SER A 354 7.91 13.25 18.46
CA SER A 354 9.05 12.38 18.27
C SER A 354 9.87 12.78 17.07
N ALA A 355 9.24 13.39 16.06
CA ALA A 355 10.03 13.92 14.96
C ALA A 355 11.11 14.90 15.44
N PRO A 356 10.77 16.08 15.99
CA PRO A 356 11.84 17.02 16.35
C PRO A 356 12.63 16.58 17.57
N ILE A 357 12.03 15.85 18.51
CA ILE A 357 12.79 15.39 19.67
C ILE A 357 13.88 14.43 19.23
N MET A 358 13.56 13.48 18.34
CA MET A 358 14.59 12.61 17.80
C MET A 358 15.64 13.37 17.02
N TYR A 359 15.22 14.32 16.17
CA TYR A 359 16.20 15.05 15.37
C TYR A 359 17.14 15.86 16.26
N VAL A 360 16.62 16.51 17.29
CA VAL A 360 17.47 17.25 18.22
C VAL A 360 18.36 16.30 19.00
N SER A 361 17.80 15.18 19.47
CA SER A 361 18.52 14.23 20.30
C SER A 361 19.75 13.72 19.58
N ALA A 362 19.55 13.04 18.44
CA ALA A 362 20.67 12.40 17.75
C ALA A 362 21.79 13.39 17.49
N TRP A 363 21.45 14.61 17.12
CA TRP A 363 22.45 15.65 16.93
C TRP A 363 23.16 15.97 18.24
N LEU A 364 22.42 16.03 19.34
CA LEU A 364 23.05 16.30 20.63
C LEU A 364 24.03 15.20 21.01
N LEU A 365 23.65 13.94 20.81
CA LEU A 365 24.58 12.85 21.12
C LEU A 365 25.79 12.87 20.21
N THR A 366 25.63 13.19 18.93
CA THR A 366 26.78 13.23 18.05
C THR A 366 27.63 14.48 18.22
N PHE A 367 27.13 15.49 18.93
CA PHE A 367 27.87 16.73 19.11
C PHE A 367 29.21 16.57 19.83
N PRO A 368 29.31 15.91 21.02
CA PRO A 368 30.58 15.94 21.75
C PRO A 368 31.62 14.97 21.21
N THR A 369 31.81 14.95 19.88
CA THR A 369 32.81 14.08 19.27
C THR A 369 33.65 14.83 18.24
N MET A 370 33.29 16.09 17.98
CA MET A 370 33.93 16.86 16.91
C MET A 370 34.41 18.21 17.42
N ASP A 371 35.35 18.78 16.69
CA ASP A 371 35.95 20.06 17.02
C ASP A 371 34.93 21.19 16.84
N PRO A 372 35.12 22.31 17.55
CA PRO A 372 34.18 23.44 17.40
C PRO A 372 33.99 23.93 15.98
N LYS A 373 35.02 23.95 15.13
CA LYS A 373 34.82 24.33 13.74
C LYS A 373 33.93 23.32 13.01
N PRO A 374 34.15 22.01 13.12
CA PRO A 374 33.12 21.07 12.63
C PRO A 374 31.78 21.23 13.32
N LEU A 375 31.74 21.67 14.58
CA LEU A 375 30.46 21.95 15.22
C LEU A 375 29.71 23.04 14.47
N ALA A 376 30.41 24.12 14.13
CA ALA A 376 29.80 25.20 13.37
C ALA A 376 29.39 24.72 11.98
N TYR A 377 30.23 23.90 11.34
CA TYR A 377 29.88 23.37 10.03
C TYR A 377 28.59 22.54 10.10
N ALA A 378 28.48 21.69 11.12
CA ALA A 378 27.30 20.84 11.24
C ALA A 378 26.06 21.66 11.58
N ILE A 379 26.20 22.68 12.43
CA ILE A 379 25.04 23.50 12.76
C ILE A 379 24.59 24.31 11.54
N GLN A 380 25.54 24.76 10.73
CA GLN A 380 25.17 25.43 9.48
C GLN A 380 24.48 24.46 8.53
N ASN A 381 24.94 23.21 8.48
CA ASN A 381 24.31 22.22 7.60
C ASN A 381 22.88 21.93 8.02
N VAL A 382 22.65 21.74 9.33
CA VAL A 382 21.29 21.45 9.80
C VAL A 382 20.41 22.68 9.60
N SER A 383 20.96 23.88 9.80
CA SER A 383 20.19 25.09 9.52
C SER A 383 19.80 25.16 8.06
N PHE A 384 20.73 24.83 7.16
CA PHE A 384 20.44 24.86 5.73
C PHE A 384 19.34 23.87 5.37
N ASP A 385 19.43 22.65 5.88
CA ASP A 385 18.43 21.64 5.55
C ASP A 385 17.06 22.01 6.09
N ILE A 386 17.00 22.42 7.37
CA ILE A 386 15.73 22.77 7.98
C ILE A 386 15.14 23.98 7.27
N SER A 387 15.97 24.92 6.83
CA SER A 387 15.49 26.08 6.10
C SER A 387 14.97 25.70 4.72
N ILE A 388 15.62 24.74 4.06
CA ILE A 388 15.15 24.31 2.74
C ILE A 388 13.74 23.74 2.85
N VAL A 389 13.55 22.79 3.77
CA VAL A 389 12.23 22.18 3.89
C VAL A 389 11.22 23.19 4.41
N SER A 390 11.63 24.06 5.33
CA SER A 390 10.73 25.08 5.87
C SER A 390 10.28 26.04 4.78
N LEU A 391 11.19 26.46 3.90
CA LEU A 391 10.80 27.40 2.85
C LEU A 391 9.87 26.73 1.86
N ILE A 392 10.11 25.44 1.55
CA ILE A 392 9.18 24.74 0.66
C ILE A 392 7.78 24.72 1.27
N SER A 393 7.69 24.34 2.54
CA SER A 393 6.39 24.30 3.20
C SER A 393 5.76 25.69 3.26
N LEU A 394 6.58 26.71 3.50
CA LEU A 394 6.05 28.07 3.65
C LEU A 394 5.60 28.65 2.32
N ILE A 395 6.29 28.30 1.24
CA ILE A 395 5.83 28.68 -0.10
C ILE A 395 4.48 28.04 -0.37
N TRP A 396 4.33 26.76 -0.03
CA TRP A 396 3.04 26.11 -0.20
C TRP A 396 1.94 26.84 0.58
N SER A 397 2.21 27.13 1.86
CA SER A 397 1.20 27.77 2.69
C SER A 397 0.88 29.19 2.20
N LEU A 398 1.90 29.94 1.80
CA LEU A 398 1.67 31.29 1.29
C LEU A 398 0.87 31.27 -0.01
N ALA A 399 1.17 30.32 -0.90
CA ALA A 399 0.40 30.18 -2.12
C ALA A 399 -1.06 29.86 -1.80
N ILE A 400 -1.28 28.99 -0.81
CA ILE A 400 -2.65 28.66 -0.41
C ILE A 400 -3.36 29.90 0.12
N LEU A 401 -2.68 30.67 0.97
CA LEU A 401 -3.31 31.84 1.59
C LEU A 401 -3.63 32.90 0.56
N LEU A 402 -2.68 33.23 -0.31
CA LEU A 402 -2.90 34.29 -1.29
C LEU A 402 -3.89 33.86 -2.37
N LEU A 403 -3.82 32.60 -2.81
CA LEU A 403 -4.68 32.12 -3.86
C LEU A 403 -6.13 31.94 -3.41
N SER A 404 -6.36 31.80 -2.11
CA SER A 404 -7.71 31.63 -1.59
C SER A 404 -8.36 32.95 -1.19
N LYS A 405 -7.64 34.07 -1.33
CA LYS A 405 -8.15 35.41 -1.04
C LYS A 405 -8.62 35.57 0.40
N LYS A 406 -8.09 34.76 1.31
CA LYS A 406 -8.42 34.84 2.73
C LYS A 406 -7.47 35.75 3.50
N TYR A 407 -6.44 36.27 2.85
CA TYR A 407 -5.49 37.18 3.47
C TYR A 407 -6.04 38.59 3.60
N LYS A 408 -7.19 38.87 2.98
CA LYS A 408 -7.74 40.23 3.00
C LYS A 408 -8.13 40.64 4.42
N GLN A 409 -8.70 39.73 5.20
CA GLN A 409 -9.14 40.08 6.53
C GLN A 409 -7.95 40.29 7.46
N LEU A 410 -8.21 40.98 8.58
CA LEU A 410 -7.12 41.56 9.37
C LEU A 410 -6.23 40.52 10.05
N PRO A 411 -6.75 39.61 10.91
CA PRO A 411 -5.85 38.67 11.59
C PRO A 411 -5.09 37.79 10.61
N HIS A 412 -5.80 37.40 9.55
CA HIS A 412 -5.17 36.60 8.50
C HIS A 412 -4.10 37.38 7.78
N MET A 413 -4.34 38.67 7.53
CA MET A 413 -3.31 39.50 6.91
C MET A 413 -2.08 39.59 7.80
N LEU A 414 -2.29 39.72 9.10
CA LEU A 414 -1.17 39.84 10.04
C LEU A 414 -0.34 38.55 10.05
N THR A 415 -1.01 37.40 10.18
CA THR A 415 -0.23 36.15 10.17
C THR A 415 0.38 35.90 8.80
N THR A 416 -0.24 36.46 7.75
CA THR A 416 0.30 36.34 6.39
C THR A 416 1.63 37.08 6.37
N ASN A 417 1.68 38.31 6.88
CA ASN A 417 2.91 39.08 6.94
C ASN A 417 3.96 38.34 7.77
N LEU A 418 3.52 37.72 8.87
CA LEU A 418 4.44 36.91 9.66
C LEU A 418 5.02 35.76 8.83
N LEU A 419 4.20 35.14 7.97
CA LEU A 419 4.69 34.06 7.13
C LEU A 419 5.66 34.54 6.05
N ILE A 420 5.40 35.72 5.46
CA ILE A 420 6.37 36.28 4.54
C ILE A 420 7.70 36.54 5.25
N ALA A 421 7.64 37.06 6.48
CA ALA A 421 8.88 37.21 7.24
C ALA A 421 9.56 35.87 7.48
N GLN A 422 8.77 34.86 7.84
CA GLN A 422 9.30 33.54 8.17
C GLN A 422 9.83 32.80 6.94
N SER A 423 9.42 33.19 5.75
CA SER A 423 9.99 32.63 4.53
C SER A 423 11.20 33.42 4.03
N ILE A 424 11.18 34.74 4.22
CA ILE A 424 12.33 35.55 3.90
C ILE A 424 13.52 35.16 4.76
N VAL A 425 13.28 34.81 6.04
CA VAL A 425 14.39 34.40 6.88
C VAL A 425 14.99 33.08 6.39
N CYS A 426 14.15 32.16 5.90
CA CYS A 426 14.67 30.91 5.36
C CYS A 426 15.47 31.17 4.08
N ALA A 427 14.97 32.05 3.21
CA ALA A 427 15.73 32.40 2.00
C ALA A 427 17.07 33.02 2.37
N GLY A 428 17.07 33.92 3.35
CA GLY A 428 18.30 34.52 3.82
C GLY A 428 19.25 33.51 4.42
N MET A 429 18.72 32.50 5.12
CA MET A 429 19.55 31.42 5.61
C MET A 429 20.21 30.65 4.47
N MET A 430 19.45 30.40 3.40
CA MET A 430 20.03 29.72 2.24
C MET A 430 21.18 30.53 1.65
N ILE A 431 20.93 31.83 1.40
CA ILE A 431 22.00 32.65 0.83
C ILE A 431 23.18 32.70 1.79
N TRP A 432 22.91 32.87 3.09
CA TRP A 432 23.96 32.88 4.11
C TRP A 432 24.82 31.62 4.05
N ASN A 433 24.18 30.46 3.94
CA ASN A 433 24.92 29.22 3.78
C ASN A 433 25.75 29.23 2.51
N PHE A 434 25.27 29.93 1.48
CA PHE A 434 26.02 29.98 0.22
C PHE A 434 27.05 31.12 0.14
N VAL A 435 27.12 32.01 1.13
CA VAL A 435 28.11 33.09 1.07
C VAL A 435 28.89 33.19 2.38
N LYS A 436 28.70 32.26 3.31
CA LYS A 436 29.42 32.31 4.57
C LYS A 436 30.93 32.29 4.32
N GLU A 437 31.64 33.13 5.08
CA GLU A 437 33.09 33.31 4.92
C GLU A 437 33.44 33.84 3.53
N LYS A 438 32.91 35.02 3.22
CA LYS A 438 33.15 35.71 1.96
C LYS A 438 33.31 37.20 2.24
N ASN A 439 33.68 37.96 1.21
CA ASN A 439 33.99 39.37 1.40
C ASN A 439 32.75 40.14 1.84
N PHE A 440 33.00 41.36 2.36
CA PHE A 440 31.98 42.06 3.13
C PHE A 440 30.96 42.77 2.24
N VAL A 441 31.27 42.96 0.96
CA VAL A 441 30.44 43.78 0.08
C VAL A 441 29.03 43.21 -0.04
N GLY A 442 28.93 41.94 -0.42
CA GLY A 442 27.64 41.27 -0.41
C GLY A 442 27.24 40.74 0.95
N GLN A 443 28.21 40.69 1.88
CA GLN A 443 27.91 40.25 3.23
C GLN A 443 26.97 41.24 3.91
N ILE A 444 27.14 42.53 3.63
CA ILE A 444 26.19 43.55 4.10
C ILE A 444 24.77 43.14 3.74
N LEU A 445 24.50 42.94 2.45
CA LEU A 445 23.14 42.71 2.01
C LEU A 445 22.60 41.39 2.53
N VAL A 446 23.42 40.33 2.52
CA VAL A 446 22.92 39.04 3.01
C VAL A 446 22.60 39.12 4.50
N PHE A 447 23.46 39.78 5.29
CA PHE A 447 23.25 39.83 6.73
C PHE A 447 22.02 40.67 7.07
N VAL A 448 21.87 41.82 6.41
CA VAL A 448 20.70 42.64 6.68
C VAL A 448 19.43 41.93 6.25
N LEU A 449 19.47 41.25 5.10
CA LEU A 449 18.30 40.51 4.62
C LEU A 449 17.90 39.43 5.61
N LEU A 450 18.89 38.71 6.15
CA LEU A 450 18.57 37.66 7.11
C LEU A 450 18.03 38.24 8.41
N TYR A 451 18.71 39.22 8.99
CA TYR A 451 18.40 39.61 10.35
C TYR A 451 17.19 40.53 10.43
N SER A 452 16.93 41.33 9.38
CA SER A 452 15.69 42.09 9.35
C SER A 452 14.50 41.15 9.38
N SER A 453 14.55 40.08 8.59
CA SER A 453 13.48 39.08 8.62
C SER A 453 13.39 38.37 9.97
N LEU A 454 14.54 38.04 10.56
CA LEU A 454 14.55 37.39 11.87
C LEU A 454 13.84 38.24 12.90
N TYR A 455 14.24 39.51 13.01
CA TYR A 455 13.57 40.41 13.95
C TYR A 455 12.12 40.68 13.55
N SER A 456 11.83 40.61 12.25
CA SER A 456 10.44 40.77 11.82
C SER A 456 9.58 39.67 12.41
N THR A 457 10.04 38.42 12.33
CA THR A 457 9.31 37.32 12.97
C THR A 457 9.22 37.53 14.48
N TYR A 458 10.34 37.93 15.09
CA TYR A 458 10.36 38.11 16.54
C TYR A 458 9.30 39.08 17.02
N LEU A 459 9.29 40.31 16.47
CA LEU A 459 8.28 41.26 16.92
C LEU A 459 6.90 40.97 16.35
N TRP A 460 6.80 40.31 15.19
CA TRP A 460 5.48 39.96 14.67
C TRP A 460 4.77 38.96 15.57
N THR A 461 5.50 38.13 16.29
CA THR A 461 4.86 37.29 17.31
C THR A 461 4.12 38.15 18.32
N GLY A 462 4.79 39.17 18.87
CA GLY A 462 4.14 40.06 19.81
C GLY A 462 3.02 40.87 19.19
N LEU A 463 3.18 41.26 17.92
CA LEU A 463 2.11 41.97 17.23
C LEU A 463 0.87 41.11 17.10
N LEU A 464 1.04 39.82 16.76
CA LEU A 464 -0.09 38.90 16.75
C LEU A 464 -0.69 38.78 18.15
N ALA A 465 0.15 38.73 19.17
CA ALA A 465 -0.33 38.65 20.55
C ALA A 465 -1.24 39.83 20.89
N ILE A 466 -0.76 41.06 20.66
CA ILE A 466 -1.58 42.23 20.99
C ILE A 466 -2.80 42.32 20.09
N SER A 467 -2.67 41.90 18.83
CA SER A 467 -3.81 41.90 17.93
C SER A 467 -4.94 41.03 18.48
N LEU A 468 -4.60 39.79 18.86
CA LEU A 468 -5.60 38.92 19.45
C LEU A 468 -6.13 39.50 20.74
N PHE A 469 -5.25 40.09 21.55
CA PHE A 469 -5.65 40.73 22.80
C PHE A 469 -6.74 41.77 22.57
N LEU A 470 -6.54 42.63 21.57
CA LEU A 470 -7.49 43.72 21.35
C LEU A 470 -8.76 43.24 20.65
N LEU A 471 -8.64 42.25 19.76
CA LEU A 471 -9.85 41.69 19.15
C LEU A 471 -10.72 40.98 20.19
N LYS A 472 -10.12 40.39 21.23
CA LYS A 472 -10.91 39.85 22.32
C LYS A 472 -11.34 40.91 23.33
N LYS A 473 -10.60 42.02 23.43
CA LYS A 473 -10.98 43.08 24.35
C LYS A 473 -12.31 43.71 23.95
N ARG A 474 -12.50 43.99 22.66
CA ARG A 474 -13.73 44.57 22.17
C ARG A 474 -13.83 44.35 20.67
N GLU A 475 -15.06 44.40 20.17
CA GLU A 475 -15.31 44.30 18.74
C GLU A 475 -15.25 45.68 18.11
N ARG A 476 -14.78 45.72 16.86
CA ARG A 476 -14.54 46.94 16.09
C ARG A 476 -13.52 47.84 16.78
N VAL A 477 -12.54 47.25 17.47
CA VAL A 477 -11.40 47.99 17.98
C VAL A 477 -10.68 48.62 16.81
N GLN A 478 -10.10 49.82 17.01
CA GLN A 478 -9.52 50.55 15.89
C GLN A 478 -8.39 49.78 15.22
N ILE A 479 -7.47 49.23 16.01
CA ILE A 479 -6.32 48.43 15.57
C ILE A 479 -5.77 48.97 14.25
N PRO A 480 -5.15 50.15 14.23
CA PRO A 480 -4.60 50.67 12.97
C PRO A 480 -3.63 49.68 12.34
N VAL A 481 -4.01 49.12 11.19
CA VAL A 481 -3.17 48.12 10.55
C VAL A 481 -1.90 48.75 10.01
N GLY A 482 -1.96 50.03 9.64
CA GLY A 482 -0.78 50.69 9.08
C GLY A 482 0.36 50.77 10.06
N ILE A 483 0.09 51.20 11.29
CA ILE A 483 1.16 51.31 12.28
C ILE A 483 1.69 49.93 12.64
N ILE A 484 0.81 48.92 12.70
CA ILE A 484 1.25 47.58 13.03
C ILE A 484 2.16 47.03 11.95
N ILE A 485 1.80 47.22 10.68
CA ILE A 485 2.64 46.67 9.61
C ILE A 485 3.95 47.43 9.52
N ILE A 486 3.92 48.78 9.63
CA ILE A 486 5.16 49.54 9.58
C ILE A 486 5.96 49.45 10.87
N SER A 487 5.44 48.79 11.89
CA SER A 487 6.20 48.47 13.09
C SER A 487 6.83 47.09 12.99
N GLY A 488 6.03 46.07 12.71
CA GLY A 488 6.57 44.74 12.53
C GLY A 488 7.56 44.64 11.40
N TRP A 489 7.46 45.54 10.42
CA TRP A 489 8.41 45.58 9.32
C TRP A 489 9.33 46.79 9.36
N GLY A 490 9.01 47.80 10.17
CA GLY A 490 9.81 49.01 10.21
C GLY A 490 10.79 49.07 11.36
N ILE A 491 10.35 48.76 12.58
CA ILE A 491 11.26 48.75 13.72
C ILE A 491 12.41 47.77 13.53
N PRO A 492 12.20 46.53 13.06
CA PRO A 492 13.37 45.67 12.78
C PRO A 492 14.34 46.29 11.81
N ALA A 493 13.84 47.03 10.81
CA ALA A 493 14.73 47.74 9.90
C ALA A 493 15.56 48.78 10.64
N LEU A 494 14.95 49.53 11.55
CA LEU A 494 15.69 50.53 12.31
C LEU A 494 16.72 49.89 13.22
N LEU A 495 16.36 48.79 13.87
CA LEU A 495 17.30 48.10 14.76
C LEU A 495 18.48 47.53 13.98
N VAL A 496 18.21 46.91 12.82
CA VAL A 496 19.33 46.39 12.04
C VAL A 496 20.16 47.53 11.46
N GLY A 497 19.54 48.67 11.18
CA GLY A 497 20.31 49.82 10.69
C GLY A 497 21.25 50.37 11.74
N VAL A 498 20.75 50.61 12.95
CA VAL A 498 21.62 51.09 14.01
C VAL A 498 22.66 50.04 14.34
N LEU A 499 22.32 48.75 14.17
CA LEU A 499 23.30 47.69 14.35
C LEU A 499 24.42 47.80 13.32
N LEU A 500 24.08 48.03 12.05
CA LEU A 500 25.13 48.06 11.02
C LEU A 500 25.95 49.34 11.07
N ILE A 501 25.38 50.44 11.60
CA ILE A 501 26.15 51.67 11.68
C ILE A 501 27.32 51.53 12.64
N THR A 502 27.08 51.00 13.83
CA THR A 502 28.13 50.81 14.83
C THR A 502 28.56 49.35 14.87
N GLY A 503 29.37 49.00 15.86
CA GLY A 503 29.85 47.65 16.05
C GLY A 503 31.22 47.45 15.42
N LYS A 504 31.81 46.30 15.73
CA LYS A 504 33.13 45.93 15.24
C LYS A 504 32.95 44.68 14.36
N HIS A 505 32.58 44.91 13.11
CA HIS A 505 32.14 43.84 12.22
C HIS A 505 33.26 42.87 11.83
N ASN A 506 34.52 43.21 12.12
CA ASN A 506 35.61 42.32 11.79
C ASN A 506 35.59 41.07 12.66
N GLY A 507 36.16 39.99 12.13
CA GLY A 507 36.20 38.72 12.85
C GLY A 507 35.65 37.61 11.97
N ASP A 508 36.46 36.57 11.80
CA ASP A 508 36.08 35.43 10.97
C ASP A 508 35.07 34.57 11.73
N SER A 509 33.81 35.01 11.69
CA SER A 509 32.72 34.33 12.38
C SER A 509 31.84 33.64 11.36
N ILE A 510 31.62 32.34 11.55
CA ILE A 510 30.78 31.57 10.64
C ILE A 510 29.31 31.81 10.91
N ASP A 511 28.91 31.73 12.18
CA ASP A 511 27.51 31.88 12.55
C ASP A 511 27.05 33.31 12.33
N SER A 512 25.75 33.45 12.01
CA SER A 512 25.18 34.77 11.83
C SER A 512 25.12 35.54 13.14
N ALA A 513 24.99 34.83 14.26
CA ALA A 513 24.85 35.45 15.57
C ALA A 513 26.05 36.30 15.94
N PHE A 514 27.26 35.85 15.57
CA PHE A 514 28.48 36.52 15.95
C PHE A 514 29.15 37.26 14.79
N PHE A 515 28.40 37.58 13.72
CA PHE A 515 29.03 38.20 12.57
C PHE A 515 29.58 39.59 12.91
N TYR A 516 28.81 40.40 13.64
CA TYR A 516 29.27 41.72 14.02
C TYR A 516 29.94 41.74 15.39
N GLY A 517 29.46 40.96 16.33
CA GLY A 517 30.11 40.83 17.62
C GLY A 517 29.12 41.09 18.74
N LYS A 518 29.66 41.54 19.87
CA LYS A 518 28.86 41.69 21.08
C LYS A 518 27.72 42.68 20.90
N GLU A 519 27.97 43.75 20.14
CA GLU A 519 26.91 44.73 19.88
C GLU A 519 25.73 44.07 19.17
N GLN A 520 26.02 43.17 18.23
CA GLN A 520 24.96 42.46 17.52
C GLN A 520 24.17 41.56 18.46
N MET A 521 24.87 40.83 19.33
CA MET A 521 24.17 39.96 20.27
C MET A 521 23.39 40.76 21.30
N ILE A 522 23.95 41.87 21.76
CA ILE A 522 23.19 42.75 22.66
C ILE A 522 21.96 43.28 21.94
N THR A 523 22.11 43.69 20.68
CA THR A 523 20.97 44.13 19.90
C THR A 523 19.93 43.02 19.75
N THR A 524 20.39 41.79 19.49
CA THR A 524 19.46 40.68 19.39
C THR A 524 18.71 40.45 20.70
N ALA A 525 19.40 40.61 21.83
CA ALA A 525 18.79 40.36 23.12
C ALA A 525 17.65 41.33 23.40
N VAL A 526 17.88 42.63 23.18
CA VAL A 526 16.83 43.62 23.47
C VAL A 526 15.69 43.48 22.48
N THR A 527 16.01 43.27 21.20
CA THR A 527 14.98 43.05 20.20
C THR A 527 14.23 41.75 20.44
N LEU A 528 14.82 40.83 21.19
CA LEU A 528 14.13 39.61 21.60
C LEU A 528 13.21 39.89 22.80
N PHE A 529 13.76 40.51 23.84
CA PHE A 529 13.04 40.65 25.11
C PHE A 529 11.73 41.39 24.96
N CYS A 530 11.68 42.39 24.07
CA CYS A 530 10.47 43.19 23.93
C CYS A 530 9.29 42.32 23.52
N SER A 531 9.45 41.53 22.46
CA SER A 531 8.35 40.71 21.97
C SER A 531 7.90 39.70 23.03
N ILE A 532 8.84 39.09 23.73
CA ILE A 532 8.51 38.24 24.87
C ILE A 532 7.78 39.03 25.95
N LEU A 533 8.17 40.28 26.17
CA LEU A 533 7.40 41.14 27.06
C LEU A 533 5.99 41.38 26.52
N ILE A 534 5.88 41.68 25.22
CA ILE A 534 4.57 41.80 24.60
C ILE A 534 3.82 40.49 24.65
N ALA A 535 4.49 39.37 24.34
CA ALA A 535 3.84 38.07 24.41
C ALA A 535 3.46 37.72 25.84
N GLY A 536 4.31 38.06 26.80
CA GLY A 536 4.07 37.71 28.19
C GLY A 536 2.95 38.48 28.87
N ILE A 537 2.44 39.54 28.26
CA ILE A 537 1.36 40.33 28.81
C ILE A 537 0.06 40.11 28.05
N SER A 538 0.13 40.07 26.72
CA SER A 538 -1.07 39.98 25.90
C SER A 538 -1.82 38.67 26.13
N LEU A 539 -1.08 37.56 26.25
CA LEU A 539 -1.74 36.27 26.43
C LEU A 539 -2.43 36.19 27.80
N MET A 540 -1.87 36.85 28.81
CA MET A 540 -2.51 36.86 30.12
C MET A 540 -3.87 37.57 30.07
N CYS A 541 -3.92 38.73 29.41
CA CYS A 541 -5.19 39.42 29.25
C CYS A 541 -6.07 38.73 28.22
N MET A 542 -5.47 37.95 27.32
CA MET A 542 -6.26 37.12 26.41
C MET A 542 -7.12 36.14 27.19
N ASN A 543 -6.54 35.50 28.20
CA ASN A 543 -7.30 34.60 29.06
C ASN A 543 -8.25 35.37 29.97
N GLN A 544 -7.82 36.55 30.43
CA GLN A 544 -8.67 37.37 31.29
C GLN A 544 -9.91 37.83 30.56
N THR A 545 -9.77 38.27 29.30
CA THR A 545 -10.93 38.68 28.52
C THR A 545 -11.80 37.49 28.16
N ALA A 546 -11.20 36.37 27.79
CA ALA A 546 -11.94 35.18 27.42
C ALA A 546 -12.43 34.43 28.66
N HIS A 628 -45.82 28.66 -0.13
CA HIS A 628 -44.56 29.40 -0.13
C HIS A 628 -43.70 29.02 -1.33
N CYS A 629 -42.39 28.85 -1.09
CA CYS A 629 -41.45 28.53 -2.15
C CYS A 629 -40.87 27.13 -1.96
N VAL A 630 -40.31 26.60 -3.05
CA VAL A 630 -39.66 25.30 -3.03
C VAL A 630 -38.24 25.42 -3.55
N SER A 631 -38.08 26.06 -4.71
CA SER A 631 -36.78 26.25 -5.33
C SER A 631 -36.03 27.40 -4.68
N ARG A 632 -34.99 27.90 -5.36
CA ARG A 632 -34.23 29.05 -4.87
C ARG A 632 -35.16 30.17 -4.41
N CYS A 633 -34.85 30.74 -3.25
CA CYS A 633 -35.71 31.70 -2.59
C CYS A 633 -35.09 33.09 -2.65
N ASN A 634 -35.95 34.11 -2.55
CA ASN A 634 -35.51 35.50 -2.55
C ASN A 634 -34.70 35.78 -1.29
N SER A 635 -33.97 36.90 -1.28
CA SER A 635 -33.10 37.24 -0.15
C SER A 635 -33.88 37.30 1.16
N GLN A 636 -35.15 37.70 1.10
CA GLN A 636 -36.02 37.62 2.27
C GLN A 636 -36.58 36.21 2.45
N SER A 637 -36.96 35.56 1.34
CA SER A 637 -37.47 34.19 1.42
C SER A 637 -36.37 33.20 1.75
N CYS A 638 -35.10 33.54 1.51
CA CYS A 638 -33.97 32.73 1.92
C CYS A 638 -33.15 33.45 2.98
N ILE A 639 -33.83 34.16 3.90
CA ILE A 639 -33.13 34.92 4.92
C ILE A 639 -32.30 33.99 5.82
N LEU A 640 -32.71 32.73 5.95
CA LEU A 640 -31.92 31.78 6.72
C LEU A 640 -30.62 31.45 6.00
N ALA A 641 -30.63 31.46 4.67
CA ALA A 641 -29.38 31.36 3.91
C ALA A 641 -28.47 32.54 4.21
N GLN A 642 -29.02 33.74 4.35
CA GLN A 642 -28.23 34.87 4.79
C GLN A 642 -27.73 34.71 6.22
N GLU A 643 -28.51 34.09 7.10
CA GLU A 643 -28.04 33.84 8.46
C GLU A 643 -26.85 32.88 8.47
N GLU A 644 -26.92 31.79 7.71
CA GLU A 644 -25.78 30.88 7.66
C GLU A 644 -24.59 31.50 6.93
N GLU A 645 -24.85 32.38 5.96
CA GLU A 645 -23.78 33.14 5.32
C GLU A 645 -23.06 34.04 6.33
N GLN A 646 -23.83 34.75 7.14
CA GLN A 646 -23.25 35.58 8.20
C GLN A 646 -22.53 34.74 9.23
N TYR A 647 -23.01 33.53 9.48
CA TYR A 647 -22.28 32.61 10.35
C TYR A 647 -20.93 32.24 9.75
N LEU A 648 -20.89 31.99 8.44
CA LEU A 648 -19.63 31.64 7.78
C LEU A 648 -18.62 32.79 7.88
N GLN A 649 -19.06 34.02 7.58
CA GLN A 649 -18.14 35.16 7.77
C GLN A 649 -17.85 35.42 9.24
N SER A 650 -18.71 34.96 10.15
CA SER A 650 -18.33 34.93 11.56
C SER A 650 -17.18 33.97 11.79
N GLY A 651 -17.08 32.94 10.94
CA GLY A 651 -15.94 32.05 10.94
C GLY A 651 -14.82 32.59 10.09
N ASP A 652 -13.96 31.67 9.64
CA ASP A 652 -12.76 31.99 8.85
C ASP A 652 -11.82 32.93 9.59
N GLN A 653 -12.00 33.09 10.90
CA GLN A 653 -11.10 33.88 11.72
C GLN A 653 -10.05 33.04 12.43
N GLN A 654 -10.40 31.85 12.89
CA GLN A 654 -9.45 30.87 13.40
C GLN A 654 -8.59 31.47 14.51
N LEU A 655 -9.25 32.14 15.45
CA LEU A 655 -8.55 32.83 16.53
C LEU A 655 -7.74 31.86 17.39
N THR A 656 -8.34 30.70 17.71
CA THR A 656 -7.63 29.71 18.50
C THR A 656 -6.37 29.24 17.79
N ARG A 657 -6.43 29.09 16.47
CA ARG A 657 -5.25 28.73 15.70
C ARG A 657 -4.17 29.81 15.83
N HIS A 658 -4.57 31.08 15.77
CA HIS A 658 -3.60 32.17 15.88
C HIS A 658 -2.93 32.19 17.25
N VAL A 659 -3.71 32.02 18.33
CA VAL A 659 -3.11 32.08 19.65
C VAL A 659 -2.23 30.86 19.90
N LEU A 660 -2.64 29.69 19.39
CA LEU A 660 -1.81 28.50 19.53
C LEU A 660 -0.50 28.66 18.75
N LEU A 661 -0.58 29.27 17.56
CA LEU A 661 0.63 29.66 16.83
C LEU A 661 1.51 30.56 17.68
N CYS A 662 0.89 31.53 18.36
CA CYS A 662 1.64 32.45 19.20
C CYS A 662 2.36 31.71 20.32
N LEU A 663 1.68 30.74 20.95
CA LEU A 663 2.31 29.97 22.03
C LEU A 663 3.49 29.13 21.51
N LEU A 664 3.29 28.41 20.41
CA LEU A 664 4.39 27.59 19.90
C LEU A 664 5.53 28.44 19.39
N LEU A 665 5.28 29.72 19.09
CA LEU A 665 6.38 30.61 18.76
C LEU A 665 7.06 31.19 20.00
N ILE A 666 6.29 31.49 21.05
CA ILE A 666 6.91 32.13 22.21
C ILE A 666 7.73 31.10 22.97
N ILE A 667 7.44 29.81 22.81
CA ILE A 667 8.31 28.79 23.39
C ILE A 667 9.74 28.94 22.86
N GLY A 668 9.88 28.99 21.53
CA GLY A 668 11.18 29.22 20.95
C GLY A 668 11.73 30.59 21.23
N LEU A 669 10.85 31.59 21.39
CA LEU A 669 11.30 32.92 21.76
C LEU A 669 11.96 32.90 23.14
N PHE A 670 11.37 32.18 24.08
CA PHE A 670 11.97 32.01 25.41
C PHE A 670 13.28 31.26 25.32
N ALA A 671 13.35 30.24 24.47
CA ALA A 671 14.62 29.54 24.26
C ALA A 671 15.69 30.49 23.75
N ASN A 672 15.34 31.36 22.80
CA ASN A 672 16.29 32.33 22.28
C ASN A 672 16.72 33.33 23.36
N LEU A 673 15.75 33.77 24.18
CA LEU A 673 16.08 34.62 25.32
C LEU A 673 17.12 33.97 26.21
N SER A 674 16.87 32.72 26.58
CA SER A 674 17.79 32.02 27.47
C SER A 674 19.17 31.91 26.83
N SER A 675 19.22 31.54 25.55
CA SER A 675 20.51 31.39 24.87
C SER A 675 21.28 32.70 24.82
N CYS A 676 20.62 33.81 24.51
CA CYS A 676 21.36 35.06 24.41
C CYS A 676 21.77 35.61 25.76
N LEU A 677 20.88 35.54 26.76
CA LEU A 677 21.25 36.04 28.08
C LEU A 677 22.34 35.18 28.71
N TRP A 678 22.37 33.89 28.36
CA TRP A 678 23.43 33.03 28.86
C TRP A 678 24.80 33.49 28.38
N TRP A 679 24.91 33.86 27.10
CA TRP A 679 26.20 34.35 26.63
C TRP A 679 26.47 35.74 27.18
N LEU A 680 25.42 36.55 27.35
CA LEU A 680 25.62 37.90 27.87
C LEU A 680 26.19 37.88 29.29
N PHE A 681 25.63 37.04 30.16
CA PHE A 681 26.00 37.04 31.57
C PHE A 681 27.06 35.99 31.89
N ASN A 682 26.76 34.71 31.64
CA ASN A 682 27.71 33.65 31.97
C ASN A 682 28.97 33.74 31.12
N GLN A 683 28.81 34.00 29.83
CA GLN A 683 29.94 34.16 28.90
C GLN A 683 30.89 32.96 28.95
N GLU A 684 30.31 31.75 29.00
CA GLU A 684 31.09 30.53 29.02
C GLU A 684 30.36 29.43 28.26
N PRO A 685 30.96 28.87 27.22
CA PRO A 685 30.29 27.77 26.49
C PRO A 685 30.11 26.54 27.35
N GLY A 686 31.21 25.98 27.84
CA GLY A 686 31.20 24.83 28.74
C GLY A 686 30.33 23.67 28.33
N ARG A 687 30.00 23.58 27.03
CA ARG A 687 29.13 22.56 26.46
C ARG A 687 27.67 22.83 26.85
N LEU A 688 27.45 23.80 27.75
CA LEU A 688 26.09 24.18 28.09
C LEU A 688 25.49 25.13 27.07
N TYR A 689 26.34 25.86 26.34
CA TYR A 689 25.87 26.85 25.37
C TYR A 689 25.72 26.28 23.97
N VAL A 690 26.52 25.27 23.61
CA VAL A 690 26.48 24.73 22.26
C VAL A 690 25.12 24.12 21.98
N GLU A 691 24.56 23.38 22.94
CA GLU A 691 23.23 22.80 22.76
C GLU A 691 22.17 23.90 22.64
N LEU A 692 22.34 25.00 23.38
CA LEU A 692 21.42 26.12 23.25
C LEU A 692 21.56 26.80 21.90
N GLN A 693 22.79 26.90 21.41
CA GLN A 693 23.00 27.41 20.06
C GLN A 693 22.33 26.51 19.02
N PHE A 694 22.44 25.20 19.20
CA PHE A 694 21.78 24.27 18.28
C PHE A 694 20.27 24.44 18.33
N PHE A 695 19.71 24.61 19.53
CA PHE A 695 18.26 24.79 19.63
C PHE A 695 17.83 26.11 18.98
N CYS A 696 18.63 27.17 19.13
CA CYS A 696 18.31 28.43 18.46
C CYS A 696 18.37 28.26 16.94
N ALA A 697 19.39 27.56 16.45
CA ALA A 697 19.48 27.33 15.01
C ALA A 697 18.30 26.50 14.50
N VAL A 698 17.84 25.54 15.30
CA VAL A 698 16.68 24.75 14.91
C VAL A 698 15.41 25.58 14.89
N PHE A 699 15.18 26.38 15.94
CA PHE A 699 13.93 27.14 16.05
C PHE A 699 13.85 28.30 15.07
N ASN A 700 14.92 29.09 14.96
CA ASN A 700 14.86 30.32 14.17
C ASN A 700 14.55 30.05 12.72
N PHE A 701 15.21 29.05 12.12
CA PHE A 701 14.99 28.68 10.74
C PHE A 701 14.00 27.54 10.59
N GLY A 702 13.44 27.04 11.67
CA GLY A 702 12.49 25.95 11.62
C GLY A 702 11.07 26.36 11.94
N GLN A 703 10.87 27.62 12.31
CA GLN A 703 9.54 28.11 12.64
C GLN A 703 8.57 27.97 11.47
N GLY A 704 9.10 27.88 10.25
CA GLY A 704 8.24 27.62 9.11
C GLY A 704 7.52 26.28 9.23
N PHE A 705 8.15 25.29 9.86
CA PHE A 705 7.51 24.01 10.05
C PHE A 705 6.25 24.13 10.90
N ILE A 706 6.34 24.81 12.05
CA ILE A 706 5.15 25.01 12.86
C ILE A 706 4.12 25.87 12.15
N SER A 707 4.56 26.94 11.46
CA SER A 707 3.60 27.78 10.75
C SER A 707 2.83 27.01 9.70
N PHE A 708 3.53 26.15 8.94
CA PHE A 708 2.86 25.26 7.99
C PHE A 708 1.97 24.24 8.68
N GLY A 709 2.39 23.74 9.85
CA GLY A 709 1.60 22.77 10.56
C GLY A 709 0.30 23.29 11.13
N ILE A 710 0.23 24.59 11.43
CA ILE A 710 -1.02 25.16 11.95
C ILE A 710 -1.84 25.78 10.83
N PHE A 711 -1.18 26.25 9.77
CA PHE A 711 -1.91 26.96 8.72
C PHE A 711 -1.64 26.51 7.30
N GLY A 712 -0.62 25.68 7.04
CA GLY A 712 -0.41 25.19 5.69
C GLY A 712 -1.34 24.09 5.26
N LEU A 713 -2.03 23.46 6.22
CA LEU A 713 -2.96 22.36 5.94
C LEU A 713 -4.06 22.39 7.00
N ASP A 714 -5.17 23.04 6.68
CA ASP A 714 -6.32 23.16 7.57
C ASP A 714 -7.58 22.71 6.85
N LYS A 715 -8.70 22.73 7.57
CA LYS A 715 -10.00 22.40 7.01
C LYS A 715 -10.64 23.61 6.34
N HIS A 716 -9.90 24.24 5.42
CA HIS A 716 -10.36 25.41 4.71
C HIS A 716 -10.00 25.42 3.24
N LEU A 717 -9.27 24.42 2.74
CA LEU A 717 -8.89 24.33 1.34
C LEU A 717 -9.39 23.04 0.72
N ILE A 718 -10.50 22.50 1.25
CA ILE A 718 -11.01 21.22 0.75
C ILE A 718 -11.70 21.41 -0.59
N ILE A 719 -12.77 22.20 -0.62
CA ILE A 719 -13.53 22.43 -1.84
C ILE A 719 -13.74 23.91 -2.15
N LEU A 720 -13.68 24.80 -1.17
CA LEU A 720 -13.91 26.22 -1.44
C LEU A 720 -12.91 26.80 -2.44
N PRO A 721 -11.59 26.56 -2.30
CA PRO A 721 -10.66 27.03 -3.35
C PRO A 721 -10.60 26.07 -4.53
N PHE A 722 -10.83 24.78 -4.27
CA PHE A 722 -10.76 23.79 -5.34
C PHE A 722 -11.87 24.01 -6.36
N LYS A 723 -13.08 24.33 -5.90
CA LYS A 723 -14.19 24.55 -6.82
C LYS A 723 -13.93 25.76 -7.72
N ARG A 724 -13.44 26.86 -7.15
CA ARG A 724 -13.17 28.04 -7.96
C ARG A 724 -11.97 27.83 -8.87
N ARG A 725 -10.97 27.05 -8.44
CA ARG A 725 -9.86 26.72 -9.32
C ARG A 725 -10.32 25.91 -10.52
N LEU A 726 -11.18 24.91 -10.28
CA LEU A 726 -11.72 24.12 -11.38
C LEU A 726 -12.58 24.98 -12.30
N GLU A 727 -13.37 25.89 -11.72
CA GLU A 727 -14.20 26.78 -12.52
C GLU A 727 -13.34 27.70 -13.39
N PHE A 728 -12.25 28.22 -12.84
CA PHE A 728 -11.36 29.07 -13.63
C PHE A 728 -10.69 28.27 -14.74
N LEU A 729 -10.27 27.04 -14.45
CA LEU A 729 -9.69 26.19 -15.49
C LEU A 729 -10.69 25.92 -16.59
N TRP A 730 -11.95 25.66 -16.23
CA TRP A 730 -12.99 25.44 -17.24
C TRP A 730 -13.25 26.70 -18.05
N ASN A 731 -13.33 27.86 -17.38
CA ASN A 731 -13.62 29.12 -18.07
C ASN A 731 -12.47 29.58 -18.95
N ASN A 732 -11.25 29.10 -18.70
CA ASN A 732 -10.15 29.40 -19.60
C ASN A 732 -10.41 28.90 -21.01
N LYS A 733 -11.24 27.88 -21.17
CA LYS A 733 -11.58 27.33 -22.48
C LYS A 733 -13.06 27.46 -22.82
N ASP A 734 -13.92 27.81 -21.86
CA ASP A 734 -15.36 27.87 -22.09
C ASP A 734 -15.76 29.02 -23.00
N THR A 735 -14.89 30.00 -23.23
CA THR A 735 -15.24 31.11 -24.12
C THR A 735 -15.48 30.62 -25.55
N ALA A 736 -14.66 29.69 -26.02
CA ALA A 736 -14.81 29.14 -27.36
C ALA A 736 -15.01 27.62 -27.39
N GLU A 737 -14.79 26.92 -26.28
CA GLU A 737 -14.96 25.48 -26.24
C GLU A 737 -15.66 25.05 -24.95
N GLU A 745 -22.02 6.83 -13.99
CA GLU A 745 -23.24 6.03 -13.84
C GLU A 745 -23.38 5.50 -12.42
N GLU A 746 -22.26 5.25 -11.75
CA GLU A 746 -22.32 4.85 -10.35
C GLU A 746 -23.04 5.90 -9.52
N ILE A 747 -22.85 7.18 -9.86
CA ILE A 747 -23.61 8.25 -9.23
C ILE A 747 -25.11 8.06 -9.48
N LYS A 748 -25.47 7.64 -10.70
CA LYS A 748 -26.88 7.47 -11.03
C LYS A 748 -27.50 6.32 -10.24
N MET A 749 -26.79 5.19 -10.12
CA MET A 749 -27.25 4.13 -9.21
C MET A 749 -27.37 4.60 -7.77
N THR A 750 -26.40 5.39 -7.28
CA THR A 750 -26.49 5.86 -5.90
C THR A 750 -27.70 6.76 -5.70
N CYS A 751 -27.95 7.66 -6.65
CA CYS A 751 -29.11 8.54 -6.57
C CYS A 751 -30.40 7.75 -6.66
N GLN A 752 -30.44 6.72 -7.52
CA GLN A 752 -31.60 5.87 -7.62
C GLN A 752 -31.88 5.16 -6.30
N GLN A 753 -30.83 4.67 -5.66
CA GLN A 753 -30.98 4.05 -4.35
C GLN A 753 -31.54 5.03 -3.34
N PHE A 754 -31.00 6.26 -3.34
CA PHE A 754 -31.46 7.26 -2.37
C PHE A 754 -32.93 7.62 -2.60
N ILE A 755 -33.35 7.72 -3.86
CA ILE A 755 -34.69 8.21 -4.13
C ILE A 755 -35.74 7.11 -4.02
N HIS A 756 -35.36 5.85 -4.28
CA HIS A 756 -36.29 4.73 -4.10
C HIS A 756 -36.23 4.10 -2.72
N TYR A 757 -35.26 4.45 -1.89
CA TYR A 757 -35.13 3.79 -0.59
C TYR A 757 -35.01 4.74 0.59
N HIS A 758 -34.44 5.94 0.43
CA HIS A 758 -34.13 6.79 1.57
C HIS A 758 -34.66 8.20 1.40
N ARG A 759 -35.82 8.34 0.76
CA ARG A 759 -36.54 9.62 0.70
C ARG A 759 -37.70 9.70 1.68
N ASP A 760 -38.36 8.57 1.98
CA ASP A 760 -39.43 8.52 2.95
C ASP A 760 -38.94 8.14 4.34
N LEU A 761 -37.63 8.22 4.58
CA LEU A 761 -37.00 7.89 5.85
C LEU A 761 -36.92 9.15 6.73
N CYS A 762 -36.13 9.06 7.81
CA CYS A 762 -36.04 10.12 8.82
C CYS A 762 -35.70 11.48 8.24
N ILE A 763 -35.38 11.54 6.94
CA ILE A 763 -35.15 12.83 6.29
C ILE A 763 -36.33 13.77 6.52
N ARG A 764 -37.54 13.20 6.67
CA ARG A 764 -38.75 14.00 6.85
C ARG A 764 -38.62 15.03 7.96
N ASN A 765 -37.97 14.66 9.07
CA ASN A 765 -37.66 15.67 10.07
C ASN A 765 -36.24 16.20 9.90
N ILE A 766 -35.38 15.47 9.17
CA ILE A 766 -34.06 16.01 8.87
C ILE A 766 -34.17 17.26 7.99
N VAL A 767 -35.01 17.23 6.97
CA VAL A 767 -35.18 18.37 6.08
C VAL A 767 -36.39 19.16 6.56
N LYS A 768 -36.17 20.42 6.92
CA LYS A 768 -37.23 21.33 7.33
C LYS A 768 -36.66 22.74 7.45
N GLU A 769 -37.49 23.72 7.10
CA GLU A 769 -37.09 25.12 7.15
C GLU A 769 -38.21 25.93 7.80
N ARG A 770 -37.85 26.72 8.81
CA ARG A 770 -38.79 27.61 9.46
C ARG A 770 -39.18 28.75 8.51
N ARG A 771 -40.31 29.40 8.82
CA ARG A 771 -40.79 30.50 8.00
C ARG A 771 -39.75 31.62 7.92
N CYS A 772 -39.18 31.81 6.72
CA CYS A 772 -38.15 32.82 6.52
C CYS A 772 -38.80 34.19 6.31
N GLY A 773 -39.30 34.73 7.41
CA GLY A 773 -39.99 36.00 7.39
C GLY A 773 -41.43 35.89 6.96
N ALA A 774 -41.66 35.69 5.66
CA ALA A 774 -43.02 35.53 5.15
C ALA A 774 -43.11 34.32 4.22
N LYS A 775 -42.02 34.02 3.51
CA LYS A 775 -41.97 32.92 2.57
C LYS A 775 -40.75 32.05 2.89
N THR A 776 -40.93 30.74 2.82
CA THR A 776 -39.88 29.80 3.19
C THR A 776 -39.79 28.68 2.16
N SER A 777 -38.61 28.06 2.10
CA SER A 777 -38.42 26.94 1.18
C SER A 777 -39.08 25.67 1.70
N ALA A 778 -39.00 25.43 3.01
CA ALA A 778 -39.52 24.23 3.68
C ALA A 778 -38.95 22.95 3.10
N GLY A 779 -37.86 23.02 2.34
CA GLY A 779 -37.25 21.85 1.75
C GLY A 779 -35.74 21.84 1.91
N THR A 780 -35.26 22.39 3.02
CA THR A 780 -33.84 22.53 3.29
C THR A 780 -33.42 21.75 4.53
N PHE A 781 -32.19 21.23 4.51
CA PHE A 781 -31.65 20.41 5.57
C PHE A 781 -30.23 20.85 5.90
N CYS A 782 -29.79 20.53 7.11
CA CYS A 782 -28.44 20.86 7.53
C CYS A 782 -27.44 19.81 7.06
N GLY A 783 -26.27 20.27 6.63
CA GLY A 783 -25.25 19.35 6.13
C GLY A 783 -24.70 18.43 7.20
N CYS A 784 -24.36 18.99 8.36
CA CYS A 784 -23.86 18.16 9.46
C CYS A 784 -24.94 17.20 9.95
N ASP A 785 -26.19 17.66 9.99
CA ASP A 785 -27.29 16.77 10.37
C ASP A 785 -27.45 15.64 9.36
N LEU A 786 -27.30 15.95 8.07
CA LEU A 786 -27.36 14.91 7.04
C LEU A 786 -26.23 13.91 7.20
N VAL A 787 -25.01 14.38 7.48
CA VAL A 787 -23.88 13.49 7.66
C VAL A 787 -24.11 12.59 8.87
N SER A 788 -24.59 13.16 9.97
CA SER A 788 -24.89 12.37 11.16
C SER A 788 -25.98 11.35 10.89
N TRP A 789 -27.02 11.73 10.14
CA TRP A 789 -28.08 10.79 9.79
C TRP A 789 -27.53 9.63 8.98
N LEU A 790 -26.70 9.93 7.98
CA LEU A 790 -26.11 8.87 7.16
C LEU A 790 -25.21 7.97 7.99
N ILE A 791 -24.47 8.53 8.93
CA ILE A 791 -23.62 7.71 9.81
C ILE A 791 -24.49 6.80 10.67
N GLU A 792 -25.56 7.34 11.24
CA GLU A 792 -26.36 6.56 12.18
C GLU A 792 -27.15 5.46 11.47
N VAL A 793 -27.64 5.72 10.25
CA VAL A 793 -28.37 4.67 9.54
C VAL A 793 -27.40 3.62 9.02
N GLY A 794 -26.20 4.02 8.64
CA GLY A 794 -25.22 3.10 8.10
C GLY A 794 -25.08 3.11 6.59
N LEU A 795 -25.76 4.02 5.90
CA LEU A 795 -25.61 4.11 4.45
C LEU A 795 -24.18 4.47 4.06
N ALA A 796 -23.48 5.20 4.93
CA ALA A 796 -22.07 5.50 4.77
C ALA A 796 -21.30 4.92 5.95
N SER A 797 -19.97 5.09 5.91
CA SER A 797 -19.11 4.59 6.97
C SER A 797 -18.86 5.63 8.05
N ASP A 798 -18.28 6.77 7.68
CA ASP A 798 -17.94 7.83 8.61
C ASP A 798 -18.27 9.17 7.96
N ARG A 799 -17.74 10.25 8.52
CA ARG A 799 -18.01 11.58 7.98
C ARG A 799 -17.47 11.71 6.55
N GLY A 800 -16.30 11.15 6.29
CA GLY A 800 -15.74 11.22 4.94
C GLY A 800 -16.59 10.50 3.91
N GLU A 801 -17.01 9.27 4.24
CA GLU A 801 -17.89 8.54 3.33
C GLU A 801 -19.23 9.25 3.19
N ALA A 802 -19.72 9.85 4.28
CA ALA A 802 -20.99 10.57 4.21
C ALA A 802 -20.89 11.79 3.28
N VAL A 803 -19.79 12.54 3.36
CA VAL A 803 -19.66 13.70 2.49
C VAL A 803 -19.38 13.26 1.05
N ILE A 804 -18.73 12.13 0.84
CA ILE A 804 -18.59 11.60 -0.52
C ILE A 804 -19.96 11.25 -1.08
N TYR A 805 -20.80 10.60 -0.27
CA TYR A 805 -22.17 10.29 -0.69
C TYR A 805 -22.94 11.56 -1.00
N GLY A 806 -22.80 12.58 -0.15
CA GLY A 806 -23.51 13.83 -0.38
C GLY A 806 -23.04 14.54 -1.65
N ASP A 807 -21.74 14.55 -1.90
CA ASP A 807 -21.22 15.16 -3.13
C ASP A 807 -21.73 14.41 -4.35
N ARG A 808 -21.75 13.08 -4.30
CA ARG A 808 -22.30 12.30 -5.41
C ARG A 808 -23.77 12.64 -5.62
N LEU A 809 -24.55 12.71 -4.54
CA LEU A 809 -25.98 12.98 -4.67
C LEU A 809 -26.22 14.40 -5.20
N VAL A 810 -25.35 15.34 -4.83
CA VAL A 810 -25.41 16.68 -5.41
C VAL A 810 -25.15 16.62 -6.91
N GLN A 811 -24.13 15.86 -7.30
CA GLN A 811 -23.82 15.68 -8.72
C GLN A 811 -24.97 15.04 -9.49
N GLY A 812 -25.85 14.31 -8.79
CA GLY A 812 -27.00 13.70 -9.41
C GLY A 812 -28.22 14.59 -9.52
N GLY A 813 -28.11 15.86 -9.15
CA GLY A 813 -29.24 16.77 -9.26
C GLY A 813 -30.33 16.56 -8.24
N VAL A 814 -29.99 15.95 -7.10
CA VAL A 814 -30.95 15.70 -6.04
C VAL A 814 -30.77 16.66 -4.87
N ILE A 815 -29.53 17.02 -4.55
CA ILE A 815 -29.23 17.91 -3.43
C ILE A 815 -28.52 19.14 -3.97
N GLN A 816 -28.98 20.32 -3.56
CA GLN A 816 -28.33 21.57 -3.94
C GLN A 816 -28.58 22.58 -2.84
N HIS A 817 -27.70 23.58 -2.76
CA HIS A 817 -27.88 24.65 -1.79
C HIS A 817 -29.13 25.46 -2.11
N ILE A 818 -29.74 25.99 -1.06
CA ILE A 818 -30.94 26.80 -1.21
C ILE A 818 -30.70 28.05 -2.05
N THR A 819 -29.47 28.55 -2.09
CA THR A 819 -29.13 29.71 -2.89
C THR A 819 -28.03 29.41 -3.91
N ASN A 820 -27.51 28.19 -3.94
CA ASN A 820 -26.47 27.74 -4.87
C ASN A 820 -25.15 28.47 -4.68
N GLU A 821 -25.02 29.26 -3.61
CA GLU A 821 -23.78 30.01 -3.39
C GLU A 821 -22.63 29.08 -3.00
N TYR A 822 -22.91 28.06 -2.19
CA TYR A 822 -21.87 27.18 -1.66
C TYR A 822 -22.17 25.74 -2.03
N GLU A 823 -21.10 24.99 -2.32
CA GLU A 823 -21.21 23.56 -2.54
C GLU A 823 -21.46 22.85 -1.22
N PHE A 824 -22.05 21.65 -1.32
CA PHE A 824 -22.35 20.87 -0.12
C PHE A 824 -21.08 20.54 0.65
N ARG A 825 -21.13 20.72 1.96
CA ARG A 825 -19.98 20.45 2.82
C ARG A 825 -20.47 20.08 4.20
N ASP A 826 -19.57 19.50 5.01
CA ASP A 826 -19.86 19.16 6.39
C ASP A 826 -19.73 20.43 7.23
N GLU A 827 -20.74 21.28 7.12
CA GLU A 827 -20.76 22.57 7.79
C GLU A 827 -22.20 22.93 8.09
N TYR A 828 -22.39 23.94 8.94
CA TYR A 828 -23.71 24.41 9.31
C TYR A 828 -24.31 25.24 8.17
N LEU A 829 -24.42 24.60 7.01
CA LEU A 829 -24.98 25.21 5.81
C LEU A 829 -26.23 24.45 5.39
N PHE A 830 -27.16 25.18 4.80
CA PHE A 830 -28.54 24.73 4.69
C PHE A 830 -28.85 24.49 3.22
N TYR A 831 -29.07 23.23 2.84
CA TYR A 831 -29.14 22.82 1.43
C TYR A 831 -30.52 22.30 1.11
N ARG A 832 -31.01 22.62 -0.09
CA ARG A 832 -32.32 22.15 -0.52
C ARG A 832 -32.26 20.71 -1.02
N PHE A 833 -33.40 20.02 -0.93
CA PHE A 833 -33.55 18.67 -1.45
C PHE A 833 -34.13 18.61 -2.86
N LEU A 834 -34.42 19.76 -3.46
CA LEU A 834 -34.93 19.83 -4.83
C LEU A 834 -36.13 18.93 -5.02
N GLN A 835 -36.04 17.99 -5.96
CA GLN A 835 -37.12 17.05 -6.23
C GLN A 835 -36.79 15.65 -5.71
N PRO B 34 28.92 -17.97 -20.16
CA PRO B 34 27.73 -17.82 -19.32
C PRO B 34 26.46 -17.58 -20.12
N PRO B 35 25.34 -18.10 -19.65
CA PRO B 35 24.06 -17.86 -20.35
C PRO B 35 23.64 -16.40 -20.28
N SER B 36 22.96 -15.97 -21.34
CA SER B 36 22.53 -14.58 -21.43
C SER B 36 21.47 -14.22 -20.39
N MET B 37 20.69 -15.18 -19.94
CA MET B 37 19.64 -14.95 -18.96
C MET B 37 19.84 -15.88 -17.77
N SER B 38 19.66 -15.34 -16.57
CA SER B 38 19.79 -16.11 -15.34
C SER B 38 18.56 -17.00 -15.21
N ILE B 39 18.60 -18.13 -15.94
CA ILE B 39 17.45 -19.01 -16.01
C ILE B 39 17.21 -19.70 -14.67
N THR B 40 18.28 -20.06 -13.96
CA THR B 40 18.14 -20.79 -12.71
C THR B 40 17.43 -19.96 -11.64
N ARG B 41 17.46 -18.64 -11.75
CA ARG B 41 16.76 -17.76 -10.82
C ARG B 41 15.36 -17.40 -11.29
N LEU B 42 14.94 -17.88 -12.46
CA LEU B 42 13.63 -17.50 -12.98
C LEU B 42 12.51 -18.10 -12.14
N PHE B 43 12.64 -19.37 -11.75
CA PHE B 43 11.54 -20.03 -11.05
C PHE B 43 11.21 -19.39 -9.70
N PRO B 44 12.16 -19.12 -8.80
CA PRO B 44 11.77 -18.47 -7.54
C PRO B 44 11.08 -17.13 -7.75
N ALA B 45 11.57 -16.34 -8.70
CA ALA B 45 10.96 -15.03 -8.96
C ALA B 45 9.51 -15.18 -9.39
N LEU B 46 9.23 -16.15 -10.28
CA LEU B 46 7.85 -16.48 -10.58
C LEU B 46 7.09 -16.86 -9.31
N LEU B 47 7.69 -17.72 -8.50
CA LEU B 47 7.09 -18.05 -7.20
C LEU B 47 6.97 -16.81 -6.34
N GLU B 48 7.87 -15.84 -6.51
CA GLU B 48 7.73 -14.57 -5.80
C GLU B 48 6.50 -13.81 -6.28
N CYS B 49 6.26 -13.81 -7.59
CA CYS B 49 5.15 -13.01 -8.12
C CYS B 49 3.82 -13.74 -7.96
N PHE B 50 3.67 -14.87 -8.65
CA PHE B 50 2.42 -15.62 -8.61
C PHE B 50 2.15 -16.23 -7.25
N GLY B 51 3.15 -16.25 -6.36
CA GLY B 51 2.86 -16.55 -4.96
C GLY B 51 2.14 -15.39 -4.28
N ILE B 52 2.72 -14.19 -4.37
CA ILE B 52 2.10 -13.02 -3.75
C ILE B 52 0.73 -12.77 -4.35
N VAL B 53 0.62 -12.92 -5.67
CA VAL B 53 -0.69 -12.85 -6.32
C VAL B 53 -1.65 -13.84 -5.69
N LEU B 54 -1.19 -15.08 -5.48
CA LEU B 54 -2.02 -16.05 -4.79
C LEU B 54 -2.34 -15.59 -3.37
N CYS B 55 -1.36 -14.97 -2.70
CA CYS B 55 -1.64 -14.38 -1.39
C CYS B 55 -2.75 -13.35 -1.48
N GLY B 56 -2.78 -12.57 -2.57
CA GLY B 56 -3.86 -11.63 -2.76
C GLY B 56 -5.17 -12.29 -3.11
N TYR B 57 -5.13 -13.52 -3.62
CA TYR B 57 -6.36 -14.23 -3.98
C TYR B 57 -7.06 -14.75 -2.73
N ILE B 58 -6.39 -15.63 -1.97
CA ILE B 58 -7.01 -16.22 -0.80
C ILE B 58 -7.31 -15.18 0.26
N ALA B 59 -6.58 -14.07 0.28
CA ALA B 59 -6.94 -12.96 1.17
C ALA B 59 -8.29 -12.38 0.79
N GLY B 60 -8.54 -12.21 -0.52
CA GLY B 60 -9.83 -11.75 -0.96
C GLY B 60 -10.88 -12.82 -1.05
N ARG B 61 -10.47 -14.08 -1.22
CA ARG B 61 -11.44 -15.17 -1.27
C ARG B 61 -11.98 -15.49 0.11
N ALA B 62 -11.15 -15.42 1.14
CA ALA B 62 -11.55 -15.64 2.52
C ALA B 62 -12.16 -14.39 3.15
N ASN B 63 -12.47 -13.38 2.34
CA ASN B 63 -13.11 -12.14 2.78
C ASN B 63 -12.28 -11.40 3.83
N VAL B 64 -10.98 -11.63 3.87
CA VAL B 64 -10.11 -10.83 4.73
C VAL B 64 -10.10 -9.38 4.26
N ILE B 65 -10.02 -9.17 2.95
CA ILE B 65 -10.05 -7.84 2.34
C ILE B 65 -11.15 -7.85 1.31
N THR B 66 -12.24 -7.12 1.57
CA THR B 66 -13.40 -7.15 0.70
C THR B 66 -13.14 -6.31 -0.55
N SER B 67 -14.18 -6.14 -1.38
CA SER B 67 -14.03 -5.39 -2.62
C SER B 67 -13.74 -3.92 -2.33
N THR B 68 -14.48 -3.32 -1.40
CA THR B 68 -14.24 -1.92 -1.06
C THR B 68 -12.91 -1.74 -0.34
N GLN B 69 -12.53 -2.70 0.50
CA GLN B 69 -11.27 -2.61 1.23
C GLN B 69 -10.08 -2.59 0.28
N ALA B 70 -10.19 -3.26 -0.85
CA ALA B 70 -9.10 -3.30 -1.82
C ALA B 70 -8.87 -1.97 -2.51
N LYS B 71 -9.85 -1.06 -2.47
CA LYS B 71 -9.71 0.20 -3.18
C LYS B 71 -8.64 1.08 -2.57
N GLY B 72 -8.46 1.03 -1.25
CA GLY B 72 -7.37 1.77 -0.63
C GLY B 72 -6.01 1.30 -1.11
N LEU B 73 -5.82 -0.02 -1.19
CA LEU B 73 -4.58 -0.56 -1.71
C LEU B 73 -4.39 -0.17 -3.17
N GLY B 74 -5.46 -0.21 -3.97
CA GLY B 74 -5.35 0.17 -5.36
C GLY B 74 -4.96 1.63 -5.52
N ASN B 75 -5.58 2.51 -4.75
CA ASN B 75 -5.22 3.93 -4.81
C ASN B 75 -3.79 4.16 -4.36
N PHE B 76 -3.35 3.47 -3.31
CA PHE B 76 -1.98 3.64 -2.83
C PHE B 76 -0.98 3.19 -3.88
N VAL B 77 -1.25 2.08 -4.56
CA VAL B 77 -0.29 1.58 -5.54
C VAL B 77 -0.37 2.32 -6.87
N SER B 78 -1.50 2.93 -7.21
CA SER B 78 -1.64 3.60 -8.48
C SER B 78 -1.32 5.10 -8.43
N ARG B 79 -1.48 5.75 -7.28
CA ARG B 79 -1.28 7.18 -7.18
C ARG B 79 -0.07 7.57 -6.35
N PHE B 80 0.49 6.67 -5.55
CA PHE B 80 1.64 6.99 -4.72
C PHE B 80 2.84 6.09 -4.97
N ALA B 81 2.61 4.79 -5.18
CA ALA B 81 3.73 3.85 -5.36
C ALA B 81 4.25 3.89 -6.79
N LEU B 82 3.37 3.64 -7.76
CA LEU B 82 3.80 3.63 -9.16
C LEU B 82 4.32 4.98 -9.63
N PRO B 83 3.66 6.12 -9.37
CA PRO B 83 4.25 7.39 -9.79
C PRO B 83 5.63 7.64 -9.22
N ALA B 84 5.85 7.30 -7.94
CA ALA B 84 7.17 7.46 -7.35
C ALA B 84 8.19 6.53 -8.00
N LEU B 85 7.78 5.30 -8.32
CA LEU B 85 8.68 4.37 -9.00
C LEU B 85 9.10 4.91 -10.36
N LEU B 86 8.13 5.40 -11.13
CA LEU B 86 8.45 5.96 -12.45
C LEU B 86 9.36 7.18 -12.32
N PHE B 87 9.04 8.07 -11.38
CA PHE B 87 9.83 9.28 -11.18
C PHE B 87 11.28 8.91 -10.84
N LYS B 88 11.47 8.05 -9.84
CA LYS B 88 12.81 7.69 -9.42
C LYS B 88 13.58 6.96 -10.51
N ASN B 89 12.94 6.03 -11.21
CA ASN B 89 13.64 5.23 -12.21
C ASN B 89 13.90 5.98 -13.51
N MET B 90 13.15 7.07 -13.76
CA MET B 90 13.28 7.76 -15.03
C MET B 90 14.10 9.05 -14.90
N VAL B 91 14.07 9.68 -13.72
CA VAL B 91 14.95 10.83 -13.50
C VAL B 91 16.40 10.42 -13.59
N VAL B 92 16.76 9.30 -12.97
CA VAL B 92 18.13 8.78 -13.05
C VAL B 92 18.40 8.06 -14.36
N LEU B 93 17.37 7.80 -15.18
CA LEU B 93 17.54 7.07 -16.42
C LEU B 93 18.38 7.89 -17.39
N ASN B 94 19.34 7.23 -18.05
CA ASN B 94 20.22 7.89 -19.01
C ASN B 94 19.65 7.68 -20.41
N PHE B 95 19.25 8.76 -21.07
CA PHE B 95 18.68 8.68 -22.41
C PHE B 95 19.74 8.65 -23.50
N SER B 96 21.00 8.94 -23.17
CA SER B 96 22.07 8.94 -24.14
C SER B 96 22.81 7.61 -24.21
N ASN B 97 22.40 6.62 -23.42
CA ASN B 97 23.01 5.29 -23.40
C ASN B 97 21.92 4.24 -23.58
N VAL B 98 21.05 4.45 -24.56
CA VAL B 98 19.92 3.56 -24.84
C VAL B 98 20.08 3.01 -26.25
N ASP B 99 19.97 1.70 -26.38
CA ASP B 99 19.91 1.07 -27.70
C ASP B 99 18.51 1.34 -28.25
N TRP B 100 18.40 2.46 -28.97
CA TRP B 100 17.09 2.96 -29.40
C TRP B 100 16.44 2.00 -30.39
N SER B 101 17.22 1.35 -31.23
CA SER B 101 16.68 0.58 -32.35
C SER B 101 15.74 -0.53 -31.86
N PHE B 102 16.12 -1.23 -30.80
CA PHE B 102 15.27 -2.30 -30.28
C PHE B 102 13.98 -1.77 -29.67
N LEU B 103 14.05 -0.60 -29.03
CA LEU B 103 12.83 0.03 -28.53
C LEU B 103 11.91 0.39 -29.70
N TYR B 104 12.46 0.99 -30.75
CA TYR B 104 11.68 1.22 -31.96
C TYR B 104 11.07 -0.08 -32.48
N SER B 105 11.85 -1.17 -32.44
CA SER B 105 11.38 -2.45 -32.98
C SER B 105 10.18 -2.96 -32.21
N ILE B 106 10.21 -2.87 -30.88
CA ILE B 106 9.05 -3.29 -30.11
C ILE B 106 7.85 -2.40 -30.42
N LEU B 107 8.06 -1.09 -30.55
CA LEU B 107 6.90 -0.26 -30.91
C LEU B 107 6.33 -0.61 -32.27
N ILE B 108 7.18 -0.90 -33.26
CA ILE B 108 6.65 -1.31 -34.57
C ILE B 108 5.93 -2.64 -34.47
N ALA B 109 6.44 -3.59 -33.68
CA ALA B 109 5.74 -4.87 -33.54
C ALA B 109 4.38 -4.70 -32.87
N LYS B 110 4.33 -3.90 -31.80
CA LYS B 110 3.07 -3.62 -31.13
C LYS B 110 2.11 -2.90 -32.07
N ALA B 111 2.60 -1.95 -32.86
CA ALA B 111 1.75 -1.25 -33.81
C ALA B 111 1.25 -2.19 -34.90
N SER B 112 2.08 -3.16 -35.31
CA SER B 112 1.65 -4.13 -36.31
C SER B 112 0.52 -5.00 -35.77
N VAL B 113 0.67 -5.49 -34.55
CA VAL B 113 -0.40 -6.28 -33.94
C VAL B 113 -1.65 -5.42 -33.76
N PHE B 114 -1.46 -4.17 -33.35
CA PHE B 114 -2.55 -3.20 -33.27
C PHE B 114 -3.30 -3.10 -34.58
N PHE B 115 -2.57 -2.88 -35.68
CA PHE B 115 -3.18 -2.73 -36.99
C PHE B 115 -3.94 -3.99 -37.39
N ILE B 116 -3.31 -5.15 -37.20
CA ILE B 116 -3.93 -6.41 -37.61
C ILE B 116 -5.21 -6.65 -36.84
N VAL B 117 -5.16 -6.54 -35.51
CA VAL B 117 -6.34 -6.79 -34.70
C VAL B 117 -7.43 -5.78 -35.00
N CYS B 118 -7.06 -4.51 -35.16
CA CYS B 118 -8.06 -3.47 -35.42
C CYS B 118 -8.78 -3.72 -36.74
N VAL B 119 -8.02 -3.99 -37.81
CA VAL B 119 -8.67 -4.19 -39.10
C VAL B 119 -9.49 -5.48 -39.10
N LEU B 120 -8.99 -6.54 -38.46
CA LEU B 120 -9.73 -7.79 -38.43
C LEU B 120 -11.03 -7.65 -37.64
N THR B 121 -10.99 -6.91 -36.53
CA THR B 121 -12.21 -6.66 -35.76
C THR B 121 -13.18 -5.80 -36.55
N LEU B 122 -12.67 -4.82 -37.30
CA LEU B 122 -13.55 -3.97 -38.09
C LEU B 122 -14.23 -4.74 -39.21
N LEU B 123 -13.51 -5.65 -39.87
CA LEU B 123 -14.10 -6.40 -40.98
C LEU B 123 -15.25 -7.29 -40.50
N VAL B 124 -15.06 -8.01 -39.40
CA VAL B 124 -16.07 -8.92 -38.88
C VAL B 124 -16.41 -8.50 -37.46
N ALA B 125 -17.64 -8.02 -37.26
CA ALA B 125 -18.17 -7.63 -35.97
C ALA B 125 -19.62 -7.23 -36.15
N SER B 126 -20.37 -7.25 -35.04
CA SER B 126 -21.73 -6.74 -35.06
C SER B 126 -21.71 -5.24 -35.31
N PRO B 127 -22.61 -4.68 -36.13
CA PRO B 127 -22.53 -3.26 -36.46
C PRO B 127 -23.09 -2.37 -35.35
N ASP B 128 -23.58 -2.94 -34.25
CA ASP B 128 -24.07 -2.16 -33.12
C ASP B 128 -22.99 -1.89 -32.08
N SER B 129 -21.93 -2.71 -32.04
CA SER B 129 -20.84 -2.53 -31.11
C SER B 129 -19.49 -2.81 -31.77
N ARG B 130 -19.39 -2.59 -33.08
CA ARG B 130 -18.14 -2.85 -33.79
C ARG B 130 -17.03 -1.94 -33.30
N PHE B 131 -17.34 -0.66 -33.08
CA PHE B 131 -16.31 0.30 -32.69
C PHE B 131 -15.74 -0.02 -31.32
N SER B 132 -16.60 -0.39 -30.36
CA SER B 132 -16.12 -0.76 -29.04
C SER B 132 -15.23 -2.00 -29.11
N LYS B 133 -15.63 -3.00 -29.90
CA LYS B 133 -14.83 -4.21 -30.03
C LYS B 133 -13.52 -3.93 -30.74
N ALA B 134 -13.49 -2.97 -31.65
CA ALA B 134 -12.26 -2.60 -32.34
C ALA B 134 -11.40 -1.63 -31.55
N GLY B 135 -11.93 -1.06 -30.47
CA GLY B 135 -11.15 -0.15 -29.65
C GLY B 135 -10.51 -0.81 -28.44
N LEU B 136 -11.13 -1.88 -27.93
CA LEU B 136 -10.67 -2.56 -26.73
C LEU B 136 -9.86 -3.81 -27.01
N PHE B 137 -10.21 -4.56 -28.04
CA PHE B 137 -9.46 -5.78 -28.35
C PHE B 137 -8.00 -5.51 -28.71
N PRO B 138 -7.68 -4.56 -29.59
CA PRO B 138 -6.26 -4.41 -29.96
C PRO B 138 -5.37 -3.93 -28.82
N ILE B 139 -5.88 -3.07 -27.93
CA ILE B 139 -5.08 -2.65 -26.79
C ILE B 139 -4.89 -3.82 -25.82
N PHE B 140 -5.89 -4.71 -25.73
CA PHE B 140 -5.74 -5.93 -24.95
C PHE B 140 -4.57 -6.76 -25.44
N ALA B 141 -4.32 -6.77 -26.74
CA ALA B 141 -3.26 -7.58 -27.32
C ALA B 141 -1.92 -6.87 -27.38
N THR B 142 -1.83 -5.63 -26.88
CA THR B 142 -0.58 -4.88 -26.98
C THR B 142 -0.09 -4.42 -25.61
N GLN B 143 -1.02 -4.10 -24.70
CA GLN B 143 -0.64 -3.65 -23.37
C GLN B 143 -0.33 -4.85 -22.48
N SER B 144 0.75 -4.73 -21.73
CA SER B 144 1.25 -5.83 -20.91
C SER B 144 1.45 -5.38 -19.46
N ASN B 145 1.28 -6.31 -18.53
CA ASN B 145 1.48 -6.06 -17.11
C ASN B 145 2.98 -6.12 -16.81
N ASP B 146 3.69 -5.08 -17.22
CA ASP B 146 5.13 -5.05 -17.15
C ASP B 146 5.68 -4.32 -15.93
N PHE B 147 4.86 -3.53 -15.24
CA PHE B 147 5.33 -2.84 -14.05
C PHE B 147 5.22 -3.71 -12.80
N ALA B 148 4.13 -4.47 -12.68
CA ALA B 148 3.91 -5.32 -11.51
C ALA B 148 4.54 -6.70 -11.72
N LEU B 149 4.23 -7.35 -12.84
CA LEU B 149 4.68 -8.71 -13.09
C LEU B 149 5.95 -8.78 -13.91
N GLY B 150 6.05 -7.97 -14.97
CA GLY B 150 7.20 -8.08 -15.87
C GLY B 150 8.50 -7.64 -15.23
N TYR B 151 8.45 -6.58 -14.42
CA TYR B 151 9.69 -6.03 -13.85
C TYR B 151 10.42 -7.02 -12.94
N PRO B 152 9.78 -7.68 -11.96
CA PRO B 152 10.54 -8.64 -11.15
C PRO B 152 11.16 -9.76 -11.96
N ILE B 153 10.45 -10.25 -12.98
CA ILE B 153 10.98 -11.36 -13.77
C ILE B 153 12.15 -10.91 -14.63
N VAL B 154 12.05 -9.72 -15.24
CA VAL B 154 13.16 -9.19 -16.01
C VAL B 154 14.37 -8.94 -15.10
N GLU B 155 14.11 -8.43 -13.89
CA GLU B 155 15.21 -8.22 -12.95
C GLU B 155 15.88 -9.53 -12.58
N ALA B 156 15.09 -10.58 -12.31
CA ALA B 156 15.67 -11.87 -11.97
C ALA B 156 16.48 -12.43 -13.12
N LEU B 157 15.95 -12.35 -14.34
CA LEU B 157 16.65 -12.93 -15.49
C LEU B 157 17.89 -12.12 -15.86
N TYR B 158 17.80 -10.79 -15.83
CA TYR B 158 18.92 -9.91 -16.19
C TYR B 158 19.16 -8.90 -15.07
N GLN B 159 19.95 -9.29 -14.08
CA GLN B 159 20.49 -8.34 -13.12
C GLN B 159 22.00 -8.50 -12.95
N THR B 160 22.49 -9.73 -12.94
CA THR B 160 23.91 -9.99 -12.75
C THR B 160 24.68 -10.09 -14.05
N THR B 161 24.00 -10.11 -15.20
CA THR B 161 24.67 -10.22 -16.49
C THR B 161 24.50 -8.96 -17.34
N TYR B 162 23.27 -8.58 -17.65
CA TYR B 162 22.96 -7.46 -18.54
C TYR B 162 21.94 -6.56 -17.87
N PRO B 163 22.38 -5.70 -16.94
CA PRO B 163 21.43 -4.80 -16.26
C PRO B 163 20.75 -3.81 -17.20
N GLU B 164 21.35 -3.51 -18.36
CA GLU B 164 20.80 -2.50 -19.25
C GLU B 164 19.39 -2.86 -19.74
N TYR B 165 19.02 -4.14 -19.69
CA TYR B 165 17.67 -4.51 -20.10
C TYR B 165 16.60 -3.94 -19.16
N LEU B 166 16.96 -3.60 -17.93
CA LEU B 166 15.97 -3.12 -16.98
C LEU B 166 15.42 -1.75 -17.35
N GLN B 167 16.14 -0.98 -18.17
CA GLN B 167 15.69 0.36 -18.50
C GLN B 167 14.48 0.33 -19.44
N TYR B 168 14.47 -0.61 -20.39
CA TYR B 168 13.43 -0.62 -21.41
C TYR B 168 12.04 -0.87 -20.84
N ILE B 169 11.93 -1.53 -19.69
CA ILE B 169 10.62 -1.74 -19.09
C ILE B 169 9.98 -0.41 -18.69
N TYR B 170 10.78 0.63 -18.50
CA TYR B 170 10.28 1.98 -18.24
C TYR B 170 10.35 2.86 -19.48
N LEU B 171 10.72 2.30 -20.62
CA LEU B 171 10.72 3.00 -21.89
C LEU B 171 9.76 2.38 -22.90
N VAL B 172 9.70 1.04 -22.96
CA VAL B 172 8.76 0.40 -23.88
C VAL B 172 7.33 0.67 -23.47
N ALA B 173 7.04 0.59 -22.16
CA ALA B 173 5.66 0.74 -21.72
C ALA B 173 5.16 2.18 -21.86
N PRO B 174 5.80 3.20 -21.28
CA PRO B 174 5.22 4.55 -21.38
C PRO B 174 5.08 5.06 -22.80
N ILE B 175 6.07 4.76 -23.66
CA ILE B 175 5.97 5.17 -25.06
C ILE B 175 4.80 4.46 -25.74
N SER B 176 4.62 3.17 -25.44
CA SER B 176 3.49 2.45 -25.99
C SER B 176 2.16 3.04 -25.53
N LEU B 177 2.07 3.43 -24.25
CA LEU B 177 0.84 4.08 -23.79
C LEU B 177 0.62 5.41 -24.48
N MET B 178 1.69 6.18 -24.71
CA MET B 178 1.56 7.47 -25.37
C MET B 178 1.24 7.37 -26.85
N MET B 179 1.60 6.26 -27.50
CA MET B 179 1.50 6.17 -28.95
C MET B 179 0.46 5.19 -29.46
N LEU B 180 -0.11 4.33 -28.60
CA LEU B 180 -1.00 3.27 -29.06
C LEU B 180 -2.44 3.47 -28.61
N ASN B 181 -2.69 3.54 -27.31
CA ASN B 181 -4.07 3.60 -26.82
C ASN B 181 -4.89 4.80 -27.29
N PRO B 182 -4.29 5.93 -27.71
CA PRO B 182 -5.14 6.99 -28.29
C PRO B 182 -6.05 6.51 -29.41
N ILE B 183 -5.59 5.60 -30.27
CA ILE B 183 -6.44 5.10 -31.35
C ILE B 183 -7.63 4.33 -30.79
N GLY B 184 -7.39 3.43 -29.84
CA GLY B 184 -8.49 2.68 -29.26
C GLY B 184 -9.45 3.56 -28.49
N PHE B 185 -8.92 4.57 -27.80
CA PHE B 185 -9.77 5.51 -27.08
C PHE B 185 -10.63 6.31 -28.05
N ILE B 186 -10.05 6.70 -29.19
CA ILE B 186 -10.83 7.36 -30.24
C ILE B 186 -11.94 6.44 -30.74
N PHE B 187 -11.64 5.15 -30.89
CA PHE B 187 -12.67 4.19 -31.30
C PHE B 187 -13.78 4.09 -30.26
N CYS B 188 -13.42 4.08 -28.98
CA CYS B 188 -14.44 4.05 -27.93
C CYS B 188 -15.31 5.31 -27.95
N GLU B 189 -14.68 6.47 -28.17
CA GLU B 189 -15.46 7.70 -28.28
C GLU B 189 -16.36 7.69 -29.51
N ILE B 190 -15.90 7.05 -30.59
CA ILE B 190 -16.74 6.91 -31.78
C ILE B 190 -17.96 6.05 -31.46
N GLN B 191 -17.75 4.96 -30.72
CA GLN B 191 -18.87 4.13 -30.31
C GLN B 191 -19.83 4.90 -29.42
N LYS B 192 -19.31 5.69 -28.49
CA LYS B 192 -20.15 6.51 -27.63
C LYS B 192 -20.95 7.53 -28.44
N TRP B 193 -20.31 8.11 -29.46
CA TRP B 193 -21.02 9.00 -30.38
C TRP B 193 -22.13 8.26 -31.10
N LYS B 194 -21.87 7.03 -31.54
CA LYS B 194 -22.91 6.22 -32.15
C LYS B 194 -24.08 6.02 -31.20
N ASP B 195 -23.78 5.85 -29.90
CA ASP B 195 -24.84 5.77 -28.91
C ASP B 195 -25.47 7.13 -28.61
N THR B 196 -24.77 8.23 -28.92
CA THR B 196 -25.20 9.59 -28.59
C THR B 196 -25.11 10.49 -29.81
N GLN B 197 -25.64 10.03 -30.93
CA GLN B 197 -25.50 10.75 -32.19
C GLN B 197 -26.10 12.15 -32.10
N ASN B 198 -25.35 13.14 -32.59
CA ASN B 198 -25.78 14.53 -32.62
C ASN B 198 -25.41 15.13 -33.97
N ALA B 199 -25.86 16.37 -34.18
CA ALA B 199 -25.63 17.07 -35.45
C ALA B 199 -24.26 17.75 -35.42
N SER B 200 -23.22 16.92 -35.39
CA SER B 200 -21.84 17.39 -35.44
C SER B 200 -21.05 16.52 -36.40
N GLN B 201 -20.07 17.13 -37.06
CA GLN B 201 -19.25 16.45 -38.06
C GLN B 201 -17.77 16.42 -37.71
N ASN B 202 -17.24 17.48 -37.10
CA ASN B 202 -15.82 17.54 -36.80
C ASN B 202 -15.45 16.52 -35.73
N LYS B 203 -14.34 15.81 -35.98
CA LYS B 203 -13.84 14.80 -35.06
C LYS B 203 -12.79 15.35 -34.10
N ILE B 204 -12.60 16.68 -34.07
CA ILE B 204 -11.61 17.23 -33.16
C ILE B 204 -12.01 17.02 -31.71
N LYS B 205 -13.31 16.94 -31.43
CA LYS B 205 -13.77 16.77 -30.05
C LYS B 205 -13.35 15.40 -29.51
N ILE B 206 -13.57 14.34 -30.28
CA ILE B 206 -13.24 13.00 -29.80
C ILE B 206 -11.73 12.82 -29.70
N VAL B 207 -10.98 13.38 -30.65
CA VAL B 207 -9.52 13.30 -30.59
C VAL B 207 -9.00 14.02 -29.35
N GLY B 208 -9.52 15.21 -29.09
CA GLY B 208 -9.10 15.94 -27.90
C GLY B 208 -9.47 15.22 -26.62
N LEU B 209 -10.68 14.66 -26.56
CA LEU B 209 -11.11 13.94 -25.37
C LEU B 209 -10.25 12.71 -25.12
N GLY B 210 -9.94 11.95 -26.18
CA GLY B 210 -9.07 10.79 -26.03
C GLY B 210 -7.67 11.17 -25.60
N LEU B 211 -7.10 12.23 -26.19
CA LEU B 211 -5.78 12.67 -25.79
C LEU B 211 -5.76 13.13 -24.33
N LEU B 212 -6.79 13.88 -23.91
CA LEU B 212 -6.85 14.32 -22.52
C LEU B 212 -7.00 13.15 -21.57
N ARG B 213 -7.84 12.17 -21.92
CA ARG B 213 -8.03 11.00 -21.06
C ARG B 213 -6.76 10.18 -20.96
N VAL B 214 -6.02 10.03 -22.06
CA VAL B 214 -4.73 9.34 -21.99
C VAL B 214 -3.73 10.12 -21.15
N LEU B 215 -3.68 11.45 -21.33
CA LEU B 215 -2.75 12.28 -20.58
C LEU B 215 -3.07 12.32 -19.09
N GLN B 216 -4.32 12.06 -18.70
CA GLN B 216 -4.72 12.10 -17.31
C GLN B 216 -4.29 10.87 -16.53
N ASN B 217 -3.50 9.98 -17.12
CA ASN B 217 -3.13 8.80 -16.38
C ASN B 217 -1.78 8.99 -15.70
N PRO B 218 -1.60 8.41 -14.51
CA PRO B 218 -0.32 8.55 -13.79
C PRO B 218 0.85 7.87 -14.48
N ILE B 219 0.66 7.26 -15.65
CA ILE B 219 1.73 6.58 -16.36
C ILE B 219 2.09 7.30 -17.66
N VAL B 220 1.64 8.55 -17.83
CA VAL B 220 2.04 9.36 -18.97
C VAL B 220 2.56 10.71 -18.48
N PHE B 221 1.76 11.40 -17.66
CA PHE B 221 2.20 12.69 -17.17
C PHE B 221 3.36 12.54 -16.19
N MET B 222 3.41 11.41 -15.47
CA MET B 222 4.58 11.13 -14.65
C MET B 222 5.81 10.89 -15.50
N VAL B 223 5.66 10.23 -16.66
CA VAL B 223 6.76 10.13 -17.60
C VAL B 223 7.24 11.51 -18.03
N PHE B 224 6.30 12.39 -18.37
CA PHE B 224 6.67 13.74 -18.81
C PHE B 224 7.38 14.50 -17.70
N ILE B 225 6.87 14.41 -16.48
CA ILE B 225 7.48 15.10 -15.34
C ILE B 225 8.88 14.55 -15.08
N GLY B 226 9.03 13.22 -15.13
CA GLY B 226 10.33 12.62 -14.91
C GLY B 226 11.35 13.01 -15.96
N ILE B 227 10.92 13.06 -17.23
CA ILE B 227 11.83 13.50 -18.28
C ILE B 227 12.20 14.97 -18.11
N ALA B 228 11.23 15.81 -17.75
CA ALA B 228 11.50 17.22 -17.52
C ALA B 228 12.52 17.40 -16.40
N PHE B 229 12.37 16.64 -15.31
CA PHE B 229 13.30 16.75 -14.20
C PHE B 229 14.65 16.10 -14.51
N ASN B 230 14.66 15.08 -15.37
CA ASN B 230 15.91 14.52 -15.84
C ASN B 230 16.72 15.54 -16.62
N PHE B 231 16.03 16.32 -17.47
CA PHE B 231 16.74 17.36 -18.21
C PHE B 231 17.10 18.53 -17.31
N ILE B 232 16.23 18.89 -16.36
CA ILE B 232 16.51 19.99 -15.43
C ILE B 232 17.70 19.62 -14.55
N LEU B 233 17.67 18.43 -13.95
CA LEU B 233 18.74 17.96 -13.11
C LEU B 233 19.81 17.30 -13.99
N ASP B 234 20.75 16.61 -13.37
CA ASP B 234 21.78 15.85 -14.06
C ASP B 234 21.65 14.36 -13.79
N ARG B 235 20.39 13.90 -13.65
CA ARG B 235 20.07 12.51 -13.31
C ARG B 235 20.60 12.15 -11.93
N LYS B 236 20.40 13.06 -10.97
CA LYS B 236 20.78 12.85 -9.57
C LYS B 236 19.62 13.34 -8.71
N VAL B 237 18.83 12.41 -8.21
CA VAL B 237 17.70 12.77 -7.34
C VAL B 237 18.24 13.45 -6.09
N PRO B 238 17.63 14.55 -5.62
CA PRO B 238 18.13 15.20 -4.40
C PRO B 238 18.11 14.25 -3.22
N VAL B 239 19.12 14.38 -2.36
CA VAL B 239 19.27 13.46 -1.23
C VAL B 239 18.11 13.59 -0.27
N TYR B 240 17.52 14.78 -0.16
CA TYR B 240 16.37 14.96 0.71
C TYR B 240 15.14 14.19 0.21
N VAL B 241 15.12 13.83 -1.06
CA VAL B 241 14.00 13.10 -1.64
C VAL B 241 14.37 11.68 -2.08
N GLU B 242 15.66 11.35 -2.09
CA GLU B 242 16.07 10.01 -2.51
C GLU B 242 15.49 8.94 -1.61
N ASN B 243 15.60 9.13 -0.29
CA ASN B 243 15.07 8.16 0.66
C ASN B 243 13.55 8.07 0.54
N PHE B 244 12.88 9.20 0.39
CA PHE B 244 11.42 9.20 0.26
C PHE B 244 10.99 8.42 -0.97
N LEU B 245 11.65 8.67 -2.11
CA LEU B 245 11.30 7.97 -3.34
C LEU B 245 11.59 6.48 -3.23
N ASP B 246 12.72 6.10 -2.64
CA ASP B 246 13.04 4.69 -2.49
C ASP B 246 12.03 3.99 -1.58
N GLY B 247 11.66 4.65 -0.48
CA GLY B 247 10.68 4.05 0.42
C GLY B 247 9.31 3.92 -0.20
N LEU B 248 8.91 4.91 -1.00
CA LEU B 248 7.59 4.87 -1.63
C LEU B 248 7.55 4.03 -2.89
N GLY B 249 8.71 3.66 -3.44
CA GLY B 249 8.75 2.85 -4.65
C GLY B 249 8.98 1.38 -4.37
N ASN B 250 9.78 1.08 -3.35
CA ASN B 250 10.02 -0.31 -2.98
C ASN B 250 8.76 -1.00 -2.49
N SER B 251 7.77 -0.24 -2.00
CA SER B 251 6.53 -0.80 -1.51
C SER B 251 5.49 -0.97 -2.61
N PHE B 252 5.93 -1.07 -3.87
CA PHE B 252 5.02 -1.21 -4.99
C PHE B 252 4.89 -2.65 -5.47
N SER B 253 6.02 -3.29 -5.81
CA SER B 253 5.97 -4.58 -6.51
C SER B 253 5.18 -5.61 -5.72
N GLY B 254 5.54 -5.82 -4.46
CA GLY B 254 4.76 -6.74 -3.64
C GLY B 254 3.34 -6.29 -3.46
N SER B 255 3.14 -4.99 -3.21
CA SER B 255 1.79 -4.46 -3.06
C SER B 255 1.02 -4.50 -4.38
N ALA B 256 1.69 -4.25 -5.50
CA ALA B 256 1.02 -4.34 -6.79
C ALA B 256 0.56 -5.77 -7.09
N LEU B 257 1.42 -6.74 -6.81
CA LEU B 257 1.03 -8.14 -7.01
C LEU B 257 -0.10 -8.53 -6.06
N PHE B 258 -0.06 -8.06 -4.82
CA PHE B 258 -1.13 -8.34 -3.88
C PHE B 258 -2.45 -7.75 -4.37
N TYR B 259 -2.41 -6.52 -4.88
CA TYR B 259 -3.63 -5.90 -5.40
C TYR B 259 -4.12 -6.62 -6.66
N LEU B 260 -3.20 -7.11 -7.49
CA LEU B 260 -3.60 -7.85 -8.67
C LEU B 260 -4.33 -9.13 -8.28
N GLY B 261 -3.76 -9.90 -7.36
CA GLY B 261 -4.44 -11.08 -6.85
C GLY B 261 -5.72 -10.78 -6.11
N LEU B 262 -5.82 -9.58 -5.51
CA LEU B 262 -7.02 -9.13 -4.83
C LEU B 262 -8.14 -8.77 -5.80
N THR B 263 -7.80 -8.17 -6.95
CA THR B 263 -8.76 -7.91 -8.01
C THR B 263 -9.02 -9.14 -8.88
N MET B 264 -8.26 -10.21 -8.70
CA MET B 264 -8.36 -11.41 -9.52
C MET B 264 -9.29 -12.46 -8.90
N VAL B 265 -10.23 -12.02 -8.05
CA VAL B 265 -11.19 -12.93 -7.42
C VAL B 265 -12.58 -12.59 -7.94
N GLY B 266 -13.32 -13.62 -8.36
CA GLY B 266 -14.67 -13.44 -8.83
C GLY B 266 -14.80 -12.63 -10.10
N LYS B 267 -13.83 -12.75 -11.00
CA LYS B 267 -13.87 -12.05 -12.29
C LYS B 267 -14.16 -12.98 -13.46
N ILE B 268 -13.60 -14.19 -13.45
CA ILE B 268 -13.76 -15.13 -14.55
C ILE B 268 -15.07 -15.89 -14.37
N LYS B 269 -15.87 -15.95 -15.42
CA LYS B 269 -17.17 -16.61 -15.36
C LYS B 269 -17.43 -17.32 -16.68
N ARG B 270 -18.54 -18.04 -16.74
CA ARG B 270 -18.92 -18.76 -17.95
C ARG B 270 -19.22 -17.78 -19.07
N LEU B 271 -18.70 -18.08 -20.26
CA LEU B 271 -18.88 -17.25 -21.44
C LEU B 271 -19.49 -18.07 -22.56
N LYS B 272 -20.01 -17.35 -23.56
CA LYS B 272 -20.60 -18.01 -24.71
C LYS B 272 -19.52 -18.59 -25.61
N LYS B 273 -19.95 -19.43 -26.56
CA LYS B 273 -19.01 -20.05 -27.49
C LYS B 273 -18.31 -19.00 -28.34
N SER B 274 -19.06 -18.01 -28.83
CA SER B 274 -18.44 -16.90 -29.55
C SER B 274 -17.50 -16.12 -28.64
N ALA B 275 -17.93 -15.87 -27.40
CA ALA B 275 -17.04 -15.26 -26.42
C ALA B 275 -15.82 -16.12 -26.19
N PHE B 276 -16.00 -17.44 -26.14
CA PHE B 276 -14.88 -18.35 -25.94
C PHE B 276 -13.85 -18.23 -27.05
N VAL B 277 -14.31 -18.24 -28.30
CA VAL B 277 -13.36 -18.22 -29.42
C VAL B 277 -12.69 -16.86 -29.53
N VAL B 278 -13.44 -15.77 -29.33
CA VAL B 278 -12.79 -14.46 -29.38
C VAL B 278 -11.78 -14.32 -28.23
N LEU B 279 -12.09 -14.88 -27.06
CA LEU B 279 -11.17 -14.84 -25.94
C LEU B 279 -9.89 -15.61 -26.25
N ILE B 280 -10.03 -16.81 -26.81
CA ILE B 280 -8.85 -17.61 -27.12
C ILE B 280 -8.01 -16.93 -28.20
N LEU B 281 -8.68 -16.30 -29.18
CA LEU B 281 -7.94 -15.59 -30.22
C LEU B 281 -7.17 -14.40 -29.65
N LEU B 282 -7.82 -13.63 -28.77
CA LEU B 282 -7.16 -12.48 -28.17
C LEU B 282 -5.97 -12.92 -27.31
N ILE B 283 -6.14 -13.97 -26.52
CA ILE B 283 -5.06 -14.43 -25.66
C ILE B 283 -3.91 -14.99 -26.50
N THR B 284 -4.23 -15.70 -27.58
CA THR B 284 -3.18 -16.20 -28.46
C THR B 284 -2.42 -15.04 -29.12
N ALA B 285 -3.14 -14.00 -29.53
CA ALA B 285 -2.47 -12.83 -30.09
C ALA B 285 -1.59 -12.16 -29.06
N LYS B 286 -2.03 -12.13 -27.80
CA LYS B 286 -1.26 -11.48 -26.75
C LYS B 286 0.01 -12.24 -26.44
N LEU B 287 -0.09 -13.56 -26.24
CA LEU B 287 1.04 -14.33 -25.74
C LEU B 287 1.76 -15.15 -26.81
N LEU B 288 1.23 -15.27 -28.01
CA LEU B 288 1.88 -16.06 -29.06
C LEU B 288 2.23 -15.23 -30.28
N VAL B 289 1.28 -14.47 -30.83
CA VAL B 289 1.54 -13.71 -32.04
C VAL B 289 2.48 -12.54 -31.74
N LEU B 290 2.19 -11.79 -30.68
CA LEU B 290 2.99 -10.61 -30.36
C LEU B 290 4.45 -10.94 -30.06
N PRO B 291 4.78 -11.92 -29.21
CA PRO B 291 6.20 -12.21 -28.97
C PRO B 291 6.95 -12.64 -30.21
N LEU B 292 6.35 -13.48 -31.05
CA LEU B 292 7.02 -13.91 -32.28
C LEU B 292 7.23 -12.73 -33.22
N LEU B 293 6.22 -11.86 -33.34
CA LEU B 293 6.36 -10.71 -34.22
C LEU B 293 7.42 -9.76 -33.69
N CYS B 294 7.50 -9.60 -32.37
CA CYS B 294 8.56 -8.79 -31.77
C CYS B 294 9.93 -9.38 -32.06
N ARG B 295 10.06 -10.69 -31.94
CA ARG B 295 11.34 -11.35 -32.26
C ARG B 295 11.73 -11.08 -33.70
N GLU B 296 10.77 -11.22 -34.61
CA GLU B 296 11.05 -11.02 -36.03
C GLU B 296 11.47 -9.57 -36.29
N MET B 297 10.73 -8.62 -35.69
CA MET B 297 11.03 -7.21 -35.88
C MET B 297 12.41 -6.87 -35.33
N VAL B 298 12.79 -7.48 -34.21
CA VAL B 298 14.11 -7.25 -33.64
C VAL B 298 15.19 -7.80 -34.57
N GLU B 299 15.00 -9.01 -35.10
CA GLU B 299 16.04 -9.55 -35.96
C GLU B 299 16.10 -8.85 -37.32
N LEU B 300 15.10 -8.06 -37.69
CA LEU B 300 15.29 -7.15 -38.82
C LEU B 300 15.97 -5.84 -38.41
N LEU B 301 15.33 -5.08 -37.50
CA LEU B 301 15.76 -3.71 -37.26
C LEU B 301 17.11 -3.63 -36.58
N ASP B 302 17.35 -4.48 -35.59
CA ASP B 302 18.58 -4.38 -34.81
C ASP B 302 19.79 -4.67 -35.68
N LYS B 303 20.84 -3.86 -35.50
CA LYS B 303 22.09 -4.01 -36.26
C LYS B 303 23.27 -4.24 -35.32
N GLY B 304 23.05 -5.01 -34.26
CA GLY B 304 24.11 -5.31 -33.31
C GLY B 304 25.28 -6.04 -33.93
N ASP B 305 26.49 -5.50 -33.74
CA ASP B 305 27.68 -6.14 -34.30
C ASP B 305 27.93 -7.50 -33.66
N SER B 306 27.74 -7.61 -32.35
CA SER B 306 27.95 -8.86 -31.64
C SER B 306 26.72 -9.75 -31.78
N VAL B 307 26.94 -10.99 -32.22
CA VAL B 307 25.82 -11.92 -32.40
C VAL B 307 25.20 -12.30 -31.05
N VAL B 308 26.03 -12.42 -30.00
CA VAL B 308 25.52 -12.82 -28.69
C VAL B 308 24.55 -11.76 -28.16
N ASN B 309 24.93 -10.49 -28.28
CA ASN B 309 24.06 -9.42 -27.82
C ASN B 309 22.74 -9.41 -28.56
N HIS B 310 22.77 -9.59 -29.88
CA HIS B 310 21.54 -9.59 -30.66
C HIS B 310 20.66 -10.78 -30.32
N THR B 311 21.26 -11.97 -30.13
CA THR B 311 20.46 -13.14 -29.77
C THR B 311 19.80 -12.95 -28.41
N SER B 312 20.56 -12.50 -27.41
CA SER B 312 19.99 -12.25 -26.11
C SER B 312 18.91 -11.16 -26.19
N LEU B 313 19.11 -10.19 -27.06
CA LEU B 313 18.19 -9.07 -27.17
C LEU B 313 16.86 -9.53 -27.79
N SER B 314 16.95 -10.40 -28.79
CA SER B 314 15.76 -11.01 -29.38
C SER B 314 15.03 -11.90 -28.38
N ASN B 315 15.79 -12.63 -27.57
CA ASN B 315 15.17 -13.41 -26.50
C ASN B 315 14.44 -12.51 -25.52
N TYR B 316 15.04 -11.35 -25.20
CA TYR B 316 14.36 -10.37 -24.35
C TYR B 316 13.07 -9.90 -25.00
N ALA B 317 13.10 -9.65 -26.31
CA ALA B 317 11.89 -9.24 -27.00
C ALA B 317 10.80 -10.29 -26.90
N PHE B 318 11.19 -11.56 -27.09
CA PHE B 318 10.24 -12.66 -26.96
C PHE B 318 9.64 -12.68 -25.56
N LEU B 319 10.49 -12.57 -24.54
CA LEU B 319 10.00 -12.61 -23.17
C LEU B 319 9.15 -11.40 -22.82
N TYR B 320 9.39 -10.26 -23.45
CA TYR B 320 8.51 -9.11 -23.23
C TYR B 320 7.16 -9.34 -23.87
N GLY B 321 7.14 -9.94 -25.07
CA GLY B 321 5.87 -10.20 -25.72
C GLY B 321 4.94 -11.13 -24.95
N VAL B 322 5.48 -11.89 -24.00
CA VAL B 322 4.70 -12.89 -23.28
C VAL B 322 4.12 -12.36 -21.97
N PHE B 323 4.43 -11.12 -21.59
CA PHE B 323 3.89 -10.58 -20.35
C PHE B 323 2.36 -10.52 -20.45
N PRO B 324 1.66 -10.83 -19.36
CA PRO B 324 0.19 -10.88 -19.42
C PRO B 324 -0.41 -9.48 -19.55
N VAL B 325 -1.72 -9.46 -19.84
CA VAL B 325 -2.42 -8.21 -20.07
C VAL B 325 -2.41 -7.38 -18.79
N ALA B 326 -2.08 -6.10 -18.93
CA ALA B 326 -2.03 -5.21 -17.78
C ALA B 326 -3.44 -5.00 -17.21
N PRO B 327 -3.56 -4.84 -15.89
CA PRO B 327 -4.89 -4.57 -15.31
C PRO B 327 -5.46 -3.23 -15.74
N GLY B 328 -4.64 -2.31 -16.26
CA GLY B 328 -5.15 -1.05 -16.74
C GLY B 328 -6.18 -1.22 -17.85
N VAL B 329 -6.10 -2.31 -18.60
CA VAL B 329 -7.11 -2.58 -19.61
C VAL B 329 -8.48 -2.79 -18.98
N ALA B 330 -8.51 -3.48 -17.84
CA ALA B 330 -9.78 -3.70 -17.13
C ALA B 330 -10.36 -2.38 -16.65
N ILE B 331 -9.53 -1.49 -16.11
CA ILE B 331 -10.05 -0.21 -15.65
C ILE B 331 -10.48 0.65 -16.84
N PHE B 332 -9.80 0.53 -17.98
CA PHE B 332 -10.25 1.20 -19.19
C PHE B 332 -11.64 0.72 -19.60
N ALA B 333 -11.84 -0.60 -19.59
CA ALA B 333 -13.12 -1.17 -19.97
C ALA B 333 -14.23 -0.74 -19.01
N THR B 334 -13.94 -0.74 -17.71
CA THR B 334 -14.97 -0.33 -16.75
C THR B 334 -15.19 1.18 -16.77
N GLN B 335 -14.22 1.96 -17.25
CA GLN B 335 -14.44 3.39 -17.43
C GLN B 335 -15.35 3.66 -18.62
N PHE B 336 -15.08 2.99 -19.75
CA PHE B 336 -15.95 3.10 -20.90
C PHE B 336 -17.24 2.33 -20.74
N ASN B 337 -17.28 1.38 -19.80
CA ASN B 337 -18.45 0.53 -19.58
C ASN B 337 -18.81 -0.26 -20.83
N MET B 338 -17.78 -0.66 -21.58
CA MET B 338 -17.93 -1.49 -22.77
C MET B 338 -17.16 -2.78 -22.59
N GLU B 339 -17.87 -3.91 -22.67
CA GLU B 339 -17.25 -5.24 -22.63
C GLU B 339 -16.38 -5.43 -21.40
N VAL B 340 -16.96 -5.14 -20.23
CA VAL B 340 -16.22 -5.24 -18.98
C VAL B 340 -15.89 -6.70 -18.68
N GLU B 341 -16.87 -7.60 -18.81
CA GLU B 341 -16.65 -8.98 -18.40
C GLU B 341 -15.66 -9.69 -19.32
N ILE B 342 -15.73 -9.45 -20.62
CA ILE B 342 -14.80 -10.09 -21.56
C ILE B 342 -13.37 -9.63 -21.26
N ILE B 343 -13.19 -8.33 -21.06
CA ILE B 343 -11.85 -7.79 -20.84
C ILE B 343 -11.29 -8.28 -19.52
N THR B 344 -12.10 -8.28 -18.46
CA THR B 344 -11.62 -8.75 -17.16
C THR B 344 -11.27 -10.23 -17.20
N SER B 345 -12.12 -11.05 -17.82
CA SER B 345 -11.83 -12.48 -17.93
C SER B 345 -10.57 -12.70 -18.75
N GLY B 346 -10.40 -11.95 -19.83
CA GLY B 346 -9.19 -12.07 -20.62
C GLY B 346 -7.95 -11.72 -19.82
N MET B 347 -8.01 -10.64 -19.04
CA MET B 347 -6.87 -10.26 -18.21
C MET B 347 -6.54 -11.34 -17.19
N VAL B 348 -7.57 -11.89 -16.54
CA VAL B 348 -7.36 -12.90 -15.51
C VAL B 348 -6.73 -14.16 -16.12
N ILE B 349 -7.30 -14.63 -17.22
CA ILE B 349 -6.81 -15.86 -17.85
C ILE B 349 -5.42 -15.63 -18.43
N SER B 350 -5.15 -14.45 -18.96
CA SER B 350 -3.82 -14.15 -19.46
C SER B 350 -2.79 -14.16 -18.34
N THR B 351 -3.16 -13.60 -17.18
CA THR B 351 -2.25 -13.65 -16.04
C THR B 351 -1.99 -15.09 -15.61
N PHE B 352 -3.03 -15.92 -15.61
CA PHE B 352 -2.86 -17.34 -15.26
C PHE B 352 -1.91 -18.03 -16.25
N VAL B 353 -2.20 -17.92 -17.55
CA VAL B 353 -1.48 -18.66 -18.57
C VAL B 353 -0.11 -18.08 -18.86
N SER B 354 0.18 -16.86 -18.40
CA SER B 354 1.50 -16.29 -18.64
C SER B 354 2.60 -17.11 -17.97
N ALA B 355 2.38 -17.51 -16.72
CA ALA B 355 3.42 -18.19 -15.94
C ALA B 355 3.91 -19.47 -16.62
N PRO B 356 3.04 -20.40 -17.02
CA PRO B 356 3.56 -21.59 -17.72
C PRO B 356 4.26 -21.24 -19.01
N ILE B 357 3.68 -20.35 -19.83
CA ILE B 357 4.32 -19.96 -21.07
C ILE B 357 5.59 -19.16 -20.82
N MET B 358 5.56 -18.18 -19.90
CA MET B 358 6.75 -17.41 -19.59
C MET B 358 7.87 -18.27 -19.04
N TYR B 359 7.54 -19.42 -18.45
CA TYR B 359 8.54 -20.37 -17.98
C TYR B 359 9.08 -21.25 -19.10
N VAL B 360 8.19 -21.92 -19.85
CA VAL B 360 8.64 -22.87 -20.86
C VAL B 360 9.33 -22.14 -22.01
N SER B 361 8.82 -20.96 -22.40
CA SER B 361 9.43 -20.22 -23.48
C SER B 361 10.81 -19.71 -23.10
N ALA B 362 10.97 -19.21 -21.87
CA ALA B 362 12.29 -18.79 -21.43
C ALA B 362 13.26 -19.96 -21.39
N TRP B 363 12.80 -21.11 -20.88
CA TRP B 363 13.66 -22.28 -20.87
C TRP B 363 14.05 -22.69 -22.28
N LEU B 364 13.09 -22.75 -23.19
CA LEU B 364 13.38 -23.11 -24.57
C LEU B 364 14.32 -22.11 -25.24
N LEU B 365 14.19 -20.83 -24.89
CA LEU B 365 15.07 -19.81 -25.45
C LEU B 365 16.51 -20.01 -24.96
N THR B 366 16.68 -20.40 -23.71
CA THR B 366 18.04 -20.65 -23.22
C THR B 366 18.53 -22.06 -23.53
N PHE B 367 17.67 -22.93 -24.04
CA PHE B 367 18.08 -24.29 -24.40
C PHE B 367 19.19 -24.36 -25.45
N PRO B 368 19.10 -23.69 -26.61
CA PRO B 368 20.02 -24.03 -27.70
C PRO B 368 21.47 -23.61 -27.48
N THR B 369 21.81 -23.18 -26.27
CA THR B 369 23.14 -22.69 -25.97
C THR B 369 24.01 -23.68 -25.21
N MET B 370 23.54 -24.91 -24.97
CA MET B 370 24.28 -25.84 -24.13
C MET B 370 24.38 -27.22 -24.77
N ASP B 371 25.34 -28.00 -24.26
CA ASP B 371 25.57 -29.37 -24.67
C ASP B 371 24.34 -30.22 -24.30
N PRO B 372 24.04 -31.32 -25.04
CA PRO B 372 22.79 -32.04 -24.78
C PRO B 372 22.67 -32.65 -23.39
N LYS B 373 23.79 -33.05 -22.78
CA LYS B 373 23.73 -33.49 -21.39
C LYS B 373 23.33 -32.36 -20.45
N PRO B 374 23.86 -31.13 -20.57
CA PRO B 374 23.26 -30.01 -19.84
C PRO B 374 21.78 -29.80 -20.12
N LEU B 375 21.32 -30.00 -21.35
CA LEU B 375 19.88 -29.86 -21.61
C LEU B 375 19.09 -30.90 -20.85
N ALA B 376 19.58 -32.14 -20.81
CA ALA B 376 18.91 -33.19 -20.05
C ALA B 376 18.89 -32.84 -18.56
N TYR B 377 20.00 -32.34 -18.05
CA TYR B 377 20.06 -31.95 -16.64
C TYR B 377 19.09 -30.80 -16.35
N ALA B 378 19.01 -29.84 -17.25
CA ALA B 378 18.07 -28.72 -17.09
C ALA B 378 16.63 -29.23 -17.11
N ILE B 379 16.33 -30.19 -17.98
CA ILE B 379 15.00 -30.79 -17.99
C ILE B 379 14.71 -31.48 -16.67
N GLN B 380 15.68 -32.20 -16.12
CA GLN B 380 15.49 -32.83 -14.82
C GLN B 380 15.25 -31.79 -13.74
N ASN B 381 15.98 -30.68 -13.78
CA ASN B 381 15.83 -29.65 -12.75
C ASN B 381 14.46 -28.97 -12.82
N VAL B 382 14.03 -28.60 -14.03
CA VAL B 382 12.73 -27.96 -14.17
C VAL B 382 11.62 -28.94 -13.80
N SER B 383 11.80 -30.22 -14.14
CA SER B 383 10.83 -31.23 -13.71
C SER B 383 10.78 -31.33 -12.20
N PHE B 384 11.94 -31.28 -11.54
CA PHE B 384 11.98 -31.36 -10.08
C PHE B 384 11.26 -30.19 -9.45
N ASP B 385 11.51 -28.97 -9.93
CA ASP B 385 10.88 -27.79 -9.35
C ASP B 385 9.38 -27.80 -9.57
N ILE B 386 8.96 -28.04 -10.82
CA ILE B 386 7.55 -28.16 -11.11
C ILE B 386 6.92 -29.25 -10.26
N SER B 387 7.65 -30.34 -10.02
CA SER B 387 7.11 -31.48 -9.30
C SER B 387 6.92 -31.17 -7.83
N ILE B 388 7.87 -30.48 -7.21
CA ILE B 388 7.75 -30.19 -5.77
C ILE B 388 6.62 -29.18 -5.54
N VAL B 389 6.57 -28.13 -6.36
CA VAL B 389 5.48 -27.18 -6.20
C VAL B 389 4.14 -27.85 -6.49
N SER B 390 4.10 -28.68 -7.53
CA SER B 390 2.85 -29.37 -7.87
C SER B 390 2.47 -30.37 -6.79
N LEU B 391 3.43 -30.95 -6.09
CA LEU B 391 3.07 -31.89 -5.04
C LEU B 391 2.48 -31.16 -3.84
N ILE B 392 3.04 -30.01 -3.48
CA ILE B 392 2.38 -29.19 -2.47
C ILE B 392 0.96 -28.87 -2.91
N SER B 393 0.81 -28.57 -4.20
CA SER B 393 -0.51 -28.27 -4.76
C SER B 393 -1.44 -29.48 -4.66
N LEU B 394 -0.92 -30.67 -4.92
CA LEU B 394 -1.73 -31.89 -4.83
C LEU B 394 -2.12 -32.19 -3.39
N ILE B 395 -1.23 -31.92 -2.44
CA ILE B 395 -1.61 -32.06 -1.04
C ILE B 395 -2.81 -31.16 -0.79
N TRP B 396 -2.74 -29.92 -1.27
CA TRP B 396 -3.87 -29.01 -1.09
C TRP B 396 -5.13 -29.55 -1.75
N SER B 397 -5.02 -30.04 -2.98
CA SER B 397 -6.21 -30.44 -3.75
C SER B 397 -6.85 -31.70 -3.16
N LEU B 398 -6.03 -32.71 -2.86
CA LEU B 398 -6.56 -33.93 -2.27
C LEU B 398 -7.10 -33.68 -0.87
N ALA B 399 -6.51 -32.71 -0.15
CA ALA B 399 -7.11 -32.30 1.12
C ALA B 399 -8.47 -31.66 0.89
N ILE B 400 -8.60 -30.84 -0.15
CA ILE B 400 -9.89 -30.28 -0.52
C ILE B 400 -10.92 -31.36 -0.81
N LEU B 401 -10.54 -32.42 -1.51
CA LEU B 401 -11.45 -33.51 -1.82
C LEU B 401 -11.75 -34.42 -0.64
N LEU B 402 -10.82 -34.61 0.30
CA LEU B 402 -11.05 -35.59 1.36
C LEU B 402 -11.67 -34.94 2.59
N LEU B 403 -11.21 -33.74 2.96
CA LEU B 403 -11.81 -33.04 4.09
C LEU B 403 -13.26 -32.68 3.81
N SER B 404 -13.59 -32.33 2.56
CA SER B 404 -14.97 -32.03 2.19
C SER B 404 -15.77 -33.29 1.86
N LYS B 405 -15.16 -34.46 1.94
CA LYS B 405 -15.77 -35.74 1.61
C LYS B 405 -16.24 -35.82 0.17
N LYS B 406 -15.70 -34.98 -0.71
CA LYS B 406 -16.01 -35.09 -2.14
C LYS B 406 -15.52 -36.41 -2.70
N TYR B 407 -14.34 -36.86 -2.26
CA TYR B 407 -13.74 -38.07 -2.82
C TYR B 407 -14.58 -39.31 -2.53
N LYS B 408 -15.44 -39.23 -1.51
CA LYS B 408 -16.38 -40.32 -1.26
C LYS B 408 -17.37 -40.47 -2.42
N GLN B 409 -17.83 -39.34 -2.97
CA GLN B 409 -18.71 -39.38 -4.13
C GLN B 409 -17.93 -39.83 -5.36
N LEU B 410 -18.58 -40.62 -6.22
CA LEU B 410 -17.90 -41.26 -7.37
C LEU B 410 -17.41 -40.25 -8.43
N PRO B 411 -18.09 -39.12 -8.76
CA PRO B 411 -17.51 -38.20 -9.75
C PRO B 411 -16.23 -37.56 -9.29
N HIS B 412 -16.11 -37.28 -7.99
CA HIS B 412 -14.85 -36.86 -7.40
C HIS B 412 -14.00 -38.02 -6.92
N MET B 413 -14.55 -39.23 -6.82
CA MET B 413 -13.71 -40.39 -6.54
C MET B 413 -12.74 -40.63 -7.69
N LEU B 414 -13.22 -40.51 -8.92
CA LEU B 414 -12.33 -40.60 -10.07
C LEU B 414 -11.33 -39.44 -10.07
N THR B 415 -11.82 -38.24 -9.74
CA THR B 415 -10.92 -37.09 -9.65
C THR B 415 -9.81 -37.36 -8.66
N THR B 416 -10.15 -37.93 -7.49
CA THR B 416 -9.15 -38.05 -6.45
C THR B 416 -8.17 -39.18 -6.74
N ASN B 417 -8.61 -40.30 -7.31
CA ASN B 417 -7.60 -41.32 -7.59
C ASN B 417 -6.66 -40.84 -8.70
N LEU B 418 -7.19 -40.05 -9.65
CA LEU B 418 -6.30 -39.31 -10.54
C LEU B 418 -5.31 -38.42 -9.77
N LEU B 419 -5.81 -37.67 -8.79
CA LEU B 419 -4.94 -36.72 -8.09
C LEU B 419 -3.89 -37.42 -7.24
N ILE B 420 -4.25 -38.54 -6.60
CA ILE B 420 -3.26 -39.32 -5.86
C ILE B 420 -2.20 -39.86 -6.81
N ALA B 421 -2.63 -40.39 -7.96
CA ALA B 421 -1.66 -40.86 -8.95
C ALA B 421 -0.71 -39.73 -9.33
N GLN B 422 -1.25 -38.51 -9.46
CA GLN B 422 -0.44 -37.36 -9.83
C GLN B 422 0.56 -37.03 -8.72
N SER B 423 0.10 -37.12 -7.47
CA SER B 423 1.00 -36.89 -6.34
C SER B 423 2.14 -37.90 -6.35
N ILE B 424 1.84 -39.18 -6.60
CA ILE B 424 2.89 -40.19 -6.61
C ILE B 424 3.85 -39.95 -7.77
N VAL B 425 3.35 -39.52 -8.93
CA VAL B 425 4.28 -39.33 -10.04
C VAL B 425 5.19 -38.14 -9.77
N CYS B 426 4.66 -37.08 -9.16
CA CYS B 426 5.52 -35.94 -8.82
C CYS B 426 6.56 -36.34 -7.77
N ALA B 427 6.14 -37.04 -6.72
CA ALA B 427 7.07 -37.48 -5.70
C ALA B 427 8.14 -38.39 -6.28
N GLY B 428 7.73 -39.34 -7.13
CA GLY B 428 8.68 -40.22 -7.78
C GLY B 428 9.65 -39.45 -8.66
N MET B 429 9.19 -38.36 -9.27
CA MET B 429 10.09 -37.51 -10.04
C MET B 429 11.17 -36.93 -9.14
N MET B 430 10.78 -36.45 -7.95
CA MET B 430 11.80 -35.89 -7.05
C MET B 430 12.77 -36.96 -6.56
N ILE B 431 12.27 -38.13 -6.17
CA ILE B 431 13.17 -39.19 -5.73
C ILE B 431 14.07 -39.65 -6.87
N TRP B 432 13.54 -39.65 -8.09
CA TRP B 432 14.34 -39.93 -9.27
C TRP B 432 15.47 -38.92 -9.40
N ASN B 433 15.17 -37.64 -9.22
CA ASN B 433 16.20 -36.61 -9.30
C ASN B 433 17.26 -36.81 -8.22
N PHE B 434 16.84 -37.21 -7.02
CA PHE B 434 17.76 -37.42 -5.91
C PHE B 434 18.44 -38.78 -5.93
N VAL B 435 18.07 -39.66 -6.87
CA VAL B 435 18.65 -40.98 -6.97
C VAL B 435 19.11 -41.33 -8.38
N LYS B 436 19.07 -40.38 -9.31
CA LYS B 436 19.52 -40.64 -10.67
C LYS B 436 21.00 -41.04 -10.67
N GLU B 437 21.35 -41.91 -11.61
CA GLU B 437 22.71 -42.41 -11.81
C GLU B 437 23.30 -42.96 -10.49
N LYS B 438 22.45 -43.66 -9.75
CA LYS B 438 22.80 -44.28 -8.48
C LYS B 438 22.64 -45.79 -8.61
N ASN B 439 22.74 -46.49 -7.47
CA ASN B 439 22.64 -47.94 -7.46
C ASN B 439 21.33 -48.43 -8.06
N PHE B 440 21.42 -49.47 -8.89
CA PHE B 440 20.24 -50.05 -9.51
C PHE B 440 19.28 -50.65 -8.49
N VAL B 441 19.79 -51.13 -7.35
CA VAL B 441 18.96 -51.78 -6.36
C VAL B 441 17.91 -50.84 -5.76
N GLY B 442 18.07 -49.53 -5.95
CA GLY B 442 17.06 -48.57 -5.56
C GLY B 442 16.54 -47.82 -6.77
N GLN B 443 17.37 -47.77 -7.82
CA GLN B 443 16.95 -47.12 -9.06
C GLN B 443 15.78 -47.84 -9.69
N ILE B 444 15.77 -49.17 -9.70
CA ILE B 444 14.63 -49.91 -10.21
C ILE B 444 13.39 -49.69 -9.37
N LEU B 445 13.54 -49.60 -8.04
CA LEU B 445 12.39 -49.34 -7.18
C LEU B 445 11.78 -47.97 -7.45
N VAL B 446 12.62 -46.94 -7.56
CA VAL B 446 12.08 -45.62 -7.88
C VAL B 446 11.50 -45.61 -9.29
N PHE B 447 12.09 -46.39 -10.21
CA PHE B 447 11.57 -46.48 -11.57
C PHE B 447 10.15 -47.03 -11.57
N VAL B 448 9.92 -48.17 -10.91
CA VAL B 448 8.58 -48.72 -10.87
C VAL B 448 7.64 -47.78 -10.11
N LEU B 449 8.10 -47.23 -8.99
CA LEU B 449 7.24 -46.34 -8.19
C LEU B 449 6.78 -45.14 -9.00
N LEU B 450 7.66 -44.59 -9.84
CA LEU B 450 7.35 -43.42 -10.65
C LEU B 450 6.49 -43.75 -11.86
N TYR B 451 6.91 -44.74 -12.66
CA TYR B 451 6.22 -44.97 -13.91
C TYR B 451 4.92 -45.76 -13.72
N SER B 452 4.80 -46.53 -12.65
CA SER B 452 3.48 -47.07 -12.32
C SER B 452 2.47 -45.95 -12.17
N SER B 453 2.83 -44.92 -11.41
CA SER B 453 1.93 -43.79 -11.19
C SER B 453 1.74 -42.96 -12.46
N LEU B 454 2.78 -42.85 -13.29
CA LEU B 454 2.65 -42.02 -14.49
C LEU B 454 1.79 -42.71 -15.56
N TYR B 455 2.14 -43.96 -15.90
CA TYR B 455 1.28 -44.76 -16.76
C TYR B 455 -0.13 -44.82 -16.20
N SER B 456 -0.26 -44.87 -14.86
CA SER B 456 -1.55 -44.70 -14.25
C SER B 456 -2.21 -43.42 -14.73
N THR B 457 -1.59 -42.27 -14.45
CA THR B 457 -2.20 -40.97 -14.77
C THR B 457 -2.78 -40.97 -16.17
N TYR B 458 -2.00 -41.40 -17.17
CA TYR B 458 -2.58 -41.48 -18.52
C TYR B 458 -3.73 -42.48 -18.58
N LEU B 459 -3.56 -43.66 -17.97
CA LEU B 459 -4.58 -44.70 -18.06
C LEU B 459 -5.90 -44.22 -17.46
N TRP B 460 -5.81 -43.62 -16.26
CA TRP B 460 -6.99 -43.03 -15.64
C TRP B 460 -7.60 -42.04 -16.61
N THR B 461 -6.95 -40.92 -16.93
CA THR B 461 -7.68 -39.90 -17.69
C THR B 461 -8.33 -40.52 -18.92
N GLY B 462 -7.62 -41.45 -19.56
CA GLY B 462 -8.16 -42.23 -20.65
C GLY B 462 -9.49 -42.89 -20.35
N LEU B 463 -9.54 -43.75 -19.33
CA LEU B 463 -10.77 -44.53 -19.06
C LEU B 463 -11.78 -43.64 -18.31
N LEU B 464 -11.35 -42.57 -17.64
CA LEU B 464 -12.27 -41.68 -16.95
C LEU B 464 -13.06 -40.85 -17.93
N ALA B 465 -12.56 -40.67 -19.16
CA ALA B 465 -13.42 -40.14 -20.21
C ALA B 465 -14.70 -40.98 -20.35
N ILE B 466 -14.55 -42.27 -20.64
CA ILE B 466 -15.71 -43.16 -20.78
C ILE B 466 -16.43 -43.35 -19.44
N SER B 467 -15.72 -43.16 -18.33
CA SER B 467 -16.35 -43.32 -17.03
C SER B 467 -17.25 -42.13 -16.71
N LEU B 468 -16.84 -40.92 -17.12
CA LEU B 468 -17.74 -39.79 -17.07
C LEU B 468 -18.92 -39.99 -18.01
N PHE B 469 -18.67 -40.61 -19.17
CA PHE B 469 -19.78 -41.04 -20.01
C PHE B 469 -20.78 -41.89 -19.22
N LEU B 470 -20.30 -42.92 -18.54
CA LEU B 470 -21.16 -43.82 -17.79
C LEU B 470 -21.75 -43.20 -16.53
N LEU B 471 -21.13 -42.14 -15.99
CA LEU B 471 -21.65 -41.41 -14.85
C LEU B 471 -22.70 -40.38 -15.21
N LYS B 472 -22.62 -39.78 -16.40
CA LYS B 472 -23.62 -38.82 -16.85
C LYS B 472 -24.76 -39.47 -17.60
N LYS B 473 -24.54 -40.65 -18.18
CA LYS B 473 -25.59 -41.36 -18.89
C LYS B 473 -26.24 -42.39 -17.99
N VAL B 477 -27.76 -46.82 -14.97
CA VAL B 477 -26.54 -47.53 -15.33
C VAL B 477 -25.66 -47.73 -14.10
N GLN B 478 -24.88 -48.80 -14.11
CA GLN B 478 -24.04 -49.18 -12.99
C GLN B 478 -22.56 -49.01 -13.35
N ILE B 479 -21.76 -48.63 -12.35
CA ILE B 479 -20.32 -48.48 -12.52
C ILE B 479 -19.63 -49.23 -11.38
N PRO B 480 -18.80 -50.23 -11.67
CA PRO B 480 -18.08 -50.93 -10.58
C PRO B 480 -16.81 -50.20 -10.21
N VAL B 481 -16.73 -49.77 -8.95
CA VAL B 481 -15.53 -49.06 -8.49
C VAL B 481 -14.31 -49.97 -8.49
N GLY B 482 -14.51 -51.26 -8.20
CA GLY B 482 -13.39 -52.18 -8.16
C GLY B 482 -12.67 -52.29 -9.50
N ILE B 483 -13.42 -52.40 -10.60
CA ILE B 483 -12.79 -52.57 -11.89
C ILE B 483 -11.99 -51.33 -12.28
N ILE B 484 -12.53 -50.14 -12.00
CA ILE B 484 -11.81 -48.92 -12.39
C ILE B 484 -10.58 -48.73 -11.53
N ILE B 485 -10.66 -49.02 -10.22
CA ILE B 485 -9.48 -48.84 -9.38
C ILE B 485 -8.39 -49.85 -9.75
N ILE B 486 -8.78 -51.10 -10.00
CA ILE B 486 -7.78 -52.11 -10.37
C ILE B 486 -7.34 -51.98 -11.82
N SER B 487 -8.02 -51.18 -12.63
CA SER B 487 -7.54 -50.84 -13.96
C SER B 487 -6.65 -49.61 -13.96
N GLY B 488 -6.84 -48.70 -13.01
CA GLY B 488 -5.95 -47.57 -12.87
C GLY B 488 -4.69 -47.86 -12.09
N TRP B 489 -4.71 -48.88 -11.25
CA TRP B 489 -3.51 -49.32 -10.53
C TRP B 489 -2.95 -50.65 -11.01
N GLY B 490 -3.82 -51.58 -11.42
CA GLY B 490 -3.36 -52.87 -11.86
C GLY B 490 -2.85 -52.91 -13.29
N ILE B 491 -3.64 -52.37 -14.23
CA ILE B 491 -3.22 -52.37 -15.63
C ILE B 491 -1.90 -51.63 -15.83
N PRO B 492 -1.69 -50.41 -15.32
CA PRO B 492 -0.36 -49.80 -15.44
C PRO B 492 0.72 -50.67 -14.83
N ALA B 493 0.42 -51.35 -13.72
CA ALA B 493 1.35 -52.34 -13.19
C ALA B 493 1.53 -53.50 -14.17
N LEU B 494 0.50 -53.84 -14.95
CA LEU B 494 0.65 -54.89 -15.95
C LEU B 494 1.65 -54.49 -17.04
N LEU B 495 1.51 -53.27 -17.57
CA LEU B 495 2.51 -52.81 -18.53
C LEU B 495 3.88 -52.69 -17.90
N VAL B 496 3.96 -52.24 -16.64
CA VAL B 496 5.24 -52.15 -15.97
C VAL B 496 5.90 -53.53 -15.88
N GLY B 497 5.12 -54.55 -15.51
CA GLY B 497 5.67 -55.88 -15.41
C GLY B 497 6.11 -56.44 -16.76
N VAL B 498 5.22 -56.38 -17.75
CA VAL B 498 5.59 -56.90 -19.07
C VAL B 498 6.73 -56.08 -19.68
N LEU B 499 6.96 -54.90 -19.12
CA LEU B 499 8.08 -54.03 -19.57
C LEU B 499 9.36 -54.51 -18.91
N LEU B 500 9.34 -54.80 -17.61
CA LEU B 500 10.58 -55.15 -16.91
C LEU B 500 10.96 -56.61 -17.12
N ILE B 501 10.04 -57.44 -17.63
CA ILE B 501 10.48 -58.75 -18.14
C ILE B 501 11.43 -58.59 -19.31
N THR B 502 11.09 -57.71 -20.26
CA THR B 502 11.87 -57.52 -21.48
C THR B 502 12.21 -56.04 -21.63
N GLY B 503 13.38 -55.64 -21.10
CA GLY B 503 13.85 -54.28 -21.22
C GLY B 503 15.35 -54.20 -21.03
N LYS B 504 15.88 -53.00 -21.24
CA LYS B 504 17.32 -52.74 -21.12
C LYS B 504 17.53 -51.49 -20.24
N HIS B 505 17.61 -51.70 -18.93
CA HIS B 505 17.96 -50.65 -18.00
C HIS B 505 19.45 -50.61 -17.69
N ASN B 506 20.23 -51.49 -18.33
CA ASN B 506 21.64 -51.69 -18.02
C ASN B 506 22.42 -50.39 -18.02
N GLY B 507 22.22 -49.56 -19.05
CA GLY B 507 22.87 -48.28 -19.10
C GLY B 507 22.23 -47.26 -18.16
N ASP B 508 23.06 -46.43 -17.55
CA ASP B 508 22.61 -45.37 -16.68
C ASP B 508 22.17 -44.18 -17.51
N SER B 509 20.91 -43.79 -17.39
CA SER B 509 20.35 -42.69 -18.14
C SER B 509 19.66 -41.74 -17.17
N ILE B 510 20.08 -40.47 -17.18
CA ILE B 510 19.48 -39.48 -16.30
C ILE B 510 18.01 -39.28 -16.65
N ASP B 511 17.67 -39.25 -17.94
CA ASP B 511 16.28 -39.21 -18.36
C ASP B 511 15.63 -40.56 -18.06
N SER B 512 14.35 -40.52 -17.68
CA SER B 512 13.67 -41.75 -17.27
C SER B 512 12.92 -42.40 -18.42
N ALA B 513 12.52 -41.61 -19.42
CA ALA B 513 11.75 -42.15 -20.53
C ALA B 513 12.56 -43.17 -21.34
N PHE B 514 13.87 -42.99 -21.42
CA PHE B 514 14.74 -43.89 -22.17
C PHE B 514 15.72 -44.64 -21.27
N PHE B 515 15.49 -44.66 -19.96
CA PHE B 515 16.36 -45.40 -19.06
C PHE B 515 16.26 -46.90 -19.31
N TYR B 516 15.05 -47.39 -19.56
CA TYR B 516 14.81 -48.82 -19.73
C TYR B 516 14.69 -49.21 -21.20
N GLY B 517 15.10 -48.34 -22.12
CA GLY B 517 15.18 -48.70 -23.52
C GLY B 517 13.92 -48.43 -24.30
N LYS B 518 13.96 -48.80 -25.57
CA LYS B 518 12.82 -48.61 -26.46
C LYS B 518 11.65 -49.48 -26.02
N GLU B 519 11.91 -50.62 -25.38
CA GLU B 519 10.83 -51.47 -24.89
C GLU B 519 9.99 -50.72 -23.86
N GLN B 520 10.65 -49.96 -22.99
CA GLN B 520 9.93 -49.05 -22.12
C GLN B 520 9.18 -48.00 -22.92
N MET B 521 9.80 -47.50 -23.99
CA MET B 521 9.25 -46.36 -24.69
C MET B 521 8.06 -46.76 -25.56
N ILE B 522 8.13 -47.94 -26.20
CA ILE B 522 6.97 -48.45 -26.91
C ILE B 522 5.86 -48.81 -25.92
N THR B 523 6.21 -49.34 -24.75
CA THR B 523 5.23 -49.52 -23.70
C THR B 523 4.63 -48.19 -23.28
N THR B 524 5.46 -47.16 -23.19
CA THR B 524 4.94 -45.82 -22.99
C THR B 524 4.04 -45.41 -24.15
N ALA B 525 4.46 -45.68 -25.38
CA ALA B 525 3.64 -45.34 -26.53
C ALA B 525 2.31 -46.09 -26.52
N VAL B 526 2.34 -47.38 -26.17
CA VAL B 526 1.11 -48.16 -26.13
C VAL B 526 0.14 -47.61 -25.09
N THR B 527 0.66 -47.24 -23.92
CA THR B 527 -0.20 -46.61 -22.92
C THR B 527 -0.77 -45.29 -23.45
N LEU B 528 0.07 -44.51 -24.12
CA LEU B 528 -0.43 -43.31 -24.79
C LEU B 528 -1.31 -43.67 -25.98
N PHE B 529 -1.09 -44.85 -26.57
CA PHE B 529 -1.89 -45.28 -27.71
C PHE B 529 -3.32 -45.57 -27.29
N CYS B 530 -3.48 -46.54 -26.37
CA CYS B 530 -4.82 -46.99 -25.98
C CYS B 530 -5.62 -45.87 -25.33
N SER B 531 -4.95 -45.04 -24.51
CA SER B 531 -5.64 -44.04 -23.72
C SER B 531 -6.37 -43.02 -24.60
N ILE B 532 -5.73 -42.61 -25.70
CA ILE B 532 -6.25 -41.48 -26.47
C ILE B 532 -7.55 -41.85 -27.19
N LEU B 533 -7.61 -43.03 -27.80
CA LEU B 533 -8.85 -43.42 -28.48
C LEU B 533 -9.91 -43.86 -27.49
N ILE B 534 -9.51 -44.48 -26.38
CA ILE B 534 -10.47 -44.75 -25.31
C ILE B 534 -11.12 -43.46 -24.86
N ALA B 535 -10.31 -42.40 -24.70
CA ALA B 535 -10.86 -41.07 -24.54
C ALA B 535 -11.47 -40.55 -25.83
N GLY B 536 -10.87 -40.87 -26.98
CA GLY B 536 -11.41 -40.40 -28.24
C GLY B 536 -12.78 -40.98 -28.57
N ILE B 537 -12.93 -42.29 -28.38
CA ILE B 537 -14.25 -42.90 -28.60
C ILE B 537 -15.22 -42.44 -27.52
N SER B 538 -14.72 -42.06 -26.35
CA SER B 538 -15.59 -41.54 -25.30
C SER B 538 -16.24 -40.23 -25.72
N LEU B 539 -15.47 -39.36 -26.36
CA LEU B 539 -16.02 -38.07 -26.80
C LEU B 539 -17.21 -38.29 -27.72
N MET B 540 -17.20 -39.37 -28.49
CA MET B 540 -18.37 -39.74 -29.29
C MET B 540 -19.55 -40.09 -28.39
N CYS B 541 -19.31 -40.29 -27.09
CA CYS B 541 -20.38 -40.57 -26.14
C CYS B 541 -20.66 -39.41 -25.17
N MET B 542 -19.76 -38.43 -25.09
CA MET B 542 -20.07 -37.17 -24.41
C MET B 542 -21.03 -36.32 -25.23
N ASN B 543 -20.58 -35.87 -26.39
CA ASN B 543 -21.32 -34.87 -27.14
C ASN B 543 -22.24 -35.50 -28.18
N GLN B 544 -21.94 -36.72 -28.60
CA GLN B 544 -22.75 -37.39 -29.61
C GLN B 544 -23.30 -38.71 -29.10
N LEU B 655 -19.88 -31.48 -12.23
CA LEU B 655 -19.64 -32.38 -13.36
C LEU B 655 -18.87 -31.69 -14.49
N THR B 656 -19.33 -30.51 -14.91
CA THR B 656 -18.66 -29.79 -15.99
C THR B 656 -17.21 -29.52 -15.64
N ARG B 657 -16.91 -29.34 -14.36
CA ARG B 657 -15.53 -29.21 -13.92
C ARG B 657 -14.73 -30.46 -14.26
N HIS B 658 -15.28 -31.64 -13.97
CA HIS B 658 -14.61 -32.88 -14.34
C HIS B 658 -14.42 -32.99 -15.85
N VAL B 659 -15.43 -32.57 -16.61
CA VAL B 659 -15.28 -32.56 -18.07
C VAL B 659 -14.10 -31.69 -18.48
N LEU B 660 -13.95 -30.53 -17.83
CA LEU B 660 -12.85 -29.64 -18.19
C LEU B 660 -11.50 -30.27 -17.86
N LEU B 661 -11.45 -30.93 -16.70
CA LEU B 661 -10.25 -31.68 -16.31
C LEU B 661 -9.94 -32.62 -17.46
N CYS B 662 -10.87 -33.51 -17.79
CA CYS B 662 -10.63 -34.59 -18.75
C CYS B 662 -10.21 -34.04 -20.09
N LEU B 663 -10.86 -32.97 -20.55
CA LEU B 663 -10.53 -32.36 -21.83
C LEU B 663 -9.09 -31.87 -21.86
N LEU B 664 -8.68 -31.11 -20.85
CA LEU B 664 -7.35 -30.52 -20.87
C LEU B 664 -6.27 -31.60 -20.74
N LEU B 665 -6.49 -32.58 -19.86
CA LEU B 665 -5.50 -33.65 -19.74
C LEU B 665 -5.48 -34.54 -20.97
N ILE B 666 -6.61 -34.64 -21.69
CA ILE B 666 -6.61 -35.39 -22.96
C ILE B 666 -5.77 -34.65 -23.99
N ILE B 667 -5.88 -33.31 -24.02
CA ILE B 667 -5.04 -32.54 -24.94
C ILE B 667 -3.56 -32.73 -24.60
N GLY B 668 -3.23 -32.70 -23.30
CA GLY B 668 -1.85 -32.94 -22.91
C GLY B 668 -1.37 -34.34 -23.26
N LEU B 669 -2.24 -35.34 -23.10
CA LEU B 669 -1.89 -36.70 -23.49
C LEU B 669 -1.69 -36.79 -25.00
N PHE B 670 -2.46 -36.01 -25.77
CA PHE B 670 -2.23 -35.94 -27.21
C PHE B 670 -0.85 -35.38 -27.52
N ALA B 671 -0.46 -34.34 -26.78
CA ALA B 671 0.88 -33.78 -26.97
C ALA B 671 1.97 -34.81 -26.66
N ASN B 672 1.79 -35.55 -25.55
CA ASN B 672 2.75 -36.59 -25.20
C ASN B 672 2.80 -37.68 -26.25
N LEU B 673 1.63 -38.08 -26.77
CA LEU B 673 1.57 -39.09 -27.81
C LEU B 673 2.30 -38.63 -29.06
N SER B 674 2.13 -37.34 -29.41
CA SER B 674 2.84 -36.80 -30.56
C SER B 674 4.35 -36.86 -30.34
N SER B 675 4.82 -36.48 -29.15
CA SER B 675 6.26 -36.52 -28.89
C SER B 675 6.80 -37.95 -28.96
N CYS B 676 6.07 -38.90 -28.38
CA CYS B 676 6.51 -40.28 -28.38
C CYS B 676 6.49 -40.86 -29.79
N LEU B 677 5.47 -40.52 -30.57
CA LEU B 677 5.40 -40.94 -31.96
C LEU B 677 6.60 -40.41 -32.74
N TRP B 678 6.93 -39.14 -32.49
CA TRP B 678 8.04 -38.48 -33.15
C TRP B 678 9.33 -39.21 -32.86
N TRP B 679 9.56 -39.57 -31.60
CA TRP B 679 10.79 -40.30 -31.28
C TRP B 679 10.80 -41.67 -31.93
N LEU B 680 9.67 -42.38 -31.87
CA LEU B 680 9.64 -43.78 -32.26
C LEU B 680 9.80 -44.00 -33.76
N PHE B 681 9.31 -43.08 -34.60
CA PHE B 681 9.58 -43.30 -36.02
C PHE B 681 10.66 -42.38 -36.57
N ASN B 682 10.62 -41.07 -36.28
CA ASN B 682 11.59 -40.17 -36.91
C ASN B 682 13.01 -40.46 -36.42
N GLN B 683 13.19 -40.59 -35.11
CA GLN B 683 14.50 -40.86 -34.52
C GLN B 683 15.55 -39.85 -34.93
N GLU B 684 15.17 -38.58 -34.99
CA GLU B 684 16.10 -37.49 -35.31
C GLU B 684 15.85 -36.35 -34.33
N PRO B 685 16.81 -36.00 -33.47
CA PRO B 685 16.60 -34.87 -32.56
C PRO B 685 16.40 -33.56 -33.30
N GLY B 686 17.38 -33.18 -34.11
CA GLY B 686 17.29 -32.00 -34.95
C GLY B 686 16.97 -30.72 -34.21
N ARG B 687 17.44 -30.62 -32.96
CA ARG B 687 17.14 -29.49 -32.08
C ARG B 687 15.64 -29.36 -31.80
N LEU B 688 14.87 -30.39 -32.16
CA LEU B 688 13.43 -30.40 -31.90
C LEU B 688 13.01 -31.40 -30.84
N TYR B 689 13.57 -32.62 -30.87
CA TYR B 689 13.25 -33.62 -29.86
C TYR B 689 13.44 -33.08 -28.45
N VAL B 690 14.46 -32.23 -28.27
CA VAL B 690 14.68 -31.61 -26.97
C VAL B 690 13.51 -30.70 -26.61
N GLU B 691 12.87 -30.08 -27.62
CA GLU B 691 11.71 -29.24 -27.34
C GLU B 691 10.50 -30.07 -26.94
N LEU B 692 10.19 -31.13 -27.71
CA LEU B 692 9.07 -31.99 -27.34
C LEU B 692 9.33 -32.73 -26.04
N GLN B 693 10.57 -33.21 -25.83
CA GLN B 693 10.86 -33.93 -24.59
C GLN B 693 10.71 -33.01 -23.39
N PHE B 694 11.18 -31.76 -23.51
CA PHE B 694 10.96 -30.78 -22.45
C PHE B 694 9.49 -30.47 -22.25
N PHE B 695 8.71 -30.43 -23.34
CA PHE B 695 7.28 -30.17 -23.21
C PHE B 695 6.58 -31.29 -22.44
N CYS B 696 6.90 -32.55 -22.75
CA CYS B 696 6.23 -33.64 -22.03
C CYS B 696 6.77 -33.77 -20.62
N ALA B 697 8.02 -33.34 -20.39
CA ALA B 697 8.53 -33.27 -19.02
C ALA B 697 7.76 -32.23 -18.22
N VAL B 698 7.47 -31.09 -18.84
CA VAL B 698 6.67 -30.06 -18.17
C VAL B 698 5.27 -30.57 -17.89
N PHE B 699 4.65 -31.26 -18.86
CA PHE B 699 3.27 -31.71 -18.70
C PHE B 699 3.18 -32.85 -17.68
N ASN B 700 3.85 -33.97 -17.96
CA ASN B 700 3.72 -35.21 -17.20
C ASN B 700 3.96 -35.01 -15.70
N PHE B 701 4.83 -34.07 -15.35
CA PHE B 701 5.08 -33.71 -13.97
C PHE B 701 4.38 -32.41 -13.57
N GLY B 702 3.50 -31.89 -14.42
CA GLY B 702 2.90 -30.60 -14.15
C GLY B 702 1.44 -30.45 -14.48
N GLN B 703 0.70 -31.55 -14.66
CA GLN B 703 -0.75 -31.47 -14.77
C GLN B 703 -1.41 -31.23 -13.42
N GLY B 704 -0.72 -31.55 -12.33
CA GLY B 704 -1.29 -31.31 -11.02
C GLY B 704 -1.51 -29.84 -10.74
N PHE B 705 -0.75 -28.98 -11.42
CA PHE B 705 -1.02 -27.55 -11.36
C PHE B 705 -2.43 -27.26 -11.86
N ILE B 706 -2.79 -27.82 -13.02
CA ILE B 706 -4.14 -27.70 -13.52
C ILE B 706 -5.13 -28.29 -12.52
N SER B 707 -4.79 -29.45 -11.96
CA SER B 707 -5.73 -30.14 -11.08
C SER B 707 -6.08 -29.30 -9.86
N PHE B 708 -5.07 -28.67 -9.24
CA PHE B 708 -5.38 -27.89 -8.04
C PHE B 708 -6.07 -26.60 -8.44
N GLY B 709 -5.61 -25.99 -9.55
CA GLY B 709 -6.22 -24.75 -9.98
C GLY B 709 -7.68 -24.89 -10.33
N ILE B 710 -8.11 -26.10 -10.66
CA ILE B 710 -9.52 -26.34 -10.96
C ILE B 710 -10.27 -26.72 -9.68
N PHE B 711 -9.71 -27.67 -8.92
CA PHE B 711 -10.43 -28.18 -7.75
C PHE B 711 -10.02 -27.49 -6.46
N GLY B 712 -8.73 -27.16 -6.31
CA GLY B 712 -8.23 -26.70 -5.03
C GLY B 712 -8.89 -25.44 -4.52
N LEU B 713 -9.48 -24.65 -5.41
CA LEU B 713 -10.12 -23.39 -5.05
C LEU B 713 -11.58 -23.45 -5.53
N ASP B 714 -12.47 -23.87 -4.65
CA ASP B 714 -13.89 -23.97 -4.93
C ASP B 714 -14.67 -23.15 -3.90
N LYS B 715 -15.82 -22.65 -4.34
CA LYS B 715 -16.73 -21.92 -3.47
C LYS B 715 -17.38 -22.80 -2.42
N HIS B 716 -17.26 -24.13 -2.56
CA HIS B 716 -17.85 -25.04 -1.57
C HIS B 716 -17.02 -25.11 -0.29
N LEU B 717 -15.81 -24.57 -0.31
CA LEU B 717 -14.94 -24.56 0.85
C LEU B 717 -14.69 -23.14 1.33
N GLU B 746 -19.63 -3.75 18.92
CA GLU B 746 -19.05 -4.08 17.62
C GLU B 746 -20.14 -4.53 16.67
N ILE B 747 -20.98 -5.45 17.14
CA ILE B 747 -22.09 -5.97 16.34
C ILE B 747 -23.44 -5.42 16.78
N LYS B 748 -23.55 -4.93 18.02
CA LYS B 748 -24.85 -4.53 18.55
C LYS B 748 -25.44 -3.35 17.77
N MET B 749 -24.60 -2.41 17.35
CA MET B 749 -25.10 -1.19 16.72
C MET B 749 -25.81 -1.49 15.40
N THR B 750 -25.16 -2.28 14.52
CA THR B 750 -25.74 -2.51 13.20
C THR B 750 -27.04 -3.29 13.29
N CYS B 751 -27.12 -4.23 14.24
CA CYS B 751 -28.39 -4.92 14.48
C CYS B 751 -29.45 -3.95 14.97
N GLN B 752 -29.07 -2.97 15.81
CA GLN B 752 -30.00 -1.93 16.22
C GLN B 752 -30.45 -1.12 15.03
N GLN B 753 -29.52 -0.76 14.14
CA GLN B 753 -29.90 -0.01 12.94
C GLN B 753 -30.79 -0.83 12.02
N PHE B 754 -30.60 -2.15 11.99
CA PHE B 754 -31.36 -2.99 11.08
C PHE B 754 -32.84 -3.03 11.47
N ILE B 755 -33.13 -3.09 12.77
CA ILE B 755 -34.53 -3.19 13.21
C ILE B 755 -35.23 -1.84 13.22
N HIS B 756 -34.48 -0.74 13.13
CA HIS B 756 -35.11 0.58 13.10
C HIS B 756 -35.59 0.95 11.70
N TYR B 757 -34.75 0.79 10.68
CA TYR B 757 -35.04 1.36 9.38
C TYR B 757 -35.15 0.35 8.25
N HIS B 758 -34.76 -0.92 8.46
CA HIS B 758 -34.74 -1.89 7.37
C HIS B 758 -35.53 -3.17 7.63
N ARG B 759 -35.93 -3.45 8.87
CA ARG B 759 -36.72 -4.65 9.12
C ARG B 759 -38.12 -4.53 8.52
N ASP B 760 -38.67 -3.32 8.52
CA ASP B 760 -40.00 -3.08 7.97
C ASP B 760 -39.98 -2.82 6.47
N LEU B 761 -38.81 -2.83 5.85
CA LEU B 761 -38.68 -2.58 4.43
C LEU B 761 -39.02 -3.86 3.64
N CYS B 762 -38.70 -3.87 2.35
CA CYS B 762 -39.09 -4.95 1.45
C CYS B 762 -38.51 -6.30 1.86
N ILE B 763 -37.68 -6.36 2.90
CA ILE B 763 -37.25 -7.66 3.39
C ILE B 763 -38.43 -8.48 3.88
N ARG B 764 -39.47 -7.83 4.40
CA ARG B 764 -40.61 -8.56 4.90
C ARG B 764 -41.38 -9.21 3.77
N ASN B 765 -41.45 -8.54 2.61
CA ASN B 765 -42.04 -9.15 1.43
C ASN B 765 -41.13 -10.22 0.84
N THR B 780 -38.83 -17.75 6.44
CA THR B 780 -37.50 -18.12 5.97
C THR B 780 -37.20 -17.49 4.62
N PHE B 781 -35.96 -17.04 4.47
CA PHE B 781 -35.49 -16.37 3.26
C PHE B 781 -34.35 -17.19 2.65
N CYS B 782 -34.21 -17.12 1.35
CA CYS B 782 -33.00 -17.64 0.73
C CYS B 782 -31.83 -16.72 1.05
N GLY B 783 -30.70 -17.30 1.43
CA GLY B 783 -29.54 -16.49 1.78
C GLY B 783 -29.09 -15.60 0.63
N CYS B 784 -29.10 -16.16 -0.58
CA CYS B 784 -28.80 -15.35 -1.77
C CYS B 784 -29.81 -14.24 -1.95
N ASP B 785 -31.08 -14.49 -1.62
CA ASP B 785 -32.11 -13.47 -1.77
C ASP B 785 -31.87 -12.30 -0.84
N LEU B 786 -31.53 -12.57 0.43
CA LEU B 786 -31.30 -11.48 1.36
C LEU B 786 -29.98 -10.77 1.04
N VAL B 787 -28.96 -11.51 0.59
CA VAL B 787 -27.72 -10.88 0.16
C VAL B 787 -28.00 -9.92 -0.99
N SER B 788 -28.79 -10.36 -1.96
CA SER B 788 -29.16 -9.51 -3.08
C SER B 788 -29.96 -8.29 -2.62
N TRP B 789 -30.89 -8.48 -1.69
CA TRP B 789 -31.69 -7.35 -1.21
C TRP B 789 -30.79 -6.32 -0.54
N LEU B 790 -29.83 -6.79 0.26
CA LEU B 790 -28.88 -5.90 0.92
C LEU B 790 -28.06 -5.14 -0.11
N ILE B 791 -27.65 -5.83 -1.19
CA ILE B 791 -26.90 -5.16 -2.24
C ILE B 791 -27.74 -4.07 -2.92
N GLU B 792 -29.01 -4.37 -3.20
CA GLU B 792 -29.88 -3.39 -3.86
C GLU B 792 -30.11 -2.17 -2.97
N VAL B 793 -30.46 -2.40 -1.70
CA VAL B 793 -30.73 -1.27 -0.81
C VAL B 793 -29.45 -0.46 -0.56
N GLY B 794 -28.33 -1.14 -0.34
CA GLY B 794 -27.07 -0.47 -0.15
C GLY B 794 -26.47 -0.55 1.24
N LEU B 795 -27.06 -1.34 2.15
CA LEU B 795 -26.47 -1.51 3.47
C LEU B 795 -25.09 -2.14 3.38
N ALA B 796 -24.86 -2.99 2.39
CA ALA B 796 -23.57 -3.58 2.12
C ALA B 796 -23.00 -3.00 0.82
N SER B 797 -21.84 -3.50 0.41
CA SER B 797 -21.18 -3.04 -0.80
C SER B 797 -21.16 -4.07 -1.91
N ASP B 798 -20.79 -5.32 -1.61
CA ASP B 798 -20.73 -6.38 -2.61
C ASP B 798 -21.16 -7.69 -1.96
N ARG B 799 -20.94 -8.79 -2.66
CA ARG B 799 -21.34 -10.10 -2.14
C ARG B 799 -20.58 -10.45 -0.86
N GLY B 800 -19.27 -10.17 -0.84
CA GLY B 800 -18.49 -10.44 0.36
C GLY B 800 -18.95 -9.61 1.55
N GLU B 801 -19.16 -8.32 1.32
CA GLU B 801 -19.67 -7.46 2.39
C GLU B 801 -21.06 -7.90 2.82
N ALA B 802 -21.90 -8.31 1.87
CA ALA B 802 -23.25 -8.77 2.21
C ALA B 802 -23.22 -10.01 3.07
N VAL B 803 -22.37 -11.00 2.72
CA VAL B 803 -22.32 -12.21 3.52
C VAL B 803 -21.67 -11.94 4.88
N ILE B 804 -20.71 -11.02 4.94
CA ILE B 804 -20.14 -10.62 6.22
C ILE B 804 -21.22 -9.99 7.10
N TYR B 805 -22.04 -9.13 6.52
CA TYR B 805 -23.13 -8.51 7.27
C TYR B 805 -24.14 -9.57 7.74
N GLY B 806 -24.43 -10.54 6.89
CA GLY B 806 -25.36 -11.60 7.27
C GLY B 806 -24.83 -12.45 8.42
N ASP B 807 -23.57 -12.85 8.34
CA ASP B 807 -22.96 -13.60 9.44
C ASP B 807 -22.85 -12.75 10.71
N ARG B 808 -22.69 -11.44 10.55
CA ARG B 808 -22.58 -10.57 11.70
C ARG B 808 -23.93 -10.40 12.40
N LEU B 809 -25.01 -10.33 11.61
CA LEU B 809 -26.35 -10.40 12.19
C LEU B 809 -26.59 -11.77 12.83
N VAL B 810 -26.06 -12.83 12.22
CA VAL B 810 -26.18 -14.17 12.82
C VAL B 810 -25.55 -14.18 14.21
N GLN B 811 -24.35 -13.62 14.33
CA GLN B 811 -23.72 -13.46 15.63
C GLN B 811 -24.39 -12.39 16.48
N GLY B 812 -25.22 -11.54 15.87
CA GLY B 812 -26.02 -10.57 16.57
C GLY B 812 -27.38 -11.06 17.00
N GLY B 813 -27.68 -12.34 16.80
CA GLY B 813 -28.95 -12.90 17.23
C GLY B 813 -30.16 -12.39 16.47
N VAL B 814 -30.05 -12.23 15.16
CA VAL B 814 -31.19 -11.82 14.34
C VAL B 814 -31.41 -12.84 13.23
N ILE B 815 -30.38 -13.09 12.44
CA ILE B 815 -30.46 -14.06 11.35
C ILE B 815 -30.09 -15.44 11.87
N GLN B 816 -30.87 -16.45 11.48
CA GLN B 816 -30.62 -17.81 11.93
C GLN B 816 -31.22 -18.77 10.91
N HIS B 817 -30.52 -19.86 10.62
CA HIS B 817 -31.05 -20.85 9.70
C HIS B 817 -32.19 -21.61 10.38
N ILE B 818 -33.13 -22.10 9.57
CA ILE B 818 -34.42 -22.60 10.05
C ILE B 818 -34.24 -23.69 11.11
N THR B 819 -33.10 -24.38 11.10
CA THR B 819 -32.85 -25.46 12.03
C THR B 819 -31.61 -25.23 12.90
N ASN B 820 -30.82 -24.21 12.59
CA ASN B 820 -29.52 -23.87 13.18
C ASN B 820 -28.45 -24.87 12.74
N GLU B 821 -28.77 -25.81 11.84
CA GLU B 821 -27.77 -26.78 11.40
C GLU B 821 -26.65 -26.12 10.61
N TYR B 822 -26.95 -25.07 9.85
CA TYR B 822 -25.99 -24.42 8.97
C TYR B 822 -25.68 -23.02 9.45
N GLU B 823 -24.66 -22.43 8.84
CA GLU B 823 -24.24 -21.06 9.10
C GLU B 823 -24.46 -20.24 7.84
N PHE B 824 -24.63 -18.92 8.01
CA PHE B 824 -24.98 -18.04 6.91
C PHE B 824 -24.03 -18.16 5.73
N ARG B 825 -24.59 -18.31 4.55
CA ARG B 825 -23.83 -18.46 3.31
C ARG B 825 -24.67 -17.98 2.14
N ASP B 826 -24.01 -17.78 1.00
CA ASP B 826 -24.67 -17.27 -0.20
C ASP B 826 -25.10 -18.46 -1.05
N GLU B 827 -26.26 -19.02 -0.71
CA GLU B 827 -26.79 -20.17 -1.44
C GLU B 827 -28.29 -20.25 -1.18
N TYR B 828 -28.95 -21.14 -1.94
CA TYR B 828 -30.40 -21.30 -1.88
C TYR B 828 -30.78 -22.11 -0.63
N LEU B 829 -30.59 -21.49 0.53
CA LEU B 829 -30.90 -22.11 1.81
C LEU B 829 -31.88 -21.22 2.57
N PHE B 830 -32.90 -21.84 3.16
CA PHE B 830 -33.95 -21.10 3.85
C PHE B 830 -33.56 -20.86 5.30
N TYR B 831 -33.42 -19.59 5.68
CA TYR B 831 -32.97 -19.20 7.02
C TYR B 831 -34.06 -18.36 7.66
N ARG B 832 -34.30 -18.59 8.95
CA ARG B 832 -35.35 -17.88 9.69
C ARG B 832 -34.90 -16.48 10.08
N PHE B 833 -35.84 -15.67 10.57
CA PHE B 833 -35.54 -14.32 11.04
C PHE B 833 -35.52 -14.18 12.55
N LEU B 834 -35.70 -15.27 13.31
CA LEU B 834 -35.79 -15.24 14.78
C LEU B 834 -36.95 -14.32 15.14
N GLN B 835 -36.73 -13.26 15.91
CA GLN B 835 -37.82 -12.35 16.29
C GLN B 835 -37.88 -11.16 15.34
#